data_1QMI
#
_entry.id   1QMI
#
_cell.length_a   101.800
_cell.length_b   126.600
_cell.length_c   128.800
_cell.angle_alpha   90.00
_cell.angle_beta   90.00
_cell.angle_gamma   90.00
#
_symmetry.space_group_name_H-M   'P 21 21 21'
#
_entity_poly.entity_id   1
_entity_poly.type   'polypeptide(L)'
_entity_poly.pdbx_seq_one_letter_code
;(MSE)VKR(MSE)IALDGAQGEGGGQILRSALSLS(MSE)ITGQPFTITSIRAGRAKPGLLRQHLTAVKAATEICGATVE
GAELGSQRLLFRPGTVRGGDYRFAIGSAGSCTLVLQTVLPALWFADGPSRVEVSGGTDNPSAPPADFIRRVLEPLLAKIG
IHQQTTLLRHGFYPAGGGVVATEVSPVASFNTLQLGERGNIVQ(MSE)RGEVLLAGVPRHVAEREIATLAGSFSLHEQNI
HNLPRDQGPGNTVSLEVESENITERFFVVGEKRVSAEVVAAQLVKEVKRYLASTAAVGEYLADQLVLP(MSE)ALAGAGE
FTVAHPSCHLLTNIAVVERFLPVRFSLIETDGVTRVSIEGSHHHHHH
;
_entity_poly.pdbx_strand_id   A,B,C,D
#
# COMPACT_ATOMS: atom_id res chain seq x y z
N MSE A 5 -12.95 9.08 -6.41
CA MSE A 5 -13.36 8.18 -7.52
C MSE A 5 -12.21 7.92 -8.47
O MSE A 5 -11.56 8.85 -8.94
CB MSE A 5 -14.50 8.80 -8.34
CG MSE A 5 -14.83 7.91 -9.52
SE MSE A 5 -15.03 8.80 -11.21
CE MSE A 5 -16.83 8.32 -11.52
N ILE A 6 -12.03 6.64 -8.82
CA ILE A 6 -10.94 6.22 -9.69
C ILE A 6 -10.85 6.81 -11.11
N ALA A 7 -9.69 7.38 -11.42
CA ALA A 7 -9.47 7.94 -12.74
C ALA A 7 -8.33 7.18 -13.43
N LEU A 8 -8.62 6.70 -14.62
CA LEU A 8 -7.67 5.92 -15.42
C LEU A 8 -7.35 6.71 -16.67
N ASP A 9 -6.12 6.58 -17.14
CA ASP A 9 -5.64 7.27 -18.34
C ASP A 9 -5.70 6.31 -19.53
N GLY A 10 -6.56 6.62 -20.50
CA GLY A 10 -6.70 5.77 -21.67
C GLY A 10 -5.48 5.56 -22.58
N ALA A 11 -4.54 6.47 -22.58
CA ALA A 11 -3.36 6.31 -23.43
C ALA A 11 -2.27 5.53 -22.68
N GLN A 12 -2.51 5.23 -21.40
CA GLN A 12 -1.58 4.51 -20.54
C GLN A 12 -1.28 3.08 -21.05
N GLY A 13 -0.04 2.66 -20.85
CA GLY A 13 0.39 1.32 -21.26
C GLY A 13 0.27 1.06 -22.76
N GLU A 14 -0.30 -0.08 -23.12
CA GLU A 14 -0.47 -0.38 -24.53
C GLU A 14 -1.37 0.65 -25.22
N GLY A 15 -2.17 1.35 -24.43
CA GLY A 15 -3.04 2.37 -24.98
C GLY A 15 -4.49 1.97 -25.11
N GLY A 16 -5.24 2.09 -24.02
CA GLY A 16 -6.67 1.80 -24.02
C GLY A 16 -7.14 0.47 -24.60
N GLY A 17 -8.45 0.23 -24.52
CA GLY A 17 -9.02 -1.00 -25.02
C GLY A 17 -9.14 -2.01 -23.88
N GLN A 18 -8.00 -2.60 -23.54
CA GLN A 18 -7.94 -3.59 -22.48
C GLN A 18 -8.14 -2.89 -21.14
N ILE A 19 -7.63 -1.66 -21.08
CA ILE A 19 -7.74 -0.83 -19.91
C ILE A 19 -9.23 -0.67 -19.59
N LEU A 20 -10.03 -0.43 -20.64
CA LEU A 20 -11.47 -0.23 -20.51
C LEU A 20 -12.10 -1.51 -19.99
N ARG A 21 -11.75 -2.64 -20.59
CA ARG A 21 -12.37 -3.86 -20.13
C ARG A 21 -11.92 -4.30 -18.77
N SER A 22 -10.65 -4.15 -18.42
CA SER A 22 -10.23 -4.55 -17.07
C SER A 22 -10.87 -3.62 -16.04
N ALA A 23 -11.12 -2.38 -16.46
CA ALA A 23 -11.71 -1.44 -15.56
C ALA A 23 -13.13 -1.88 -15.32
N LEU A 24 -13.88 -2.12 -16.39
CA LEU A 24 -15.29 -2.53 -16.26
C LEU A 24 -15.48 -3.64 -15.22
N SER A 25 -14.83 -4.76 -15.45
CA SER A 25 -14.92 -5.92 -14.56
C SER A 25 -14.57 -5.55 -13.12
N LEU A 26 -13.47 -4.87 -12.95
CA LEU A 26 -13.02 -4.49 -11.65
C LEU A 26 -14.07 -3.54 -11.00
N SER A 27 -14.44 -2.52 -11.73
CA SER A 27 -15.38 -1.51 -11.26
C SER A 27 -16.68 -2.16 -10.84
N MSE A 28 -16.98 -3.33 -11.39
CA MSE A 28 -18.21 -3.98 -11.02
C MSE A 28 -17.91 -4.96 -9.88
O MSE A 28 -18.76 -5.18 -9.01
CB MSE A 28 -18.81 -4.73 -12.22
CG MSE A 28 -19.32 -3.91 -13.43
SE MSE A 28 -19.94 -5.19 -14.86
CE MSE A 28 -18.52 -4.87 -15.98
N ILE A 29 -16.80 -5.66 -9.99
CA ILE A 29 -16.41 -6.63 -8.99
C ILE A 29 -16.47 -5.85 -7.69
N THR A 30 -15.70 -4.75 -7.68
CA THR A 30 -15.53 -3.84 -6.54
C THR A 30 -16.69 -2.84 -6.22
N GLY A 31 -17.21 -2.19 -7.24
CA GLY A 31 -18.27 -1.22 -7.05
C GLY A 31 -17.72 0.18 -7.30
N GLN A 32 -16.40 0.32 -7.22
CA GLN A 32 -15.76 1.61 -7.43
C GLN A 32 -15.99 2.10 -8.84
N PRO A 33 -16.58 3.28 -8.99
CA PRO A 33 -16.84 3.81 -10.32
C PRO A 33 -15.53 4.31 -10.75
N PHE A 34 -15.44 4.69 -12.02
CA PHE A 34 -14.15 5.13 -12.55
C PHE A 34 -14.39 5.97 -13.76
N THR A 35 -13.30 6.51 -14.26
CA THR A 35 -13.32 7.36 -15.42
C THR A 35 -12.05 7.20 -16.24
N ILE A 36 -12.25 6.71 -17.46
CA ILE A 36 -11.19 6.53 -18.44
C ILE A 36 -11.21 7.86 -19.16
N THR A 37 -10.05 8.45 -19.39
CA THR A 37 -10.01 9.79 -19.99
C THR A 37 -9.59 9.96 -21.42
N SER A 38 -8.77 9.06 -21.93
CA SER A 38 -8.32 9.21 -23.34
C SER A 38 -8.40 7.86 -24.06
N ILE A 39 -9.61 7.31 -24.03
CA ILE A 39 -9.87 5.97 -24.56
C ILE A 39 -8.91 5.39 -25.54
N ARG A 40 -9.01 5.75 -26.80
CA ARG A 40 -8.05 5.19 -27.73
C ARG A 40 -7.36 6.33 -28.44
N ALA A 41 -6.86 7.25 -27.61
CA ALA A 41 -6.21 8.48 -28.04
C ALA A 41 -5.58 8.47 -29.43
N GLY A 42 -4.55 7.65 -29.58
CA GLY A 42 -3.87 7.59 -30.84
C GLY A 42 -4.34 6.54 -31.81
N ARG A 43 -5.10 5.53 -31.38
CA ARG A 43 -5.52 4.47 -32.32
C ARG A 43 -6.18 5.07 -33.57
N ALA A 44 -6.24 4.29 -34.63
CA ALA A 44 -6.82 4.78 -35.88
C ALA A 44 -8.18 5.37 -35.54
N LYS A 45 -9.01 4.55 -34.91
CA LYS A 45 -10.34 4.96 -34.47
C LYS A 45 -10.19 5.41 -33.03
N PRO A 46 -10.09 6.73 -32.84
CA PRO A 46 -9.90 7.61 -31.68
C PRO A 46 -10.49 7.21 -30.32
N GLY A 47 -11.66 6.56 -30.29
CA GLY A 47 -12.20 6.20 -28.99
C GLY A 47 -13.14 5.01 -28.99
N LEU A 48 -14.23 5.12 -28.22
CA LEU A 48 -15.22 4.05 -28.11
C LEU A 48 -15.68 3.59 -29.46
N LEU A 49 -15.71 2.29 -29.68
CA LEU A 49 -16.18 1.80 -30.96
C LEU A 49 -17.23 0.80 -30.65
N ARG A 50 -18.07 0.54 -31.64
CA ARG A 50 -19.17 -0.40 -31.49
C ARG A 50 -18.94 -1.59 -30.54
N GLN A 51 -17.79 -2.25 -30.61
CA GLN A 51 -17.51 -3.38 -29.73
C GLN A 51 -17.42 -2.93 -28.27
N HIS A 52 -16.70 -1.83 -28.04
CA HIS A 52 -16.53 -1.29 -26.72
C HIS A 52 -17.85 -0.83 -26.16
N LEU A 53 -18.69 -0.28 -27.04
CA LEU A 53 -20.01 0.17 -26.64
C LEU A 53 -20.80 -1.05 -26.23
N THR A 54 -20.63 -2.14 -26.95
CA THR A 54 -21.34 -3.35 -26.61
C THR A 54 -20.75 -3.88 -25.29
N ALA A 55 -19.42 -3.77 -25.12
CA ALA A 55 -18.79 -4.21 -23.88
C ALA A 55 -19.45 -3.39 -22.78
N VAL A 56 -19.56 -2.09 -23.01
CA VAL A 56 -20.16 -1.20 -22.07
C VAL A 56 -21.68 -1.43 -21.82
N LYS A 57 -22.48 -1.67 -22.85
CA LYS A 57 -23.93 -1.90 -22.66
C LYS A 57 -24.16 -3.19 -21.87
N ALA A 58 -23.34 -4.21 -22.14
CA ALA A 58 -23.45 -5.48 -21.45
C ALA A 58 -23.13 -5.26 -19.96
N ALA A 59 -22.07 -4.51 -19.69
CA ALA A 59 -21.62 -4.19 -18.36
C ALA A 59 -22.71 -3.33 -17.72
N THR A 60 -23.13 -2.24 -18.36
CA THR A 60 -24.16 -1.39 -17.77
C THR A 60 -25.52 -2.04 -17.81
N GLU A 61 -25.61 -3.36 -17.63
CA GLU A 61 -26.89 -4.08 -17.71
C GLU A 61 -26.88 -5.23 -16.71
N ILE A 62 -25.71 -5.88 -16.62
CA ILE A 62 -25.43 -6.97 -15.70
C ILE A 62 -25.42 -6.24 -14.35
N CYS A 63 -25.08 -4.96 -14.32
CA CYS A 63 -25.02 -4.24 -13.04
C CYS A 63 -25.76 -2.90 -12.88
N GLY A 64 -26.80 -2.65 -13.68
CA GLY A 64 -27.57 -1.42 -13.58
C GLY A 64 -26.69 -0.20 -13.35
N ALA A 65 -25.78 0.03 -14.29
CA ALA A 65 -24.82 1.10 -14.16
C ALA A 65 -25.31 2.39 -14.66
N THR A 66 -24.53 3.40 -14.37
CA THR A 66 -24.80 4.74 -14.80
C THR A 66 -23.53 5.11 -15.55
N VAL A 67 -23.69 5.40 -16.83
CA VAL A 67 -22.54 5.74 -17.64
C VAL A 67 -22.61 7.15 -18.25
N GLU A 68 -21.46 7.79 -18.44
CA GLU A 68 -21.45 9.10 -19.02
C GLU A 68 -20.36 9.09 -20.06
N GLY A 69 -20.75 9.04 -21.34
CA GLY A 69 -19.73 9.07 -22.38
C GLY A 69 -19.83 7.94 -23.36
N ALA A 70 -20.81 7.06 -23.18
CA ALA A 70 -20.98 5.88 -24.05
C ALA A 70 -21.43 6.16 -25.47
N GLU A 71 -20.67 7.00 -26.17
CA GLU A 71 -21.00 7.36 -27.53
C GLU A 71 -19.86 6.90 -28.42
N LEU A 72 -20.23 6.50 -29.63
CA LEU A 72 -19.33 5.98 -30.66
C LEU A 72 -18.00 6.66 -30.91
N GLY A 73 -17.77 7.85 -30.39
CA GLY A 73 -16.48 8.43 -30.66
C GLY A 73 -15.82 8.88 -29.37
N SER A 74 -16.48 8.58 -28.26
CA SER A 74 -16.01 9.02 -26.99
C SER A 74 -14.63 8.56 -26.58
N GLN A 75 -13.88 9.52 -26.05
CA GLN A 75 -12.55 9.24 -25.54
C GLN A 75 -12.61 9.40 -24.01
N ARG A 76 -13.84 9.59 -23.51
CA ARG A 76 -14.13 9.78 -22.09
C ARG A 76 -15.29 8.89 -21.66
N LEU A 77 -15.14 8.23 -20.51
CA LEU A 77 -16.21 7.39 -20.00
C LEU A 77 -16.34 7.46 -18.46
N LEU A 78 -17.56 7.58 -17.97
CA LEU A 78 -17.75 7.63 -16.54
C LEU A 78 -18.66 6.45 -16.35
N PHE A 79 -18.26 5.53 -15.50
CA PHE A 79 -19.01 4.32 -15.28
C PHE A 79 -19.20 4.13 -13.78
N ARG A 80 -20.48 4.13 -13.32
CA ARG A 80 -20.92 3.93 -11.92
C ARG A 80 -21.76 2.66 -11.85
N PRO A 81 -21.17 1.55 -11.37
CA PRO A 81 -21.87 0.28 -11.27
C PRO A 81 -22.99 0.26 -10.29
N GLY A 82 -23.60 -0.91 -10.14
CA GLY A 82 -24.72 -1.12 -9.26
C GLY A 82 -24.52 -2.56 -8.84
N THR A 83 -25.61 -3.28 -8.71
CA THR A 83 -25.47 -4.63 -8.26
C THR A 83 -25.48 -5.55 -9.43
N VAL A 84 -24.44 -6.36 -9.45
CA VAL A 84 -24.24 -7.34 -10.44
C VAL A 84 -25.33 -8.35 -10.16
N ARG A 85 -26.37 -8.32 -10.99
CA ARG A 85 -27.47 -9.28 -10.89
C ARG A 85 -27.13 -10.55 -11.69
N GLY A 86 -27.60 -11.69 -11.23
CA GLY A 86 -27.31 -12.92 -11.94
C GLY A 86 -28.45 -13.15 -12.88
N GLY A 87 -28.28 -13.98 -13.91
CA GLY A 87 -29.37 -14.24 -14.85
C GLY A 87 -29.01 -14.58 -16.28
N ASP A 88 -30.03 -14.92 -17.08
CA ASP A 88 -29.85 -15.25 -18.50
C ASP A 88 -29.68 -14.02 -19.38
N TYR A 89 -28.45 -13.79 -19.78
CA TYR A 89 -28.10 -12.68 -20.63
C TYR A 89 -27.77 -13.15 -22.02
N ARG A 90 -28.05 -12.27 -22.98
CA ARG A 90 -27.82 -12.51 -24.39
C ARG A 90 -27.38 -11.20 -24.98
N PHE A 91 -26.13 -11.14 -25.43
CA PHE A 91 -25.61 -9.95 -26.10
C PHE A 91 -25.31 -10.30 -27.57
N ALA A 92 -25.30 -9.30 -28.45
CA ALA A 92 -25.10 -9.55 -29.85
C ALA A 92 -24.15 -8.53 -30.39
N ILE A 93 -22.89 -8.92 -30.66
CA ILE A 93 -21.91 -7.97 -31.24
C ILE A 93 -22.09 -8.09 -32.77
N GLY A 94 -21.37 -7.26 -33.53
CA GLY A 94 -21.47 -7.37 -34.98
C GLY A 94 -20.77 -8.57 -35.66
N SER A 95 -19.75 -8.25 -36.44
CA SER A 95 -19.01 -9.27 -37.17
C SER A 95 -17.57 -9.13 -36.76
N ALA A 96 -17.15 -7.88 -36.58
CA ALA A 96 -15.78 -7.56 -36.15
C ALA A 96 -15.73 -7.68 -34.62
N GLY A 97 -16.91 -7.88 -34.02
CA GLY A 97 -16.96 -8.08 -32.57
C GLY A 97 -16.59 -9.49 -32.13
N SER A 98 -15.64 -9.60 -31.20
CA SER A 98 -15.21 -10.90 -30.68
C SER A 98 -16.05 -11.22 -29.46
N CYS A 99 -16.75 -12.33 -29.47
CA CYS A 99 -17.50 -12.68 -28.28
C CYS A 99 -16.47 -12.74 -27.17
N THR A 100 -15.29 -13.33 -27.42
CA THR A 100 -14.29 -13.40 -26.37
C THR A 100 -14.14 -12.15 -25.49
N LEU A 101 -14.07 -10.97 -26.07
CA LEU A 101 -13.87 -9.74 -25.32
C LEU A 101 -15.10 -9.28 -24.52
N VAL A 102 -16.32 -9.56 -25.00
CA VAL A 102 -17.52 -9.19 -24.27
C VAL A 102 -17.50 -10.09 -23.06
N LEU A 103 -17.38 -11.38 -23.31
CA LEU A 103 -17.34 -12.35 -22.26
C LEU A 103 -16.23 -12.10 -21.24
N GLN A 104 -15.05 -11.64 -21.62
CA GLN A 104 -14.06 -11.42 -20.58
C GLN A 104 -14.24 -10.05 -19.90
N THR A 105 -15.32 -9.36 -20.25
CA THR A 105 -15.66 -8.08 -19.63
C THR A 105 -16.67 -8.37 -18.52
N VAL A 106 -17.71 -9.05 -18.95
CA VAL A 106 -18.81 -9.35 -18.13
C VAL A 106 -18.69 -10.56 -17.18
N LEU A 107 -18.13 -11.68 -17.61
CA LEU A 107 -18.01 -12.85 -16.74
C LEU A 107 -17.35 -12.67 -15.36
N PRO A 108 -16.30 -11.84 -15.25
CA PRO A 108 -15.67 -11.67 -13.95
C PRO A 108 -16.62 -11.10 -12.94
N ALA A 109 -17.35 -10.10 -13.36
CA ALA A 109 -18.34 -9.44 -12.53
C ALA A 109 -19.34 -10.51 -12.06
N LEU A 110 -19.82 -11.30 -12.99
CA LEU A 110 -20.80 -12.34 -12.69
C LEU A 110 -20.32 -13.37 -11.68
N TRP A 111 -19.02 -13.37 -11.38
CA TRP A 111 -18.43 -14.33 -10.45
C TRP A 111 -18.88 -13.97 -9.05
N PHE A 112 -19.29 -12.73 -8.96
CA PHE A 112 -19.72 -12.15 -7.72
C PHE A 112 -21.19 -11.76 -7.80
N ALA A 113 -21.94 -12.33 -8.72
CA ALA A 113 -23.33 -11.92 -8.85
C ALA A 113 -24.08 -12.60 -7.75
N ASP A 114 -25.26 -12.08 -7.51
CA ASP A 114 -26.16 -12.62 -6.50
C ASP A 114 -26.61 -14.05 -6.84
N GLY A 115 -26.31 -14.54 -8.04
CA GLY A 115 -26.72 -15.88 -8.40
C GLY A 115 -26.02 -16.33 -9.65
N PRO A 116 -26.28 -17.57 -10.07
CA PRO A 116 -25.73 -18.19 -11.27
C PRO A 116 -26.15 -17.40 -12.50
N SER A 117 -25.39 -17.51 -13.58
CA SER A 117 -25.76 -16.77 -14.77
C SER A 117 -25.40 -17.52 -16.01
N ARG A 118 -25.98 -17.09 -17.11
CA ARG A 118 -25.64 -17.64 -18.38
C ARG A 118 -25.48 -16.42 -19.28
N VAL A 119 -24.39 -16.38 -20.04
CA VAL A 119 -24.18 -15.28 -20.97
C VAL A 119 -24.07 -15.93 -22.32
N GLU A 120 -24.79 -15.40 -23.29
CA GLU A 120 -24.74 -15.94 -24.65
C GLU A 120 -24.38 -14.70 -25.44
N VAL A 121 -23.41 -14.84 -26.32
CA VAL A 121 -23.00 -13.71 -27.12
C VAL A 121 -23.00 -14.25 -28.50
N SER A 122 -23.10 -13.33 -29.47
CA SER A 122 -23.12 -13.59 -30.90
C SER A 122 -22.10 -12.71 -31.57
N GLY A 123 -21.45 -13.27 -32.59
CA GLY A 123 -20.47 -12.55 -33.38
C GLY A 123 -19.31 -13.42 -33.81
N GLY A 124 -18.13 -12.84 -33.77
CA GLY A 124 -16.94 -13.56 -34.13
C GLY A 124 -16.34 -14.43 -33.06
N THR A 125 -16.17 -15.71 -33.40
CA THR A 125 -15.57 -16.68 -32.52
C THR A 125 -14.09 -16.79 -32.86
N ASP A 126 -13.73 -16.82 -34.14
CA ASP A 126 -12.34 -16.95 -34.49
C ASP A 126 -11.84 -15.70 -35.23
N ASN A 127 -11.00 -14.86 -34.62
CA ASN A 127 -10.49 -13.68 -35.34
C ASN A 127 -8.97 -13.86 -35.54
N PRO A 128 -8.46 -13.61 -36.78
CA PRO A 128 -7.03 -13.78 -37.16
C PRO A 128 -6.08 -13.18 -36.18
N SER A 129 -6.37 -11.95 -35.84
CA SER A 129 -5.55 -11.25 -34.89
C SER A 129 -6.38 -11.10 -33.61
N ALA A 130 -6.17 -12.04 -32.69
CA ALA A 130 -6.83 -12.11 -31.38
C ALA A 130 -6.95 -13.58 -31.00
N PRO A 131 -7.38 -13.85 -29.75
CA PRO A 131 -7.58 -15.20 -29.22
C PRO A 131 -9.00 -15.71 -29.49
N PRO A 132 -9.13 -16.98 -29.86
CA PRO A 132 -10.38 -17.65 -30.16
C PRO A 132 -11.13 -18.02 -28.94
N ALA A 133 -12.43 -18.10 -29.09
CA ALA A 133 -13.27 -18.43 -27.97
C ALA A 133 -12.96 -19.79 -27.38
N ASP A 134 -12.12 -20.57 -28.02
CA ASP A 134 -11.83 -21.91 -27.48
C ASP A 134 -10.84 -21.81 -26.35
N PHE A 135 -9.99 -20.81 -26.43
CA PHE A 135 -9.00 -20.65 -25.40
C PHE A 135 -9.74 -20.66 -24.07
N ILE A 136 -10.85 -19.90 -24.01
CA ILE A 136 -11.64 -19.86 -22.78
C ILE A 136 -11.87 -21.27 -22.24
N ARG A 137 -12.62 -22.10 -22.97
CA ARG A 137 -12.95 -23.45 -22.52
C ARG A 137 -11.77 -24.40 -22.37
N ARG A 138 -10.91 -24.53 -23.40
CA ARG A 138 -9.82 -25.50 -23.33
C ARG A 138 -8.56 -25.08 -22.63
N VAL A 139 -8.46 -23.80 -22.27
CA VAL A 139 -7.26 -23.34 -21.59
C VAL A 139 -7.41 -22.66 -20.26
N LEU A 140 -8.19 -21.60 -20.16
CA LEU A 140 -8.22 -20.98 -18.85
C LEU A 140 -9.31 -21.45 -17.97
N GLU A 141 -10.47 -21.77 -18.53
CA GLU A 141 -11.54 -22.29 -17.71
C GLU A 141 -10.91 -23.26 -16.59
N PRO A 142 -9.94 -24.13 -16.93
CA PRO A 142 -9.37 -25.01 -15.87
C PRO A 142 -8.49 -24.37 -14.81
N LEU A 143 -7.71 -23.37 -15.18
CA LEU A 143 -6.93 -22.70 -14.17
C LEU A 143 -7.93 -22.03 -13.24
N LEU A 144 -8.95 -21.38 -13.83
CA LEU A 144 -10.05 -20.74 -13.10
C LEU A 144 -10.65 -21.76 -12.13
N ALA A 145 -11.22 -22.86 -12.62
CA ALA A 145 -11.77 -23.88 -11.73
C ALA A 145 -10.84 -24.09 -10.53
N LYS A 146 -9.52 -24.07 -10.76
CA LYS A 146 -8.52 -24.25 -9.68
C LYS A 146 -8.40 -23.05 -8.73
N ILE A 147 -8.64 -21.85 -9.22
CA ILE A 147 -8.60 -20.66 -8.36
C ILE A 147 -9.95 -20.58 -7.60
N GLY A 148 -10.83 -21.58 -7.80
CA GLY A 148 -12.11 -21.59 -7.10
C GLY A 148 -13.29 -20.98 -7.84
N ILE A 149 -13.02 -20.52 -9.07
CA ILE A 149 -14.00 -19.87 -9.93
C ILE A 149 -14.75 -20.88 -10.79
N HIS A 150 -16.04 -20.74 -10.93
CA HIS A 150 -16.69 -21.76 -11.73
C HIS A 150 -17.47 -21.31 -12.96
N GLN A 151 -16.81 -21.53 -14.10
CA GLN A 151 -17.30 -21.17 -15.40
C GLN A 151 -17.24 -22.35 -16.37
N GLN A 152 -18.18 -22.40 -17.33
CA GLN A 152 -18.28 -23.44 -18.36
C GLN A 152 -18.77 -22.75 -19.60
N THR A 153 -17.85 -22.60 -20.57
CA THR A 153 -18.13 -21.98 -21.85
C THR A 153 -18.33 -23.04 -22.96
N THR A 154 -19.44 -23.00 -23.68
CA THR A 154 -19.64 -23.96 -24.79
C THR A 154 -19.65 -23.18 -26.13
N LEU A 155 -18.85 -23.59 -27.11
CA LEU A 155 -18.89 -22.91 -28.42
C LEU A 155 -20.05 -23.54 -29.15
N LEU A 156 -21.06 -22.77 -29.49
CA LEU A 156 -22.19 -23.38 -30.12
C LEU A 156 -22.28 -23.26 -31.65
N ARG A 157 -21.66 -22.22 -32.22
CA ARG A 157 -21.62 -21.97 -33.64
C ARG A 157 -20.38 -21.09 -33.75
N HIS A 158 -19.59 -21.30 -34.79
CA HIS A 158 -18.39 -20.49 -34.99
C HIS A 158 -18.68 -19.36 -35.95
N GLY A 159 -17.98 -18.25 -35.75
CA GLY A 159 -18.16 -17.09 -36.60
C GLY A 159 -16.75 -16.76 -36.99
N PHE A 160 -16.37 -16.96 -38.25
CA PHE A 160 -15.00 -16.68 -38.60
C PHE A 160 -14.77 -15.33 -39.16
N TYR A 161 -13.88 -14.54 -38.56
CA TYR A 161 -13.62 -13.18 -39.06
C TYR A 161 -13.41 -13.34 -40.53
N PRO A 162 -14.04 -12.50 -41.33
CA PRO A 162 -14.94 -11.41 -41.07
C PRO A 162 -16.42 -11.71 -41.15
N ALA A 163 -16.78 -12.99 -41.21
CA ALA A 163 -18.20 -13.35 -41.31
C ALA A 163 -19.17 -12.94 -40.20
N GLY A 164 -18.90 -13.37 -38.98
CA GLY A 164 -19.84 -13.08 -37.93
C GLY A 164 -20.63 -14.38 -37.87
N GLY A 165 -21.74 -14.38 -37.17
CA GLY A 165 -22.56 -15.59 -37.08
C GLY A 165 -22.31 -16.57 -35.96
N GLY A 166 -21.22 -16.42 -35.21
CA GLY A 166 -20.90 -17.30 -34.09
C GLY A 166 -21.78 -17.09 -32.87
N VAL A 167 -21.87 -18.10 -32.03
CA VAL A 167 -22.71 -18.10 -30.84
C VAL A 167 -21.90 -18.89 -29.79
N VAL A 168 -21.54 -18.20 -28.71
CA VAL A 168 -20.80 -18.76 -27.58
C VAL A 168 -21.62 -18.52 -26.32
N ALA A 169 -21.69 -19.49 -25.43
CA ALA A 169 -22.49 -19.33 -24.24
C ALA A 169 -21.82 -19.86 -22.98
N THR A 170 -21.71 -19.01 -21.98
CA THR A 170 -21.05 -19.39 -20.72
C THR A 170 -21.99 -19.51 -19.53
N GLU A 171 -21.79 -20.54 -18.72
CA GLU A 171 -22.54 -20.78 -17.48
C GLU A 171 -21.59 -20.40 -16.32
N VAL A 172 -22.03 -19.51 -15.43
CA VAL A 172 -21.22 -19.09 -14.27
C VAL A 172 -21.97 -19.42 -12.98
N SER A 173 -21.23 -19.43 -11.89
CA SER A 173 -21.73 -19.70 -10.51
C SER A 173 -20.88 -18.80 -9.60
N PRO A 174 -21.52 -17.95 -8.79
CA PRO A 174 -20.83 -17.02 -7.88
C PRO A 174 -19.79 -17.78 -7.13
N VAL A 175 -18.56 -17.23 -7.14
CA VAL A 175 -17.43 -17.87 -6.45
C VAL A 175 -17.69 -18.02 -4.95
N ALA A 176 -17.61 -19.27 -4.47
CA ALA A 176 -17.80 -19.57 -3.04
C ALA A 176 -16.58 -19.15 -2.25
N SER A 177 -15.49 -19.87 -2.46
CA SER A 177 -14.21 -19.63 -1.83
C SER A 177 -13.14 -19.70 -2.91
N PHE A 178 -12.13 -18.85 -2.73
CA PHE A 178 -10.99 -18.73 -3.60
C PHE A 178 -9.82 -19.57 -3.18
N ASN A 179 -9.05 -20.03 -4.16
CA ASN A 179 -7.89 -20.85 -3.89
C ASN A 179 -6.67 -20.14 -4.46
N THR A 180 -5.49 -20.56 -4.01
CA THR A 180 -4.25 -20.00 -4.48
C THR A 180 -3.63 -20.97 -5.49
N LEU A 181 -3.50 -20.46 -6.71
CA LEU A 181 -2.97 -21.16 -7.87
C LEU A 181 -1.46 -20.96 -7.78
N GLN A 182 -0.72 -22.06 -7.81
CA GLN A 182 0.73 -21.97 -7.72
C GLN A 182 1.37 -22.76 -8.84
N LEU A 183 1.66 -22.04 -9.90
CA LEU A 183 2.28 -22.57 -11.09
C LEU A 183 3.74 -22.17 -11.09
N GLY A 184 4.53 -22.92 -11.84
CA GLY A 184 5.93 -22.62 -11.97
C GLY A 184 6.53 -23.33 -13.15
N GLU A 185 7.09 -24.49 -12.87
CA GLU A 185 7.74 -25.32 -13.89
C GLU A 185 6.64 -25.87 -14.72
N ARG A 186 6.82 -25.90 -16.01
CA ARG A 186 5.79 -26.44 -16.83
C ARG A 186 5.70 -27.93 -16.61
N GLY A 187 6.81 -28.54 -16.19
CA GLY A 187 6.80 -29.97 -15.99
C GLY A 187 7.18 -30.58 -17.32
N ASN A 188 7.17 -31.92 -17.39
CA ASN A 188 7.54 -32.62 -18.63
C ASN A 188 6.35 -32.67 -19.56
N ILE A 189 6.59 -32.58 -20.87
CA ILE A 189 5.46 -32.64 -21.80
C ILE A 189 4.84 -33.98 -21.67
N VAL A 190 3.52 -34.07 -21.74
CA VAL A 190 2.82 -35.35 -21.65
C VAL A 190 2.28 -35.82 -23.02
N GLN A 191 1.89 -34.85 -23.86
CA GLN A 191 1.39 -35.10 -25.19
C GLN A 191 1.10 -33.80 -25.95
N MSE A 192 1.32 -33.80 -27.26
CA MSE A 192 1.04 -32.64 -28.15
C MSE A 192 0.04 -33.10 -29.19
O MSE A 192 0.08 -34.24 -29.61
CB MSE A 192 2.29 -32.15 -28.83
CG MSE A 192 3.30 -31.68 -27.82
SE MSE A 192 4.66 -30.69 -28.68
CE MSE A 192 6.14 -31.32 -27.77
N ARG A 193 -0.94 -32.27 -29.53
CA ARG A 193 -1.97 -32.64 -30.47
C ARG A 193 -2.21 -31.44 -31.32
N GLY A 194 -2.34 -31.67 -32.63
CA GLY A 194 -2.58 -30.59 -33.59
C GLY A 194 -4.02 -30.77 -33.99
N GLU A 195 -4.65 -29.70 -34.42
CA GLU A 195 -6.02 -29.80 -34.77
C GLU A 195 -6.31 -28.72 -35.75
N VAL A 196 -7.09 -29.03 -36.80
CA VAL A 196 -7.40 -27.99 -37.76
C VAL A 196 -8.87 -27.92 -37.84
N LEU A 197 -9.41 -26.73 -38.06
CA LEU A 197 -10.85 -26.58 -38.08
C LEU A 197 -11.18 -25.99 -39.40
N LEU A 198 -11.93 -26.72 -40.23
CA LEU A 198 -12.28 -26.22 -41.54
C LEU A 198 -13.75 -26.02 -41.57
N ALA A 199 -14.16 -24.92 -42.17
CA ALA A 199 -15.58 -24.67 -42.37
C ALA A 199 -15.52 -23.98 -43.74
N GLY A 200 -15.98 -24.69 -44.77
CA GLY A 200 -15.97 -24.14 -46.12
C GLY A 200 -14.60 -24.06 -46.75
N VAL A 201 -13.65 -24.82 -46.23
CA VAL A 201 -12.30 -24.80 -46.74
C VAL A 201 -11.93 -26.26 -46.97
N PRO A 202 -11.24 -26.55 -48.07
CA PRO A 202 -10.83 -27.92 -48.44
C PRO A 202 -9.87 -28.72 -47.58
N ARG A 203 -10.09 -30.04 -47.55
CA ARG A 203 -9.28 -30.93 -46.74
C ARG A 203 -7.84 -31.04 -47.16
N HIS A 204 -7.37 -30.13 -48.02
CA HIS A 204 -5.97 -30.18 -48.44
C HIS A 204 -5.19 -29.13 -47.68
N VAL A 205 -5.96 -28.20 -47.09
CA VAL A 205 -5.40 -27.09 -46.29
C VAL A 205 -5.13 -27.59 -44.90
N ALA A 206 -6.06 -28.39 -44.39
CA ALA A 206 -5.90 -28.99 -43.08
C ALA A 206 -4.64 -29.85 -43.13
N GLU A 207 -4.62 -30.81 -44.06
CA GLU A 207 -3.50 -31.76 -44.22
C GLU A 207 -2.19 -31.07 -44.33
N ARG A 208 -2.19 -29.96 -45.05
CA ARG A 208 -0.98 -29.21 -45.21
C ARG A 208 -0.52 -28.53 -43.93
N GLU A 209 -1.50 -27.99 -43.22
CA GLU A 209 -1.25 -27.31 -41.95
C GLU A 209 -0.87 -28.33 -40.92
N ILE A 210 -1.55 -29.47 -40.91
CA ILE A 210 -1.15 -30.52 -39.98
C ILE A 210 0.33 -30.90 -40.22
N ALA A 211 0.60 -31.38 -41.42
CA ALA A 211 1.94 -31.78 -41.83
C ALA A 211 3.02 -30.86 -41.27
N THR A 212 2.88 -29.56 -41.53
CA THR A 212 3.85 -28.57 -41.02
C THR A 212 4.06 -28.76 -39.51
N LEU A 213 2.97 -28.88 -38.76
CA LEU A 213 3.05 -29.10 -37.33
C LEU A 213 3.83 -30.41 -37.13
N ALA A 214 3.38 -31.52 -37.73
CA ALA A 214 4.09 -32.81 -37.57
C ALA A 214 5.56 -32.64 -38.00
N GLY A 215 5.80 -31.61 -38.79
CA GLY A 215 7.14 -31.32 -39.25
C GLY A 215 8.16 -31.07 -38.17
N SER A 216 7.76 -30.44 -37.08
CA SER A 216 8.71 -30.18 -36.01
C SER A 216 8.27 -30.74 -34.72
N PHE A 217 7.03 -31.23 -34.65
CA PHE A 217 6.48 -31.80 -33.42
C PHE A 217 5.97 -33.18 -33.55
N SER A 218 6.10 -33.93 -32.48
CA SER A 218 5.62 -35.29 -32.45
C SER A 218 4.23 -35.25 -31.87
N LEU A 219 3.26 -35.14 -32.76
CA LEU A 219 1.87 -35.06 -32.34
C LEU A 219 1.33 -36.42 -32.00
N HIS A 220 0.56 -36.54 -30.93
CA HIS A 220 -0.01 -37.81 -30.56
C HIS A 220 -1.26 -38.02 -31.35
N GLU A 221 -1.74 -36.94 -31.95
CA GLU A 221 -2.98 -37.03 -32.68
C GLU A 221 -2.94 -35.85 -33.60
N GLN A 222 -3.45 -36.06 -34.81
CA GLN A 222 -3.54 -35.00 -35.81
C GLN A 222 -5.00 -35.05 -36.14
N ASN A 223 -5.71 -34.01 -35.78
CA ASN A 223 -7.11 -34.04 -36.00
C ASN A 223 -7.52 -32.95 -36.87
N ILE A 224 -8.48 -33.31 -37.70
CA ILE A 224 -9.08 -32.37 -38.63
C ILE A 224 -10.53 -32.31 -38.23
N HIS A 225 -11.03 -31.09 -38.03
CA HIS A 225 -12.39 -30.88 -37.58
C HIS A 225 -13.15 -30.09 -38.59
N ASN A 226 -14.26 -30.68 -39.03
CA ASN A 226 -15.14 -30.14 -40.04
C ASN A 226 -16.47 -29.62 -39.54
N LEU A 227 -16.69 -28.38 -39.91
CA LEU A 227 -17.85 -27.64 -39.54
C LEU A 227 -18.58 -27.34 -40.82
N PRO A 228 -19.89 -27.23 -40.75
CA PRO A 228 -20.78 -26.93 -41.86
C PRO A 228 -20.31 -25.71 -42.58
N ARG A 229 -20.53 -25.67 -43.90
CA ARG A 229 -20.11 -24.53 -44.72
C ARG A 229 -20.83 -23.30 -44.19
N ASP A 230 -21.97 -23.59 -43.55
CA ASP A 230 -22.83 -22.59 -42.95
C ASP A 230 -21.95 -21.72 -42.14
N GLN A 231 -20.99 -22.35 -41.46
CA GLN A 231 -20.08 -21.64 -40.59
C GLN A 231 -19.11 -20.77 -41.36
N GLY A 232 -19.48 -20.54 -42.61
CA GLY A 232 -18.71 -19.70 -43.48
C GLY A 232 -17.35 -20.31 -43.69
N PRO A 233 -16.53 -19.62 -44.47
CA PRO A 233 -15.19 -20.10 -44.76
C PRO A 233 -14.29 -19.80 -43.56
N GLY A 234 -13.66 -20.82 -43.00
CA GLY A 234 -12.81 -20.58 -41.89
C GLY A 234 -11.88 -21.74 -41.78
N ASN A 235 -10.78 -21.44 -41.10
CA ASN A 235 -9.73 -22.40 -40.93
C ASN A 235 -9.03 -21.84 -39.73
N THR A 236 -8.85 -22.67 -38.72
CA THR A 236 -8.15 -22.28 -37.49
C THR A 236 -7.31 -23.48 -37.18
N VAL A 237 -6.05 -23.26 -36.85
CA VAL A 237 -5.17 -24.37 -36.53
C VAL A 237 -4.60 -24.19 -35.12
N SER A 238 -4.57 -25.28 -34.36
CA SER A 238 -4.09 -25.25 -32.99
C SER A 238 -3.23 -26.42 -32.56
N LEU A 239 -2.29 -26.14 -31.68
CA LEU A 239 -1.43 -27.15 -31.16
C LEU A 239 -1.50 -26.98 -29.65
N GLU A 240 -1.75 -28.12 -28.98
CA GLU A 240 -1.86 -28.22 -27.57
C GLU A 240 -0.63 -28.87 -26.98
N VAL A 241 -0.18 -28.31 -25.86
CA VAL A 241 0.98 -28.83 -25.18
C VAL A 241 0.59 -29.19 -23.76
N GLU A 242 0.10 -30.40 -23.57
CA GLU A 242 -0.31 -30.92 -22.29
C GLU A 242 0.94 -31.28 -21.57
N SER A 243 1.47 -30.36 -20.79
CA SER A 243 2.66 -30.63 -20.01
C SER A 243 2.10 -31.20 -18.69
N GLU A 244 2.99 -31.51 -17.74
CA GLU A 244 2.59 -32.11 -16.47
C GLU A 244 1.76 -31.22 -15.57
N ASN A 245 2.33 -30.07 -15.22
CA ASN A 245 1.69 -29.09 -14.35
C ASN A 245 0.65 -28.20 -15.04
N ILE A 246 0.63 -28.19 -16.38
CA ILE A 246 -0.30 -27.35 -17.13
C ILE A 246 -0.58 -27.89 -18.52
N THR A 247 -1.66 -27.40 -19.13
CA THR A 247 -2.03 -27.80 -20.49
C THR A 247 -2.22 -26.47 -21.23
N GLU A 248 -1.41 -26.18 -22.25
CA GLU A 248 -1.61 -24.94 -22.97
C GLU A 248 -2.07 -25.32 -24.37
N ARG A 249 -2.56 -24.38 -25.13
CA ARG A 249 -3.02 -24.67 -26.45
C ARG A 249 -2.90 -23.38 -27.13
N PHE A 250 -2.23 -23.41 -28.27
CA PHE A 250 -1.96 -22.25 -29.04
C PHE A 250 -2.77 -22.31 -30.31
N PHE A 251 -3.16 -21.16 -30.84
CA PHE A 251 -3.99 -21.06 -32.04
C PHE A 251 -3.47 -20.04 -33.04
N VAL A 252 -3.87 -20.22 -34.28
CA VAL A 252 -3.54 -19.29 -35.36
C VAL A 252 -4.65 -19.50 -36.35
N VAL A 253 -5.39 -18.42 -36.54
CA VAL A 253 -6.52 -18.40 -37.42
C VAL A 253 -6.04 -18.13 -38.85
N GLY A 254 -6.37 -19.04 -39.75
CA GLY A 254 -5.95 -18.87 -41.13
C GLY A 254 -6.55 -17.59 -41.66
N GLU A 255 -5.75 -16.83 -42.41
CA GLU A 255 -6.21 -15.58 -42.99
C GLU A 255 -6.66 -15.77 -44.45
N LYS A 256 -7.17 -14.68 -45.03
CA LYS A 256 -7.63 -14.67 -46.42
C LYS A 256 -6.46 -15.05 -47.32
N ARG A 257 -5.46 -14.17 -47.35
CA ARG A 257 -4.25 -14.35 -48.17
C ARG A 257 -3.04 -14.90 -47.41
N VAL A 258 -3.23 -16.01 -46.70
CA VAL A 258 -2.13 -16.62 -45.96
C VAL A 258 -2.21 -18.11 -46.24
N SER A 259 -1.06 -18.67 -46.57
CA SER A 259 -1.01 -20.08 -46.92
C SER A 259 -0.98 -21.11 -45.83
N ALA A 260 -1.54 -22.28 -46.13
CA ALA A 260 -1.58 -23.36 -45.16
C ALA A 260 -0.25 -23.47 -44.41
N GLU A 261 0.85 -23.28 -45.13
CA GLU A 261 2.22 -23.41 -44.58
C GLU A 261 2.59 -22.19 -43.74
N VAL A 262 2.09 -21.03 -44.13
CA VAL A 262 2.40 -19.82 -43.38
C VAL A 262 1.66 -19.87 -42.08
N VAL A 263 0.33 -20.04 -42.14
CA VAL A 263 -0.48 -20.17 -40.93
C VAL A 263 0.18 -21.22 -40.00
N ALA A 264 0.41 -22.44 -40.49
CA ALA A 264 0.98 -23.44 -39.65
C ALA A 264 2.33 -22.97 -39.16
N ALA A 265 3.10 -22.25 -39.97
CA ALA A 265 4.42 -21.82 -39.51
C ALA A 265 4.43 -20.77 -38.38
N GLN A 266 3.33 -20.02 -38.25
CA GLN A 266 3.15 -18.98 -37.21
C GLN A 266 3.00 -19.73 -35.90
N LEU A 267 2.03 -20.66 -35.89
CA LEU A 267 1.72 -21.49 -34.75
C LEU A 267 3.00 -22.15 -34.31
N VAL A 268 3.76 -22.74 -35.23
CA VAL A 268 4.97 -23.45 -34.82
C VAL A 268 5.90 -22.50 -34.15
N LYS A 269 5.90 -21.24 -34.60
CA LYS A 269 6.78 -20.22 -34.01
C LYS A 269 6.48 -20.13 -32.51
N GLU A 270 5.21 -19.83 -32.24
CA GLU A 270 4.71 -19.67 -30.88
C GLU A 270 4.96 -20.87 -30.04
N VAL A 271 4.60 -22.02 -30.57
CA VAL A 271 4.75 -23.19 -29.79
C VAL A 271 6.14 -23.39 -29.36
N LYS A 272 7.08 -23.16 -30.26
CA LYS A 272 8.47 -23.36 -29.92
C LYS A 272 8.83 -22.34 -28.88
N ARG A 273 8.37 -21.11 -29.09
CA ARG A 273 8.65 -19.98 -28.19
C ARG A 273 8.26 -20.30 -26.74
N TYR A 274 7.09 -20.94 -26.58
CA TYR A 274 6.59 -21.33 -25.25
C TYR A 274 7.54 -22.39 -24.75
N LEU A 275 7.67 -23.47 -25.52
CA LEU A 275 8.55 -24.58 -25.18
C LEU A 275 10.01 -24.17 -24.88
N ALA A 276 10.45 -23.05 -25.44
CA ALA A 276 11.82 -22.58 -25.24
C ALA A 276 12.12 -22.07 -23.82
N SER A 277 11.14 -22.13 -22.91
CA SER A 277 11.33 -21.67 -21.53
C SER A 277 10.61 -22.65 -20.64
N THR A 278 10.97 -22.65 -19.36
CA THR A 278 10.35 -23.57 -18.38
C THR A 278 8.99 -23.10 -17.89
N ALA A 279 8.69 -21.83 -18.21
CA ALA A 279 7.45 -21.15 -17.87
C ALA A 279 6.21 -22.00 -18.14
N ALA A 280 5.37 -22.10 -17.11
CA ALA A 280 4.13 -22.83 -17.16
C ALA A 280 3.12 -22.20 -18.11
N VAL A 281 2.98 -20.88 -18.10
CA VAL A 281 1.98 -20.19 -18.94
C VAL A 281 2.48 -19.23 -20.07
N GLY A 282 1.62 -19.05 -21.06
CA GLY A 282 1.93 -18.16 -22.15
C GLY A 282 1.56 -16.72 -21.83
N GLU A 283 2.16 -15.77 -22.55
CA GLU A 283 1.93 -14.33 -22.39
C GLU A 283 0.46 -14.01 -22.27
N TYR A 284 -0.37 -14.66 -23.06
CA TYR A 284 -1.82 -14.40 -23.02
C TYR A 284 -2.60 -15.00 -21.83
N LEU A 285 -2.25 -16.24 -21.43
CA LEU A 285 -2.91 -16.89 -20.29
C LEU A 285 -2.44 -16.11 -19.05
N ALA A 286 -1.20 -15.65 -19.10
CA ALA A 286 -0.66 -14.86 -18.04
C ALA A 286 -1.61 -13.66 -17.88
N ASP A 287 -1.84 -12.91 -18.98
CA ASP A 287 -2.67 -11.69 -18.98
C ASP A 287 -4.05 -11.94 -18.34
N GLN A 288 -4.47 -13.19 -18.40
CA GLN A 288 -5.80 -13.55 -17.89
C GLN A 288 -5.80 -13.99 -16.45
N LEU A 289 -4.63 -14.37 -15.97
CA LEU A 289 -4.52 -14.85 -14.63
C LEU A 289 -4.31 -13.74 -13.63
N VAL A 290 -3.83 -12.62 -14.12
CA VAL A 290 -3.64 -11.47 -13.27
C VAL A 290 -4.91 -11.16 -12.45
N LEU A 291 -6.06 -10.90 -13.08
CA LEU A 291 -7.28 -10.61 -12.31
C LEU A 291 -7.74 -11.70 -11.33
N PRO A 292 -8.06 -12.90 -11.79
CA PRO A 292 -8.52 -13.90 -10.83
C PRO A 292 -7.60 -14.11 -9.64
N MSE A 293 -6.29 -14.12 -9.83
CA MSE A 293 -5.41 -14.33 -8.67
C MSE A 293 -5.48 -13.13 -7.75
O MSE A 293 -5.23 -13.26 -6.56
CB MSE A 293 -3.97 -14.50 -9.05
CG MSE A 293 -3.69 -15.36 -10.19
SE MSE A 293 -1.84 -15.65 -10.00
CE MSE A 293 -1.10 -13.90 -9.49
N ALA A 294 -5.74 -11.94 -8.31
CA ALA A 294 -5.83 -10.73 -7.51
C ALA A 294 -7.04 -10.88 -6.61
N LEU A 295 -8.19 -11.23 -7.20
CA LEU A 295 -9.36 -11.43 -6.39
C LEU A 295 -8.94 -12.46 -5.33
N ALA A 296 -8.29 -13.56 -5.72
CA ALA A 296 -7.88 -14.62 -4.79
C ALA A 296 -6.92 -14.15 -3.68
N GLY A 297 -6.33 -12.96 -3.86
CA GLY A 297 -5.43 -12.47 -2.84
C GLY A 297 -4.03 -13.10 -2.69
N ALA A 298 -3.67 -14.01 -3.60
CA ALA A 298 -2.34 -14.67 -3.60
C ALA A 298 -2.26 -15.58 -4.77
N GLY A 299 -1.05 -16.05 -5.01
CA GLY A 299 -0.88 -16.96 -6.11
C GLY A 299 0.17 -16.40 -7.00
N GLU A 300 0.67 -17.29 -7.85
CA GLU A 300 1.72 -16.95 -8.79
C GLU A 300 1.82 -17.99 -9.88
N PHE A 301 2.56 -17.58 -10.90
CA PHE A 301 2.80 -18.38 -12.08
C PHE A 301 4.08 -17.86 -12.72
N THR A 302 4.70 -18.64 -13.58
CA THR A 302 5.92 -18.20 -14.25
C THR A 302 5.52 -17.99 -15.69
N VAL A 303 6.15 -17.02 -16.33
CA VAL A 303 5.87 -16.69 -17.70
C VAL A 303 7.21 -16.19 -18.20
N ALA A 304 7.53 -16.56 -19.42
CA ALA A 304 8.80 -16.20 -19.99
C ALA A 304 9.22 -14.75 -19.85
N HIS A 305 8.41 -13.84 -20.38
CA HIS A 305 8.78 -12.43 -20.36
C HIS A 305 7.55 -11.59 -19.99
N PRO A 306 7.75 -10.53 -19.21
CA PRO A 306 6.60 -9.72 -18.84
C PRO A 306 6.22 -9.01 -20.12
N SER A 307 4.96 -9.06 -20.50
CA SER A 307 4.49 -8.39 -21.70
C SER A 307 3.90 -7.06 -21.30
N CYS A 308 3.71 -6.19 -22.28
CA CYS A 308 3.16 -4.88 -22.10
C CYS A 308 1.67 -4.89 -21.62
N HIS A 309 0.98 -5.98 -21.94
CA HIS A 309 -0.42 -6.18 -21.56
C HIS A 309 -0.41 -6.52 -20.08
N LEU A 310 0.47 -7.45 -19.71
CA LEU A 310 0.62 -7.90 -18.33
C LEU A 310 0.77 -6.63 -17.53
N LEU A 311 1.79 -5.84 -17.87
CA LEU A 311 2.07 -4.59 -17.17
C LEU A 311 0.80 -3.79 -16.99
N THR A 312 0.03 -3.55 -18.05
CA THR A 312 -1.18 -2.75 -17.82
C THR A 312 -2.33 -3.43 -17.06
N ASN A 313 -2.38 -4.74 -17.13
CA ASN A 313 -3.45 -5.40 -16.46
C ASN A 313 -3.23 -5.34 -14.99
N ILE A 314 -1.97 -5.51 -14.65
CA ILE A 314 -1.52 -5.48 -13.29
C ILE A 314 -1.70 -4.08 -12.73
N ALA A 315 -1.65 -3.07 -13.60
CA ALA A 315 -1.85 -1.69 -13.13
C ALA A 315 -3.30 -1.51 -12.74
N VAL A 316 -4.21 -1.71 -13.69
CA VAL A 316 -5.62 -1.54 -13.45
C VAL A 316 -6.03 -2.36 -12.25
N VAL A 317 -5.65 -3.63 -12.22
CA VAL A 317 -5.99 -4.44 -11.06
C VAL A 317 -5.63 -3.71 -9.78
N GLU A 318 -4.36 -3.34 -9.67
CA GLU A 318 -3.88 -2.67 -8.48
C GLU A 318 -4.47 -1.30 -8.27
N ARG A 319 -5.17 -0.80 -9.27
CA ARG A 319 -5.82 0.51 -9.19
C ARG A 319 -7.19 0.40 -8.49
N PHE A 320 -7.81 -0.79 -8.55
CA PHE A 320 -9.10 -1.05 -7.94
C PHE A 320 -9.02 -1.96 -6.72
N LEU A 321 -7.93 -2.72 -6.60
CA LEU A 321 -7.77 -3.70 -5.50
C LEU A 321 -6.50 -3.52 -4.68
N PRO A 322 -6.56 -3.92 -3.38
CA PRO A 322 -5.47 -3.86 -2.39
C PRO A 322 -4.45 -5.00 -2.60
N VAL A 323 -3.88 -5.07 -3.81
CA VAL A 323 -2.93 -6.10 -4.14
C VAL A 323 -1.65 -5.51 -4.71
N ARG A 324 -0.58 -6.28 -4.50
CA ARG A 324 0.76 -5.96 -4.94
C ARG A 324 1.25 -7.18 -5.73
N PHE A 325 1.60 -6.94 -6.99
CA PHE A 325 2.11 -7.98 -7.86
C PHE A 325 3.62 -7.79 -7.86
N SER A 326 4.40 -8.85 -8.01
CA SER A 326 5.84 -8.68 -8.03
C SER A 326 6.29 -9.48 -9.23
N LEU A 327 7.13 -8.89 -10.08
CA LEU A 327 7.64 -9.58 -11.28
C LEU A 327 9.09 -9.76 -11.02
N ILE A 328 9.60 -10.99 -10.99
CA ILE A 328 11.03 -11.22 -10.79
C ILE A 328 11.59 -11.96 -12.03
N GLU A 329 12.08 -11.22 -13.03
CA GLU A 329 12.64 -11.81 -14.27
C GLU A 329 14.00 -12.51 -14.09
N THR A 330 13.94 -13.70 -13.50
CA THR A 330 15.14 -14.45 -13.20
C THR A 330 15.45 -15.65 -14.06
N ASP A 331 16.43 -15.50 -14.92
CA ASP A 331 16.90 -16.60 -15.76
C ASP A 331 15.97 -16.98 -16.91
N GLY A 332 15.58 -15.95 -17.67
CA GLY A 332 14.73 -16.13 -18.83
C GLY A 332 13.27 -16.36 -18.52
N VAL A 333 12.96 -16.45 -17.24
CA VAL A 333 11.60 -16.66 -16.79
C VAL A 333 11.23 -15.51 -15.88
N THR A 334 9.95 -15.18 -15.82
CA THR A 334 9.46 -14.10 -14.98
C THR A 334 8.42 -14.67 -13.98
N ARG A 335 8.65 -14.45 -12.68
CA ARG A 335 7.74 -14.95 -11.65
C ARG A 335 6.80 -13.83 -11.21
N VAL A 336 5.52 -13.95 -11.60
CA VAL A 336 4.48 -12.99 -11.30
C VAL A 336 3.78 -13.58 -10.13
N SER A 337 3.77 -12.83 -9.03
CA SER A 337 3.23 -13.24 -7.74
C SER A 337 2.43 -12.11 -7.13
N ILE A 338 1.55 -12.45 -6.19
CA ILE A 338 0.72 -11.45 -5.56
C ILE A 338 1.14 -11.14 -4.14
N GLU A 339 0.56 -10.08 -3.59
CA GLU A 339 0.77 -9.65 -2.22
C GLU A 339 -0.51 -8.95 -1.74
N MSE B 5 17.51 -14.27 -41.36
CA MSE B 5 17.27 -12.80 -41.43
C MSE B 5 16.18 -12.43 -40.44
O MSE B 5 15.06 -12.93 -40.52
CB MSE B 5 16.86 -12.40 -42.87
CG MSE B 5 17.43 -11.09 -43.35
SE MSE B 5 16.03 -9.93 -44.00
CE MSE B 5 16.98 -8.45 -44.83
N ILE B 6 16.53 -11.56 -39.50
CA ILE B 6 15.67 -11.06 -38.44
C ILE B 6 14.31 -10.51 -38.84
N ALA B 7 13.23 -11.08 -38.30
CA ALA B 7 11.92 -10.54 -38.64
C ALA B 7 11.35 -9.94 -37.38
N LEU B 8 10.79 -8.76 -37.52
CA LEU B 8 10.24 -8.05 -36.39
C LEU B 8 8.77 -7.73 -36.67
N ASP B 9 7.92 -7.85 -35.65
CA ASP B 9 6.52 -7.54 -35.83
C ASP B 9 6.26 -6.09 -35.44
N GLY B 10 5.78 -5.28 -36.36
CA GLY B 10 5.49 -3.89 -36.05
C GLY B 10 4.35 -3.56 -35.06
N ALA B 11 3.37 -4.45 -34.91
CA ALA B 11 2.28 -4.19 -33.97
C ALA B 11 2.71 -4.65 -32.55
N GLN B 12 3.90 -5.25 -32.42
CA GLN B 12 4.42 -5.73 -31.14
C GLN B 12 4.70 -4.62 -30.09
N GLY B 13 4.43 -4.93 -28.82
CA GLY B 13 4.66 -3.98 -27.75
C GLY B 13 3.83 -2.73 -27.87
N GLU B 14 4.45 -1.57 -27.68
CA GLU B 14 3.70 -0.32 -27.79
C GLU B 14 3.07 -0.16 -29.16
N GLY B 15 3.68 -0.80 -30.16
CA GLY B 15 3.17 -0.72 -31.51
C GLY B 15 3.96 0.14 -32.48
N GLY B 16 5.06 -0.41 -32.98
CA GLY B 16 5.90 0.26 -33.96
C GLY B 16 6.42 1.63 -33.60
N GLY B 17 7.21 2.18 -34.50
CA GLY B 17 7.79 3.50 -34.31
C GLY B 17 9.19 3.32 -33.76
N GLN B 18 9.23 3.03 -32.48
CA GLN B 18 10.47 2.88 -31.74
C GLN B 18 11.12 1.60 -32.11
N ILE B 19 10.29 0.63 -32.45
CA ILE B 19 10.76 -0.68 -32.88
C ILE B 19 11.51 -0.40 -34.17
N LEU B 20 10.95 0.45 -35.03
CA LEU B 20 11.60 0.75 -36.30
C LEU B 20 12.96 1.35 -36.02
N ARG B 21 13.02 2.40 -35.22
CA ARG B 21 14.31 3.02 -34.97
C ARG B 21 15.30 2.15 -34.20
N SER B 22 14.82 1.32 -33.30
CA SER B 22 15.79 0.53 -32.52
C SER B 22 16.30 -0.60 -33.39
N ALA B 23 15.48 -0.92 -34.37
CA ALA B 23 15.82 -1.95 -35.30
C ALA B 23 16.91 -1.41 -36.24
N LEU B 24 16.75 -0.17 -36.74
CA LEU B 24 17.76 0.43 -37.63
C LEU B 24 19.12 0.49 -36.95
N SER B 25 19.22 1.24 -35.84
CA SER B 25 20.49 1.38 -35.13
C SER B 25 21.16 0.04 -34.89
N LEU B 26 20.39 -0.93 -34.43
CA LEU B 26 20.91 -2.25 -34.14
C LEU B 26 21.38 -2.90 -35.43
N SER B 27 20.52 -2.88 -36.44
CA SER B 27 20.81 -3.48 -37.73
C SER B 27 22.10 -2.95 -38.32
N MSE B 28 22.42 -1.70 -38.06
CA MSE B 28 23.67 -1.12 -38.57
C MSE B 28 24.82 -1.44 -37.59
O MSE B 28 25.97 -1.58 -37.98
CB MSE B 28 23.55 0.42 -38.72
CG MSE B 28 22.25 0.96 -39.22
SE MSE B 28 22.52 2.87 -39.62
CE MSE B 28 21.09 3.72 -38.84
N ILE B 29 24.53 -1.40 -36.28
CA ILE B 29 25.54 -1.66 -35.24
C ILE B 29 26.00 -3.03 -35.61
N THR B 30 25.07 -3.98 -35.58
CA THR B 30 25.33 -5.39 -35.86
C THR B 30 25.60 -5.83 -37.32
N GLY B 31 24.85 -5.30 -38.28
CA GLY B 31 25.05 -5.69 -39.66
C GLY B 31 23.90 -6.55 -40.13
N GLN B 32 23.26 -7.25 -39.19
CA GLN B 32 22.12 -8.12 -39.48
C GLN B 32 20.93 -7.35 -40.07
N PRO B 33 20.53 -7.70 -41.30
CA PRO B 33 19.39 -7.00 -41.89
C PRO B 33 18.17 -7.56 -41.20
N PHE B 34 17.02 -6.95 -41.44
CA PHE B 34 15.82 -7.38 -40.76
C PHE B 34 14.65 -6.94 -41.58
N THR B 35 13.46 -7.24 -41.08
CA THR B 35 12.23 -6.91 -41.76
C THR B 35 11.12 -6.62 -40.75
N ILE B 36 10.57 -5.41 -40.78
CA ILE B 36 9.48 -5.01 -39.91
C ILE B 36 8.29 -5.32 -40.83
N THR B 37 7.26 -5.94 -40.27
CA THR B 37 6.13 -6.33 -41.08
C THR B 37 4.82 -5.55 -40.95
N SER B 38 4.57 -4.87 -39.83
CA SER B 38 3.31 -4.14 -39.72
C SER B 38 3.58 -2.76 -39.12
N ILE B 39 4.58 -2.08 -39.66
CA ILE B 39 4.99 -0.79 -39.15
C ILE B 39 4.06 -0.03 -38.21
N ARG B 40 2.93 0.49 -38.64
CA ARG B 40 2.16 1.17 -37.58
C ARG B 40 0.73 0.77 -37.66
N ALA B 41 0.57 -0.54 -37.85
CA ALA B 41 -0.70 -1.20 -37.98
C ALA B 41 -1.93 -0.39 -37.56
N GLY B 42 -2.11 -0.27 -36.25
CA GLY B 42 -3.27 0.45 -35.77
C GLY B 42 -3.23 1.95 -35.67
N ARG B 43 -2.05 2.56 -35.65
CA ARG B 43 -2.01 4.00 -35.47
C ARG B 43 -2.88 4.75 -36.47
N ALA B 44 -3.14 6.02 -36.17
CA ALA B 44 -3.95 6.87 -37.03
C ALA B 44 -3.38 6.79 -38.43
N LYS B 45 -2.08 7.07 -38.54
CA LYS B 45 -1.35 7.00 -39.81
C LYS B 45 -0.64 5.63 -39.79
N PRO B 46 -1.24 4.64 -40.47
CA PRO B 46 -0.91 3.21 -40.68
C PRO B 46 0.50 2.64 -40.90
N GLY B 47 1.43 3.40 -41.49
CA GLY B 47 2.76 2.85 -41.64
C GLY B 47 3.81 3.93 -41.64
N LEU B 48 4.81 3.76 -42.51
CA LEU B 48 5.89 4.72 -42.64
C LEU B 48 5.38 6.14 -42.91
N LEU B 49 5.85 7.11 -42.16
CA LEU B 49 5.46 8.49 -42.35
C LEU B 49 6.75 9.25 -42.62
N ARG B 50 6.60 10.45 -43.18
CA ARG B 50 7.72 11.31 -43.53
C ARG B 50 8.89 11.29 -42.57
N GLN B 51 8.61 11.37 -41.28
CA GLN B 51 9.65 11.36 -40.25
C GLN B 51 10.41 10.05 -40.28
N HIS B 52 9.66 8.97 -40.41
CA HIS B 52 10.22 7.61 -40.42
C HIS B 52 11.04 7.38 -41.66
N LEU B 53 10.60 8.01 -42.75
CA LEU B 53 11.28 7.92 -44.02
C LEU B 53 12.58 8.59 -43.83
N THR B 54 12.56 9.76 -43.18
CA THR B 54 13.79 10.48 -42.93
C THR B 54 14.73 9.64 -42.08
N ALA B 55 14.18 9.01 -41.02
CA ALA B 55 14.96 8.13 -40.14
C ALA B 55 15.61 7.09 -41.05
N VAL B 56 14.79 6.47 -41.91
CA VAL B 56 15.25 5.45 -42.85
C VAL B 56 16.22 5.99 -43.89
N LYS B 57 16.04 7.21 -44.41
CA LYS B 57 16.94 7.80 -45.44
C LYS B 57 18.30 8.13 -44.85
N ALA B 58 18.26 8.61 -43.60
CA ALA B 58 19.46 8.97 -42.87
C ALA B 58 20.22 7.69 -42.57
N ALA B 59 19.50 6.67 -42.13
CA ALA B 59 20.13 5.39 -41.82
C ALA B 59 20.74 4.81 -43.07
N THR B 60 19.93 4.73 -44.12
CA THR B 60 20.39 4.18 -45.39
C THR B 60 21.25 5.18 -46.16
N GLU B 61 22.11 5.90 -45.46
CA GLU B 61 23.02 6.87 -46.03
C GLU B 61 24.27 6.81 -45.22
N ILE B 62 24.11 6.60 -43.92
CA ILE B 62 25.22 6.49 -43.00
C ILE B 62 25.89 5.15 -43.33
N CYS B 63 25.10 4.16 -43.74
CA CYS B 63 25.67 2.85 -44.00
C CYS B 63 25.47 2.22 -45.38
N GLY B 64 25.13 3.01 -46.40
CA GLY B 64 24.94 2.46 -47.74
C GLY B 64 24.05 1.23 -47.78
N ALA B 65 22.84 1.41 -47.26
CA ALA B 65 21.93 0.30 -47.18
C ALA B 65 21.10 0.00 -48.44
N THR B 66 20.41 -1.14 -48.37
CA THR B 66 19.51 -1.61 -49.39
C THR B 66 18.15 -1.74 -48.67
N VAL B 67 17.19 -0.91 -49.07
CA VAL B 67 15.86 -0.91 -48.47
C VAL B 67 14.71 -1.32 -49.42
N GLU B 68 13.68 -1.93 -48.84
CA GLU B 68 12.54 -2.38 -49.58
C GLU B 68 11.33 -2.08 -48.72
N GLY B 69 10.58 -1.06 -49.10
CA GLY B 69 9.35 -0.73 -48.43
C GLY B 69 9.37 0.73 -48.07
N ALA B 70 10.47 1.44 -48.37
CA ALA B 70 10.58 2.84 -47.95
C ALA B 70 9.61 3.84 -48.54
N GLU B 71 8.32 3.53 -48.47
CA GLU B 71 7.30 4.39 -49.05
C GLU B 71 6.36 4.92 -48.00
N LEU B 72 5.93 6.15 -48.21
CA LEU B 72 5.04 6.89 -47.31
C LEU B 72 3.85 6.22 -46.65
N GLY B 73 3.48 5.01 -47.06
CA GLY B 73 2.36 4.38 -46.40
C GLY B 73 2.72 2.97 -46.02
N SER B 74 3.96 2.60 -46.34
CA SER B 74 4.45 1.27 -46.07
C SER B 74 4.30 0.76 -44.65
N GLN B 75 3.88 -0.48 -44.56
CA GLN B 75 3.70 -1.14 -43.30
C GLN B 75 4.78 -2.24 -43.24
N ARG B 76 5.61 -2.29 -44.29
CA ARG B 76 6.68 -3.29 -44.40
C ARG B 76 7.97 -2.64 -44.83
N LEU B 77 9.06 -3.16 -44.31
CA LEU B 77 10.36 -2.63 -44.65
C LEU B 77 11.38 -3.74 -44.61
N LEU B 78 12.35 -3.68 -45.52
CA LEU B 78 13.46 -4.65 -45.52
C LEU B 78 14.67 -3.77 -45.54
N PHE B 79 15.63 -4.02 -44.64
CA PHE B 79 16.81 -3.16 -44.52
C PHE B 79 18.07 -4.01 -44.46
N ARG B 80 18.96 -3.76 -45.41
CA ARG B 80 20.23 -4.46 -45.51
C ARG B 80 21.25 -3.36 -45.43
N PRO B 81 21.87 -3.20 -44.27
CA PRO B 81 22.87 -2.15 -44.04
C PRO B 81 24.21 -2.53 -44.62
N GLY B 82 25.12 -1.57 -44.60
CA GLY B 82 26.46 -1.81 -45.05
C GLY B 82 27.45 -1.35 -43.98
N THR B 83 28.53 -0.69 -44.39
CA THR B 83 29.52 -0.24 -43.47
C THR B 83 29.19 1.17 -43.08
N VAL B 84 29.18 1.35 -41.77
CA VAL B 84 28.84 2.60 -41.17
C VAL B 84 30.03 3.45 -41.37
N ARG B 85 29.80 4.46 -42.19
CA ARG B 85 30.76 5.46 -42.60
C ARG B 85 30.68 6.67 -41.73
N GLY B 86 31.84 7.12 -41.33
CA GLY B 86 31.86 8.30 -40.52
C GLY B 86 31.91 9.46 -41.45
N GLY B 87 31.43 10.60 -40.98
CA GLY B 87 31.44 11.82 -41.76
C GLY B 87 30.44 12.89 -41.38
N ASP B 88 30.53 14.03 -42.05
CA ASP B 88 29.62 15.12 -41.79
C ASP B 88 28.34 14.99 -42.57
N TYR B 89 27.27 14.66 -41.84
CA TYR B 89 25.92 14.49 -42.34
C TYR B 89 25.09 15.66 -41.94
N ARG B 90 24.05 15.93 -42.71
CA ARG B 90 23.11 17.03 -42.48
C ARG B 90 21.76 16.45 -42.98
N PHE B 91 20.82 16.19 -42.05
CA PHE B 91 19.49 15.69 -42.38
C PHE B 91 18.51 16.84 -42.11
N ALA B 92 17.36 16.81 -42.75
CA ALA B 92 16.41 17.89 -42.58
C ALA B 92 15.01 17.30 -42.53
N ILE B 93 14.40 17.32 -41.35
CA ILE B 93 13.08 16.78 -41.19
C ILE B 93 12.19 17.98 -41.38
N GLY B 94 10.88 17.74 -41.32
CA GLY B 94 9.92 18.80 -41.48
C GLY B 94 9.74 19.74 -40.31
N SER B 95 8.52 19.85 -39.83
CA SER B 95 8.23 20.74 -38.72
C SER B 95 7.80 19.86 -37.58
N ALA B 96 7.05 18.82 -37.95
CA ALA B 96 6.56 17.84 -37.00
C ALA B 96 7.68 16.84 -36.72
N GLY B 97 8.77 16.99 -37.46
CA GLY B 97 9.89 16.10 -37.26
C GLY B 97 10.64 16.52 -36.03
N SER B 98 11.04 15.53 -35.24
CA SER B 98 11.81 15.74 -34.02
C SER B 98 13.28 15.35 -34.31
N CYS B 99 14.20 16.31 -34.21
CA CYS B 99 15.59 16.01 -34.49
C CYS B 99 15.98 14.87 -33.59
N THR B 100 15.48 14.88 -32.38
CA THR B 100 15.82 13.85 -31.40
C THR B 100 15.66 12.47 -32.03
N LEU B 101 14.55 12.20 -32.70
CA LEU B 101 14.38 10.85 -33.19
C LEU B 101 15.34 10.40 -34.26
N VAL B 102 15.67 11.31 -35.17
CA VAL B 102 16.59 11.02 -36.25
C VAL B 102 17.91 10.76 -35.54
N LEU B 103 18.30 11.68 -34.67
CA LEU B 103 19.56 11.54 -33.95
C LEU B 103 19.68 10.23 -33.15
N GLN B 104 18.59 9.74 -32.56
CA GLN B 104 18.74 8.51 -31.79
C GLN B 104 18.70 7.25 -32.62
N THR B 105 18.43 7.43 -33.92
CA THR B 105 18.40 6.29 -34.83
C THR B 105 19.79 6.19 -35.41
N VAL B 106 20.35 7.33 -35.75
CA VAL B 106 21.64 7.35 -36.39
C VAL B 106 22.85 7.24 -35.49
N LEU B 107 22.96 8.15 -34.51
CA LEU B 107 24.07 8.18 -33.57
C LEU B 107 24.58 6.86 -32.95
N PRO B 108 23.69 5.91 -32.64
CA PRO B 108 24.23 4.67 -32.08
C PRO B 108 25.15 3.98 -33.07
N ALA B 109 24.73 3.95 -34.35
CA ALA B 109 25.47 3.33 -35.44
C ALA B 109 26.84 4.00 -35.56
N LEU B 110 26.82 5.32 -35.61
CA LEU B 110 28.02 6.16 -35.70
C LEU B 110 29.00 5.93 -34.55
N TRP B 111 28.61 5.25 -33.47
CA TRP B 111 29.58 5.03 -32.40
C TRP B 111 30.50 3.98 -32.91
N PHE B 112 30.01 3.24 -33.89
CA PHE B 112 30.78 2.16 -34.45
C PHE B 112 31.37 2.48 -35.83
N ALA B 113 31.15 3.70 -36.31
CA ALA B 113 31.59 4.12 -37.65
C ALA B 113 33.05 4.00 -37.76
N ASP B 114 33.54 3.94 -39.01
CA ASP B 114 34.97 3.87 -39.31
C ASP B 114 35.73 5.12 -38.92
N GLY B 115 35.00 6.17 -38.54
CA GLY B 115 35.65 7.41 -38.13
C GLY B 115 34.67 8.31 -37.39
N PRO B 116 35.15 9.47 -36.93
CA PRO B 116 34.37 10.46 -36.20
C PRO B 116 33.32 11.07 -37.14
N SER B 117 32.23 11.59 -36.59
CA SER B 117 31.18 12.13 -37.45
C SER B 117 30.60 13.33 -36.81
N ARG B 118 29.72 13.99 -37.53
CA ARG B 118 29.01 15.11 -37.03
C ARG B 118 27.68 14.86 -37.70
N VAL B 119 26.58 15.08 -37.01
CA VAL B 119 25.27 14.89 -37.62
C VAL B 119 24.50 16.18 -37.36
N GLU B 120 24.01 16.82 -38.41
CA GLU B 120 23.25 18.03 -38.16
C GLU B 120 21.82 17.68 -38.62
N VAL B 121 20.83 18.00 -37.80
CA VAL B 121 19.44 17.70 -38.12
C VAL B 121 18.67 18.99 -37.87
N SER B 122 17.63 19.20 -38.68
CA SER B 122 16.81 20.42 -38.64
C SER B 122 15.42 19.95 -38.44
N GLY B 123 14.62 20.81 -37.86
CA GLY B 123 13.24 20.44 -37.60
C GLY B 123 12.85 20.90 -36.21
N GLY B 124 11.95 20.15 -35.57
CA GLY B 124 11.48 20.50 -34.22
C GLY B 124 12.39 20.11 -33.03
N THR B 125 12.84 21.11 -32.26
CA THR B 125 13.69 20.85 -31.11
C THR B 125 12.88 20.68 -29.83
N ASP B 126 11.75 21.39 -29.74
CA ASP B 126 10.90 21.32 -28.55
C ASP B 126 9.44 20.96 -28.91
N ASN B 127 9.08 19.68 -28.73
CA ASN B 127 7.71 19.23 -29.03
C ASN B 127 7.01 18.89 -27.70
N PRO B 128 5.79 19.43 -27.52
CA PRO B 128 4.95 19.26 -26.34
C PRO B 128 4.87 17.82 -26.00
N SER B 129 4.52 17.03 -27.00
CA SER B 129 4.41 15.60 -26.77
C SER B 129 5.64 14.88 -27.35
N ALA B 130 6.67 14.72 -26.50
CA ALA B 130 7.94 14.07 -26.84
C ALA B 130 9.05 14.75 -26.02
N PRO B 131 10.29 14.19 -26.05
CA PRO B 131 11.44 14.74 -25.30
C PRO B 131 12.26 15.79 -26.08
N PRO B 132 12.62 16.90 -25.41
CA PRO B 132 13.41 17.96 -26.05
C PRO B 132 14.81 17.47 -26.35
N ALA B 133 15.39 18.14 -27.32
CA ALA B 133 16.72 17.86 -27.78
C ALA B 133 17.77 18.16 -26.71
N ASP B 134 17.38 18.95 -25.70
CA ASP B 134 18.27 19.29 -24.58
C ASP B 134 18.50 18.06 -23.69
N PHE B 135 17.49 17.19 -23.60
CA PHE B 135 17.60 15.99 -22.80
C PHE B 135 18.88 15.26 -23.21
N ILE B 136 19.21 15.26 -24.51
CA ILE B 136 20.40 14.58 -24.98
C ILE B 136 21.67 15.13 -24.38
N ARG B 137 21.86 16.44 -24.50
CA ARG B 137 23.06 17.05 -23.94
C ARG B 137 23.16 17.10 -22.39
N ARG B 138 22.11 17.62 -21.75
CA ARG B 138 22.06 17.80 -20.28
C ARG B 138 21.74 16.59 -19.42
N VAL B 139 21.27 15.53 -20.04
CA VAL B 139 20.90 14.32 -19.31
C VAL B 139 21.54 12.98 -19.73
N LEU B 140 21.49 12.57 -21.02
CA LEU B 140 22.09 11.27 -21.35
C LEU B 140 23.49 11.26 -21.83
N GLU B 141 23.92 12.35 -22.45
CA GLU B 141 25.28 12.35 -22.92
C GLU B 141 26.27 11.95 -21.86
N PRO B 142 26.06 12.35 -20.58
CA PRO B 142 26.97 11.99 -19.50
C PRO B 142 26.95 10.52 -19.11
N LEU B 143 25.75 9.92 -19.09
CA LEU B 143 25.65 8.52 -18.76
C LEU B 143 26.42 7.86 -19.87
N LEU B 144 26.16 8.25 -21.11
CA LEU B 144 26.87 7.68 -22.27
C LEU B 144 28.37 7.78 -22.06
N ALA B 145 28.89 8.98 -21.84
CA ALA B 145 30.33 9.16 -21.61
C ALA B 145 30.86 8.11 -20.59
N LYS B 146 30.10 7.88 -19.52
CA LYS B 146 30.48 6.89 -18.50
C LYS B 146 30.51 5.48 -19.11
N ILE B 147 29.64 5.21 -20.07
CA ILE B 147 29.61 3.91 -20.71
C ILE B 147 30.82 3.79 -21.64
N GLY B 148 31.58 4.86 -21.85
CA GLY B 148 32.71 4.76 -22.76
C GLY B 148 32.39 5.33 -24.14
N ILE B 149 31.14 5.77 -24.33
CA ILE B 149 30.64 6.28 -25.58
C ILE B 149 30.91 7.75 -25.62
N HIS B 150 31.36 8.30 -26.75
CA HIS B 150 31.65 9.73 -26.79
C HIS B 150 30.93 10.54 -27.82
N GLN B 151 29.93 11.25 -27.32
CA GLN B 151 29.04 12.07 -28.11
C GLN B 151 28.84 13.44 -27.42
N GLN B 152 28.64 14.51 -28.21
CA GLN B 152 28.47 15.92 -27.78
C GLN B 152 27.43 16.57 -28.72
N THR B 153 26.28 16.93 -28.15
CA THR B 153 25.16 17.49 -28.87
C THR B 153 25.00 18.98 -28.58
N THR B 154 25.14 19.91 -29.54
CA THR B 154 24.86 21.30 -29.17
C THR B 154 23.56 21.64 -29.82
N LEU B 155 22.71 22.39 -29.14
CA LEU B 155 21.44 22.80 -29.73
C LEU B 155 21.92 24.11 -30.32
N LEU B 156 21.67 24.35 -31.61
CA LEU B 156 22.14 25.60 -32.19
C LEU B 156 21.05 26.60 -32.50
N ARG B 157 19.79 26.13 -32.61
CA ARG B 157 18.64 26.99 -32.89
C ARG B 157 17.48 26.11 -32.47
N HIS B 158 16.47 26.73 -31.87
CA HIS B 158 15.28 26.02 -31.39
C HIS B 158 14.22 26.06 -32.43
N GLY B 159 13.41 25.02 -32.41
CA GLY B 159 12.32 24.93 -33.34
C GLY B 159 11.21 24.40 -32.44
N PHE B 160 10.29 25.28 -32.13
CA PHE B 160 9.21 24.91 -31.24
C PHE B 160 8.03 24.35 -32.01
N TYR B 161 7.57 23.16 -31.65
CA TYR B 161 6.42 22.57 -32.31
C TYR B 161 5.35 23.66 -32.19
N PRO B 162 4.62 23.94 -33.29
CA PRO B 162 4.64 23.39 -34.65
C PRO B 162 5.51 24.12 -35.70
N ALA B 163 6.26 25.13 -35.26
CA ALA B 163 7.08 25.93 -36.15
C ALA B 163 8.10 25.16 -37.02
N GLY B 164 9.06 24.50 -36.37
CA GLY B 164 10.11 23.81 -37.10
C GLY B 164 11.27 24.78 -37.12
N GLY B 165 12.27 24.54 -37.96
CA GLY B 165 13.41 25.45 -38.05
C GLY B 165 14.53 25.33 -37.03
N GLY B 166 14.46 24.28 -36.21
CA GLY B 166 15.46 24.09 -35.20
C GLY B 166 16.63 23.40 -35.79
N VAL B 167 17.76 23.49 -35.10
CA VAL B 167 18.98 22.91 -35.59
C VAL B 167 19.67 22.36 -34.38
N VAL B 168 20.00 21.09 -34.45
CA VAL B 168 20.72 20.37 -33.39
C VAL B 168 21.87 19.66 -34.13
N ALA B 169 23.08 19.66 -33.56
CA ALA B 169 24.18 19.02 -34.19
C ALA B 169 24.96 18.28 -33.13
N THR B 170 25.36 17.04 -33.45
CA THR B 170 26.12 16.17 -32.56
C THR B 170 27.46 15.68 -33.17
N GLU B 171 28.53 15.72 -32.36
CA GLU B 171 29.89 15.27 -32.71
C GLU B 171 29.99 13.89 -32.02
N VAL B 172 30.54 12.89 -32.70
CA VAL B 172 30.65 11.55 -32.12
C VAL B 172 32.05 11.06 -32.43
N SER B 173 32.43 9.97 -31.79
CA SER B 173 33.75 9.36 -31.95
C SER B 173 33.57 7.88 -31.66
N PRO B 174 34.02 7.05 -32.60
CA PRO B 174 33.87 5.63 -32.39
C PRO B 174 34.32 5.23 -31.03
N VAL B 175 33.46 4.45 -30.41
CA VAL B 175 33.69 3.89 -29.10
C VAL B 175 34.99 3.05 -29.07
N ALA B 176 35.97 3.48 -28.27
CA ALA B 176 37.22 2.73 -28.11
C ALA B 176 36.92 1.48 -27.28
N SER B 177 36.62 1.70 -26.01
CA SER B 177 36.32 0.64 -25.05
C SER B 177 35.08 1.03 -24.24
N PHE B 178 34.29 0.02 -23.91
CA PHE B 178 33.04 0.19 -23.18
C PHE B 178 33.18 -0.04 -21.69
N ASN B 179 32.30 0.60 -20.96
CA ASN B 179 32.30 0.50 -19.52
C ASN B 179 30.98 0.00 -19.03
N THR B 180 31.01 -0.39 -17.78
CA THR B 180 29.84 -0.90 -17.13
C THR B 180 29.27 0.21 -16.28
N LEU B 181 28.01 0.54 -16.55
CA LEU B 181 27.31 1.59 -15.83
C LEU B 181 26.52 0.88 -14.75
N GLN B 182 26.85 1.18 -13.48
CA GLN B 182 26.13 0.59 -12.36
C GLN B 182 25.42 1.68 -11.57
N LEU B 183 24.14 1.84 -11.85
CA LEU B 183 23.32 2.84 -11.21
C LEU B 183 22.31 2.15 -10.30
N GLY B 184 21.76 2.89 -9.35
CA GLY B 184 20.80 2.29 -8.48
C GLY B 184 20.13 3.29 -7.58
N GLU B 185 20.76 3.58 -6.44
CA GLU B 185 20.23 4.56 -5.52
C GLU B 185 20.51 5.90 -6.15
N ARG B 186 19.50 6.75 -6.12
CA ARG B 186 19.61 8.10 -6.62
C ARG B 186 20.61 8.92 -5.77
N GLY B 187 20.70 8.58 -4.50
CA GLY B 187 21.60 9.29 -3.62
C GLY B 187 20.81 10.50 -3.16
N ASN B 188 21.43 11.35 -2.36
CA ASN B 188 20.72 12.52 -1.84
C ASN B 188 20.75 13.66 -2.81
N ILE B 189 19.66 14.41 -2.83
CA ILE B 189 19.61 15.57 -3.74
C ILE B 189 20.84 16.41 -3.51
N VAL B 190 21.30 17.12 -4.51
CA VAL B 190 22.49 17.96 -4.41
C VAL B 190 22.11 19.35 -4.88
N GLN B 191 21.03 19.45 -5.65
CA GLN B 191 20.51 20.76 -6.08
C GLN B 191 19.43 20.68 -7.14
N MSE B 192 18.53 21.63 -7.13
CA MSE B 192 17.45 21.60 -8.08
C MSE B 192 17.59 22.95 -8.74
O MSE B 192 18.17 23.83 -8.16
CB MSE B 192 16.10 21.52 -7.41
CG MSE B 192 16.04 20.58 -6.29
SE MSE B 192 14.34 19.72 -6.52
CE MSE B 192 15.11 17.98 -6.54
N ARG B 193 17.17 23.03 -9.99
CA ARG B 193 17.23 24.26 -10.77
C ARG B 193 16.12 24.22 -11.78
N GLY B 194 15.34 25.28 -11.77
CA GLY B 194 14.22 25.41 -12.67
C GLY B 194 14.70 26.26 -13.80
N GLU B 195 14.11 26.11 -14.98
CA GLU B 195 14.51 26.90 -16.13
C GLU B 195 13.37 27.05 -17.09
N VAL B 196 13.16 28.28 -17.55
CA VAL B 196 12.09 28.61 -18.50
C VAL B 196 12.70 29.14 -19.79
N LEU B 197 12.25 28.67 -20.95
CA LEU B 197 12.79 29.14 -22.24
C LEU B 197 11.70 29.89 -22.94
N LEU B 198 11.84 31.19 -23.10
CA LEU B 198 10.85 31.98 -23.82
C LEU B 198 11.40 32.39 -25.21
N ALA B 199 10.58 32.22 -26.23
CA ALA B 199 10.95 32.63 -27.58
C ALA B 199 9.63 33.25 -27.99
N GLY B 200 9.57 34.56 -28.02
CA GLY B 200 8.33 35.19 -28.44
C GLY B 200 7.12 35.05 -27.53
N VAL B 201 7.36 34.82 -26.25
CA VAL B 201 6.30 34.73 -25.24
C VAL B 201 6.76 35.72 -24.18
N PRO B 202 5.83 36.31 -23.40
CA PRO B 202 6.19 37.29 -22.36
C PRO B 202 6.80 36.81 -21.06
N ARG B 203 7.63 37.68 -20.48
CA ARG B 203 8.33 37.37 -19.23
C ARG B 203 7.45 37.27 -18.00
N HIS B 204 6.16 37.03 -18.20
CA HIS B 204 5.26 36.87 -17.09
C HIS B 204 4.88 35.41 -17.04
N VAL B 205 5.06 34.73 -18.16
CA VAL B 205 4.76 33.32 -18.24
C VAL B 205 5.92 32.61 -17.58
N ALA B 206 7.15 33.11 -17.80
CA ALA B 206 8.33 32.51 -17.22
C ALA B 206 8.23 32.56 -15.70
N GLU B 207 8.03 33.76 -15.16
CA GLU B 207 7.89 33.99 -13.73
C GLU B 207 6.82 33.10 -13.12
N ARG B 208 5.61 33.16 -13.67
CA ARG B 208 4.46 32.34 -13.22
C ARG B 208 4.86 30.87 -13.18
N GLU B 209 5.60 30.45 -14.21
CA GLU B 209 6.04 29.09 -14.35
C GLU B 209 7.07 28.80 -13.34
N ILE B 210 8.00 29.70 -13.19
CA ILE B 210 9.05 29.47 -12.23
C ILE B 210 8.43 29.42 -10.80
N ALA B 211 7.59 30.40 -10.48
CA ALA B 211 6.93 30.48 -9.19
C ALA B 211 6.40 29.13 -8.80
N THR B 212 5.50 28.60 -9.61
CA THR B 212 4.90 27.30 -9.34
C THR B 212 5.98 26.24 -8.95
N LEU B 213 7.11 26.24 -9.66
CA LEU B 213 8.17 25.30 -9.38
C LEU B 213 8.69 25.57 -7.99
N ALA B 214 8.99 26.84 -7.75
CA ALA B 214 9.49 27.27 -6.45
C ALA B 214 8.39 26.98 -5.45
N GLY B 215 7.18 26.73 -5.93
CA GLY B 215 6.06 26.44 -5.05
C GLY B 215 6.14 25.12 -4.26
N SER B 216 6.84 24.14 -4.81
CA SER B 216 6.95 22.87 -4.14
C SER B 216 8.38 22.45 -4.09
N PHE B 217 9.28 23.25 -4.65
CA PHE B 217 10.69 22.88 -4.70
C PHE B 217 11.53 23.99 -4.28
N SER B 218 12.71 23.60 -3.83
CA SER B 218 13.69 24.54 -3.33
C SER B 218 14.79 24.66 -4.40
N LEU B 219 14.48 25.52 -5.36
CA LEU B 219 15.35 25.78 -6.48
C LEU B 219 16.61 26.60 -6.16
N HIS B 220 17.77 26.02 -6.39
CA HIS B 220 19.05 26.72 -6.17
C HIS B 220 19.22 27.88 -7.18
N GLU B 221 18.59 27.75 -8.35
CA GLU B 221 18.66 28.77 -9.38
C GLU B 221 17.34 28.74 -10.08
N GLN B 222 16.86 29.92 -10.43
CA GLN B 222 15.60 30.10 -11.13
C GLN B 222 16.04 30.89 -12.35
N ASN B 223 16.38 30.19 -13.43
CA ASN B 223 16.79 30.82 -14.66
C ASN B 223 15.66 30.95 -15.71
N ILE B 224 15.61 32.12 -16.32
CA ILE B 224 14.68 32.44 -17.41
C ILE B 224 15.59 32.66 -18.62
N HIS B 225 15.31 31.92 -19.69
CA HIS B 225 16.13 31.91 -20.93
C HIS B 225 15.29 32.42 -22.09
N ASN B 226 15.73 33.56 -22.60
CA ASN B 226 15.12 34.28 -23.69
C ASN B 226 15.81 34.09 -25.02
N LEU B 227 14.97 33.63 -25.95
CA LEU B 227 15.34 33.32 -27.32
C LEU B 227 14.80 34.38 -28.28
N PRO B 228 15.53 34.63 -29.37
CA PRO B 228 15.05 35.62 -30.29
C PRO B 228 13.70 35.15 -30.75
N ARG B 229 12.83 36.12 -31.10
CA ARG B 229 11.44 35.86 -31.55
C ARG B 229 11.50 34.96 -32.78
N ASP B 230 12.63 35.09 -33.47
CA ASP B 230 13.03 34.38 -34.68
C ASP B 230 12.73 32.92 -34.47
N GLN B 231 13.04 32.46 -33.24
CA GLN B 231 12.88 31.08 -32.82
C GLN B 231 11.45 30.70 -32.65
N GLY B 232 10.58 31.61 -33.08
CA GLY B 232 9.16 31.41 -33.02
C GLY B 232 8.69 31.51 -31.59
N PRO B 233 7.36 31.46 -31.36
CA PRO B 233 6.76 31.54 -30.02
C PRO B 233 6.94 30.19 -29.35
N GLY B 234 7.71 30.15 -28.29
CA GLY B 234 7.91 28.87 -27.66
C GLY B 234 8.18 29.12 -26.22
N ASN B 235 7.84 28.11 -25.42
CA ASN B 235 7.99 28.14 -23.99
C ASN B 235 8.23 26.74 -23.59
N THR B 236 9.31 26.52 -22.86
CA THR B 236 9.65 25.19 -22.37
C THR B 236 10.17 25.41 -21.02
N VAL B 237 9.63 24.61 -20.08
CA VAL B 237 10.06 24.70 -18.69
C VAL B 237 10.66 23.38 -18.21
N SER B 238 11.77 23.50 -17.49
CA SER B 238 12.49 22.36 -17.00
C SER B 238 13.06 22.55 -15.61
N LEU B 239 13.24 21.40 -14.99
CA LEU B 239 13.69 21.29 -13.64
C LEU B 239 14.64 20.16 -13.63
N GLU B 240 15.80 20.49 -13.09
CA GLU B 240 16.89 19.57 -12.95
C GLU B 240 17.02 19.08 -11.52
N VAL B 241 17.20 17.77 -11.40
CA VAL B 241 17.33 17.13 -10.16
C VAL B 241 18.72 16.54 -10.05
N GLU B 242 19.71 17.36 -9.69
CA GLU B 242 21.04 16.84 -9.50
C GLU B 242 21.15 16.07 -8.13
N SER B 243 21.01 14.75 -8.14
CA SER B 243 21.15 14.02 -6.92
C SER B 243 22.61 13.61 -6.83
N GLU B 244 22.97 12.77 -5.88
CA GLU B 244 24.39 12.41 -5.73
C GLU B 244 24.96 11.55 -6.83
N ASN B 245 24.27 10.43 -7.07
CA ASN B 245 24.69 9.43 -8.05
C ASN B 245 24.19 9.64 -9.50
N ILE B 246 23.42 10.70 -9.74
CA ILE B 246 22.90 10.96 -11.05
C ILE B 246 22.24 12.33 -11.10
N THR B 247 22.17 12.89 -12.31
CA THR B 247 21.50 14.15 -12.53
C THR B 247 20.44 13.86 -13.61
N GLU B 248 19.22 14.27 -13.35
CA GLU B 248 18.13 14.09 -14.24
C GLU B 248 17.57 15.44 -14.47
N ARG B 249 16.67 15.56 -15.44
CA ARG B 249 16.08 16.81 -15.77
C ARG B 249 14.80 16.48 -16.46
N PHE B 250 13.75 17.18 -16.10
CA PHE B 250 12.40 16.94 -16.62
C PHE B 250 11.92 18.20 -17.31
N PHE B 251 11.12 18.03 -18.35
CA PHE B 251 10.71 19.17 -19.17
C PHE B 251 9.31 18.99 -19.52
N VAL B 252 8.69 20.13 -19.71
CA VAL B 252 7.31 20.20 -20.12
C VAL B 252 7.33 21.37 -21.06
N VAL B 253 6.77 21.12 -22.25
CA VAL B 253 6.73 22.13 -23.28
C VAL B 253 5.40 22.79 -23.23
N GLY B 254 5.41 24.06 -22.94
CA GLY B 254 4.18 24.79 -22.92
C GLY B 254 3.49 24.63 -24.26
N GLU B 255 2.20 24.34 -24.20
CA GLU B 255 1.34 24.13 -25.38
C GLU B 255 0.62 25.41 -25.76
N LYS B 256 -0.12 25.35 -26.87
CA LYS B 256 -0.91 26.47 -27.40
C LYS B 256 -1.92 26.95 -26.33
N ARG B 257 -2.88 26.09 -26.06
CA ARG B 257 -3.93 26.36 -25.09
C ARG B 257 -3.66 25.74 -23.73
N VAL B 258 -2.50 26.06 -23.18
CA VAL B 258 -2.12 25.56 -21.86
C VAL B 258 -1.51 26.75 -21.09
N SER B 259 -2.02 27.02 -19.89
CA SER B 259 -1.56 28.13 -19.08
C SER B 259 -0.27 27.92 -18.30
N ALA B 260 0.39 29.01 -17.95
CA ALA B 260 1.66 28.94 -17.24
C ALA B 260 1.65 27.94 -16.08
N GLU B 261 0.61 27.98 -15.28
CA GLU B 261 0.53 27.10 -14.12
C GLU B 261 0.24 25.65 -14.46
N VAL B 262 -0.50 25.42 -15.54
CA VAL B 262 -0.79 24.08 -16.01
C VAL B 262 0.54 23.49 -16.48
N VAL B 263 1.26 24.25 -17.31
CA VAL B 263 2.54 23.83 -17.80
C VAL B 263 3.35 23.51 -16.54
N ALA B 264 3.61 24.53 -15.71
CA ALA B 264 4.40 24.29 -14.49
C ALA B 264 3.96 23.04 -13.67
N ALA B 265 2.66 22.90 -13.44
CA ALA B 265 2.13 21.77 -12.70
C ALA B 265 2.40 20.37 -13.32
N GLN B 266 2.50 20.28 -14.65
CA GLN B 266 2.74 18.99 -15.26
C GLN B 266 4.12 18.61 -14.79
N LEU B 267 5.01 19.60 -14.83
CA LEU B 267 6.43 19.41 -14.52
C LEU B 267 6.58 19.03 -13.07
N VAL B 268 5.79 19.68 -12.23
CA VAL B 268 5.87 19.36 -10.82
C VAL B 268 5.36 17.92 -10.53
N LYS B 269 4.32 17.48 -11.23
CA LYS B 269 3.80 16.12 -11.09
C LYS B 269 4.97 15.17 -11.37
N GLU B 270 5.57 15.28 -12.57
CA GLU B 270 6.68 14.42 -12.92
C GLU B 270 7.85 14.45 -11.96
N VAL B 271 8.34 15.65 -11.65
CA VAL B 271 9.51 15.75 -10.77
C VAL B 271 9.28 15.01 -9.47
N LYS B 272 8.07 15.16 -8.94
CA LYS B 272 7.69 14.49 -7.73
C LYS B 272 7.63 13.00 -7.96
N ARG B 273 6.91 12.57 -9.01
CA ARG B 273 6.80 11.16 -9.35
C ARG B 273 8.21 10.55 -9.30
N TYR B 274 9.19 11.29 -9.84
CA TYR B 274 10.58 10.84 -9.89
C TYR B 274 11.07 10.69 -8.49
N LEU B 275 11.00 11.81 -7.79
CA LEU B 275 11.45 11.97 -6.41
C LEU B 275 10.77 10.91 -5.48
N ALA B 276 9.54 10.52 -5.80
CA ALA B 276 8.85 9.52 -4.98
C ALA B 276 9.48 8.09 -4.95
N SER B 277 10.66 7.87 -5.56
CA SER B 277 11.26 6.53 -5.55
C SER B 277 12.75 6.71 -5.54
N THR B 278 13.45 5.70 -5.04
CA THR B 278 14.91 5.74 -4.92
C THR B 278 15.69 5.55 -6.22
N ALA B 279 14.93 5.15 -7.23
CA ALA B 279 15.39 4.87 -8.57
C ALA B 279 16.20 6.00 -9.12
N ALA B 280 17.42 5.68 -9.49
CA ALA B 280 18.33 6.62 -10.08
C ALA B 280 17.68 7.34 -11.26
N VAL B 281 17.23 6.53 -12.24
CA VAL B 281 16.65 7.00 -13.52
C VAL B 281 15.13 6.99 -13.79
N GLY B 282 14.72 7.90 -14.67
CA GLY B 282 13.33 8.05 -15.06
C GLY B 282 13.01 7.13 -16.21
N GLU B 283 11.72 6.87 -16.41
CA GLU B 283 11.25 5.94 -17.46
C GLU B 283 11.91 6.13 -18.80
N TYR B 284 12.03 7.39 -19.21
CA TYR B 284 12.63 7.71 -20.49
C TYR B 284 14.12 7.44 -20.55
N LEU B 285 14.85 7.88 -19.54
CA LEU B 285 16.28 7.63 -19.56
C LEU B 285 16.55 6.14 -19.48
N ALA B 286 15.62 5.42 -18.86
CA ALA B 286 15.78 3.99 -18.72
C ALA B 286 15.77 3.45 -20.15
N ASP B 287 14.72 3.84 -20.91
CA ASP B 287 14.49 3.46 -22.33
C ASP B 287 15.75 3.64 -23.18
N GLN B 288 16.49 4.71 -22.91
CA GLN B 288 17.69 5.07 -23.63
C GLN B 288 18.91 4.34 -23.15
N LEU B 289 18.88 3.82 -21.93
CA LEU B 289 20.07 3.18 -21.46
C LEU B 289 20.12 1.74 -21.85
N VAL B 290 18.96 1.20 -22.24
CA VAL B 290 18.85 -0.22 -22.66
C VAL B 290 19.93 -0.56 -23.67
N LEU B 291 19.88 0.14 -24.80
CA LEU B 291 20.81 -0.07 -25.89
C LEU B 291 22.29 0.06 -25.53
N PRO B 292 22.70 1.25 -25.04
CA PRO B 292 24.13 1.37 -24.72
C PRO B 292 24.62 0.28 -23.80
N MSE B 293 23.92 0.00 -22.70
CA MSE B 293 24.44 -1.02 -21.78
C MSE B 293 24.51 -2.39 -22.42
O MSE B 293 25.31 -3.22 -22.04
CB MSE B 293 23.62 -1.06 -20.48
CG MSE B 293 24.25 -0.35 -19.25
SE MSE B 293 22.81 0.33 -18.09
CE MSE B 293 21.72 -1.20 -18.09
N ALA B 294 23.63 -2.62 -23.39
CA ALA B 294 23.59 -3.88 -24.14
C ALA B 294 24.85 -3.97 -25.00
N LEU B 295 25.22 -2.88 -25.64
CA LEU B 295 26.42 -2.92 -26.45
C LEU B 295 27.58 -3.12 -25.48
N ALA B 296 27.43 -2.54 -24.28
CA ALA B 296 28.43 -2.62 -23.19
C ALA B 296 28.58 -4.02 -22.64
N GLY B 297 27.55 -4.83 -22.85
CA GLY B 297 27.55 -6.22 -22.39
C GLY B 297 27.32 -6.48 -20.91
N ALA B 298 26.91 -5.45 -20.19
CA ALA B 298 26.66 -5.51 -18.77
C ALA B 298 26.31 -4.13 -18.30
N GLY B 299 25.83 -4.04 -17.05
CA GLY B 299 25.46 -2.75 -16.52
C GLY B 299 24.07 -2.84 -16.01
N GLU B 300 23.69 -1.82 -15.27
CA GLU B 300 22.38 -1.82 -14.70
C GLU B 300 22.02 -0.46 -14.22
N PHE B 301 20.77 -0.38 -13.85
CA PHE B 301 20.24 0.84 -13.40
C PHE B 301 18.88 0.49 -12.78
N THR B 302 18.39 1.36 -11.91
CA THR B 302 17.12 1.13 -11.30
C THR B 302 16.15 2.15 -11.83
N VAL B 303 14.90 1.70 -11.99
CA VAL B 303 13.81 2.51 -12.49
C VAL B 303 12.58 2.17 -11.65
N ALA B 304 11.72 3.16 -11.38
CA ALA B 304 10.52 2.93 -10.58
C ALA B 304 9.70 1.78 -11.10
N HIS B 305 9.14 1.94 -12.27
CA HIS B 305 8.33 0.87 -12.86
C HIS B 305 8.81 0.55 -14.27
N PRO B 306 8.70 -0.70 -14.67
CA PRO B 306 9.13 -1.07 -16.03
C PRO B 306 8.04 -0.54 -16.96
N SER B 307 8.41 0.24 -17.96
CA SER B 307 7.43 0.78 -18.89
C SER B 307 7.21 -0.19 -20.02
N CYS B 308 6.22 0.12 -20.85
CA CYS B 308 5.96 -0.72 -22.00
C CYS B 308 7.05 -0.55 -23.11
N HIS B 309 7.61 0.66 -23.23
CA HIS B 309 8.70 0.97 -24.18
C HIS B 309 9.93 0.24 -23.72
N LEU B 310 10.12 0.16 -22.40
CA LEU B 310 11.27 -0.50 -21.81
C LEU B 310 11.14 -1.92 -22.31
N LEU B 311 9.98 -2.51 -22.10
CA LEU B 311 9.77 -3.85 -22.55
C LEU B 311 10.17 -4.04 -24.02
N THR B 312 9.57 -3.27 -24.93
CA THR B 312 9.88 -3.43 -26.35
C THR B 312 11.32 -3.11 -26.78
N ASN B 313 11.93 -2.10 -26.18
CA ASN B 313 13.31 -1.74 -26.53
C ASN B 313 14.19 -2.94 -26.18
N ILE B 314 13.92 -3.56 -25.04
CA ILE B 314 14.68 -4.69 -24.52
C ILE B 314 14.50 -5.83 -25.49
N ALA B 315 13.30 -5.93 -26.04
CA ALA B 315 13.00 -6.99 -27.00
C ALA B 315 13.91 -6.88 -28.23
N VAL B 316 13.79 -5.80 -28.98
CA VAL B 316 14.61 -5.54 -30.13
C VAL B 316 16.07 -5.71 -29.80
N VAL B 317 16.58 -5.06 -28.77
CA VAL B 317 18.00 -5.24 -28.44
C VAL B 317 18.36 -6.72 -28.38
N GLU B 318 17.55 -7.47 -27.64
CA GLU B 318 17.80 -8.90 -27.47
C GLU B 318 17.61 -9.69 -28.71
N ARG B 319 16.92 -9.11 -29.70
CA ARG B 319 16.66 -9.76 -30.98
C ARG B 319 17.90 -9.71 -31.90
N PHE B 320 18.65 -8.63 -31.80
CA PHE B 320 19.86 -8.44 -32.59
C PHE B 320 21.13 -8.80 -31.84
N LEU B 321 21.13 -8.72 -30.50
CA LEU B 321 22.33 -8.99 -29.69
C LEU B 321 22.20 -10.16 -28.68
N PRO B 322 23.33 -10.78 -28.32
CA PRO B 322 23.45 -11.90 -27.39
C PRO B 322 23.46 -11.35 -25.93
N VAL B 323 22.33 -10.78 -25.56
CA VAL B 323 22.20 -10.17 -24.26
C VAL B 323 20.88 -10.58 -23.62
N ARG B 324 20.93 -10.69 -22.30
CA ARG B 324 19.80 -11.03 -21.48
C ARG B 324 19.65 -9.91 -20.45
N PHE B 325 18.49 -9.29 -20.47
CA PHE B 325 18.14 -8.24 -19.54
C PHE B 325 17.35 -8.95 -18.41
N SER B 326 17.39 -8.42 -17.18
CA SER B 326 16.66 -9.00 -16.08
C SER B 326 15.99 -7.87 -15.32
N LEU B 327 14.68 -7.98 -15.18
CA LEU B 327 13.93 -6.99 -14.49
C LEU B 327 13.53 -7.67 -13.18
N ILE B 328 13.75 -7.00 -12.04
CA ILE B 328 13.41 -7.52 -10.74
C ILE B 328 12.68 -6.40 -10.06
N GLU B 329 11.35 -6.47 -10.05
CA GLU B 329 10.51 -5.43 -9.45
C GLU B 329 10.44 -5.60 -7.93
N THR B 330 11.43 -5.05 -7.23
CA THR B 330 11.49 -5.18 -5.77
C THR B 330 11.45 -3.94 -4.88
N ASP B 331 10.30 -3.75 -4.24
CA ASP B 331 10.06 -2.64 -3.33
C ASP B 331 9.78 -1.33 -4.05
N GLY B 332 8.92 -1.39 -5.06
CA GLY B 332 8.53 -0.21 -5.80
C GLY B 332 9.57 0.30 -6.78
N VAL B 333 10.68 -0.43 -6.88
CA VAL B 333 11.78 -0.09 -7.77
C VAL B 333 12.12 -1.36 -8.53
N THR B 334 12.37 -1.21 -9.84
CA THR B 334 12.72 -2.34 -10.68
C THR B 334 14.16 -2.25 -11.14
N ARG B 335 14.86 -3.35 -10.96
CA ARG B 335 16.24 -3.37 -11.33
C ARG B 335 16.47 -4.02 -12.69
N VAL B 336 16.86 -3.21 -13.67
CA VAL B 336 17.13 -3.67 -15.03
C VAL B 336 18.65 -3.92 -15.14
N SER B 337 19.02 -5.17 -15.39
CA SER B 337 20.42 -5.57 -15.46
C SER B 337 20.66 -6.38 -16.72
N ILE B 338 21.91 -6.51 -17.14
CA ILE B 338 22.22 -7.25 -18.33
C ILE B 338 23.01 -8.53 -18.03
N GLU B 339 23.02 -9.41 -19.03
CA GLU B 339 23.72 -10.70 -18.98
C GLU B 339 24.18 -11.16 -20.37
N MSE C 5 -19.17 13.03 42.72
CA MSE C 5 -19.69 12.13 41.66
C MSE C 5 -18.57 11.86 40.67
O MSE C 5 -17.96 12.81 40.17
CB MSE C 5 -20.86 12.79 40.93
CG MSE C 5 -21.70 11.79 40.19
SE MSE C 5 -22.06 12.40 38.41
CE MSE C 5 -23.95 12.33 38.41
N ILE C 6 -18.37 10.57 40.36
CA ILE C 6 -17.28 10.11 39.48
C ILE C 6 -17.24 10.66 38.08
N ALA C 7 -16.08 11.17 37.70
CA ALA C 7 -15.87 11.71 36.36
C ALA C 7 -14.74 10.93 35.68
N LEU C 8 -15.06 10.36 34.52
CA LEU C 8 -14.10 9.58 33.77
C LEU C 8 -13.82 10.34 32.53
N ASP C 9 -12.61 10.18 32.00
CA ASP C 9 -12.21 10.84 30.78
C ASP C 9 -12.27 9.87 29.60
N GLY C 10 -13.21 10.06 28.67
CA GLY C 10 -13.35 9.19 27.50
C GLY C 10 -12.14 9.00 26.57
N ALA C 11 -11.22 9.96 26.52
CA ALA C 11 -10.06 9.85 25.67
C ALA C 11 -8.97 9.06 26.40
N GLN C 12 -9.26 8.66 27.62
CA GLN C 12 -8.28 7.92 28.42
C GLN C 12 -7.95 6.54 27.88
N GLY C 13 -6.69 6.14 28.10
CA GLY C 13 -6.20 4.83 27.73
C GLY C 13 -6.44 4.53 26.28
N GLU C 14 -7.01 3.37 25.96
CA GLU C 14 -7.25 3.05 24.56
C GLU C 14 -8.18 4.02 23.84
N GLY C 15 -8.99 4.73 24.60
CA GLY C 15 -9.87 5.74 24.03
C GLY C 15 -11.35 5.41 23.97
N GLY C 16 -12.03 5.51 25.11
CA GLY C 16 -13.45 5.23 25.19
C GLY C 16 -13.93 3.90 24.67
N GLY C 17 -15.22 3.67 24.81
CA GLY C 17 -15.82 2.43 24.35
C GLY C 17 -15.90 1.47 25.52
N GLN C 18 -14.76 0.90 25.89
CA GLN C 18 -14.66 -0.08 26.97
C GLN C 18 -14.89 0.62 28.28
N ILE C 19 -14.29 1.80 28.37
CA ILE C 19 -14.45 2.71 29.52
C ILE C 19 -15.93 2.93 29.80
N LEU C 20 -16.70 3.20 28.77
CA LEU C 20 -18.13 3.44 28.93
C LEU C 20 -18.79 2.16 29.42
N ARG C 21 -18.42 1.01 28.90
CA ARG C 21 -19.11 -0.19 29.33
C ARG C 21 -18.65 -0.60 30.72
N SER C 22 -17.36 -0.49 31.02
CA SER C 22 -16.90 -0.84 32.35
C SER C 22 -17.55 0.14 33.35
N ALA C 23 -17.67 1.40 32.98
CA ALA C 23 -18.31 2.38 33.84
C ALA C 23 -19.77 1.96 34.09
N LEU C 24 -20.55 1.71 33.04
CA LEU C 24 -21.94 1.30 33.22
C LEU C 24 -22.06 0.16 34.23
N SER C 25 -21.43 -0.97 33.93
CA SER C 25 -21.46 -2.09 34.87
C SER C 25 -21.14 -1.68 36.32
N LEU C 26 -19.99 -1.09 36.53
CA LEU C 26 -19.56 -0.66 37.84
C LEU C 26 -20.54 0.30 38.48
N SER C 27 -20.95 1.31 37.73
CA SER C 27 -21.89 2.29 38.25
C SER C 27 -23.20 1.66 38.70
N MSE C 28 -23.52 0.47 38.23
CA MSE C 28 -24.76 -0.15 38.63
C MSE C 28 -24.44 -1.11 39.76
O MSE C 28 -25.23 -1.34 40.65
CB MSE C 28 -25.40 -0.95 37.45
CG MSE C 28 -26.01 -0.18 36.22
SE MSE C 28 -26.66 -1.38 34.67
CE MSE C 28 -24.93 -1.90 33.95
N ILE C 29 -23.30 -1.77 39.67
CA ILE C 29 -22.90 -2.72 40.69
C ILE C 29 -22.85 -1.90 41.96
N THR C 30 -22.08 -0.83 41.88
CA THR C 30 -21.80 0.10 42.93
C THR C 30 -22.94 1.08 43.32
N GLY C 31 -23.58 1.71 42.33
CA GLY C 31 -24.63 2.68 42.62
C GLY C 31 -24.13 4.08 42.33
N GLN C 32 -22.82 4.28 42.35
CA GLN C 32 -22.20 5.57 42.07
C GLN C 32 -22.43 6.04 40.67
N PRO C 33 -23.06 7.20 40.49
CA PRO C 33 -23.29 7.70 39.15
C PRO C 33 -21.97 8.26 38.67
N PHE C 34 -21.90 8.57 37.38
CA PHE C 34 -20.64 9.02 36.83
C PHE C 34 -20.89 9.88 35.64
N THR C 35 -19.79 10.26 35.03
CA THR C 35 -19.81 11.16 33.92
C THR C 35 -18.59 10.99 33.01
N ILE C 36 -18.84 10.48 31.80
CA ILE C 36 -17.79 10.29 30.81
C ILE C 36 -17.86 11.57 30.05
N THR C 37 -16.71 12.16 29.75
CA THR C 37 -16.69 13.43 29.08
C THR C 37 -16.28 13.52 27.59
N SER C 38 -15.44 12.61 27.13
CA SER C 38 -15.01 12.64 25.72
C SER C 38 -15.17 11.26 25.11
N ILE C 39 -16.39 10.75 25.21
CA ILE C 39 -16.73 9.42 24.77
C ILE C 39 -15.80 8.83 23.71
N ARG C 40 -15.86 9.22 22.45
CA ARG C 40 -14.92 8.58 21.53
C ARG C 40 -14.25 9.69 20.78
N ALA C 41 -13.62 10.55 21.56
CA ALA C 41 -12.94 11.73 21.08
C ALA C 41 -12.40 11.69 19.65
N GLY C 42 -11.39 10.86 19.44
CA GLY C 42 -10.78 10.82 18.12
C GLY C 42 -11.24 9.77 17.15
N ARG C 43 -12.05 8.81 17.59
CA ARG C 43 -12.48 7.75 16.67
C ARG C 43 -13.17 8.33 15.45
N ALA C 44 -13.25 7.51 14.40
CA ALA C 44 -13.86 7.96 13.17
C ALA C 44 -15.21 8.52 13.54
N LYS C 45 -16.00 7.74 14.28
CA LYS C 45 -17.29 8.20 14.75
C LYS C 45 -17.14 8.73 16.18
N PRO C 46 -17.00 10.07 16.32
CA PRO C 46 -16.82 10.91 17.50
C PRO C 46 -17.41 10.56 18.87
N GLY C 47 -18.60 9.95 18.95
CA GLY C 47 -19.12 9.58 20.27
C GLY C 47 -20.01 8.36 20.37
N LEU C 48 -21.13 8.50 21.07
CA LEU C 48 -22.07 7.41 21.23
C LEU C 48 -22.62 7.00 19.85
N LEU C 49 -22.68 5.71 19.61
CA LEU C 49 -23.24 5.22 18.36
C LEU C 49 -24.34 4.26 18.75
N ARG C 50 -25.19 3.92 17.80
CA ARG C 50 -26.29 3.02 18.05
C ARG C 50 -26.01 1.88 19.06
N GLN C 51 -24.86 1.20 18.96
CA GLN C 51 -24.56 0.09 19.88
C GLN C 51 -24.39 0.57 21.33
N HIS C 52 -23.71 1.71 21.49
CA HIS C 52 -23.42 2.33 22.78
C HIS C 52 -24.72 2.74 23.36
N LEU C 53 -25.56 3.30 22.50
CA LEU C 53 -26.87 3.74 22.89
C LEU C 53 -27.65 2.56 23.42
N THR C 54 -27.65 1.44 22.71
CA THR C 54 -28.39 0.31 23.23
C THR C 54 -27.72 -0.24 24.49
N ALA C 55 -26.39 -0.14 24.58
CA ALA C 55 -25.68 -0.60 25.79
C ALA C 55 -26.23 0.23 26.96
N VAL C 56 -26.38 1.53 26.69
CA VAL C 56 -26.91 2.50 27.61
C VAL C 56 -28.42 2.32 27.87
N LYS C 57 -29.22 1.95 26.85
CA LYS C 57 -30.70 1.73 27.00
C LYS C 57 -30.97 0.44 27.80
N ALA C 58 -30.11 -0.56 27.60
CA ALA C 58 -30.20 -1.81 28.30
C ALA C 58 -29.79 -1.54 29.74
N ALA C 59 -28.70 -0.80 29.94
CA ALA C 59 -28.24 -0.46 31.28
C ALA C 59 -29.31 0.35 31.98
N THR C 60 -29.75 1.45 31.38
CA THR C 60 -30.78 2.30 32.00
C THR C 60 -32.19 1.68 31.91
N GLU C 61 -32.29 0.38 32.17
CA GLU C 61 -33.56 -0.36 32.09
C GLU C 61 -33.47 -1.49 33.12
N ILE C 62 -32.30 -2.13 33.19
CA ILE C 62 -32.00 -3.16 34.17
C ILE C 62 -32.05 -2.43 35.55
N CYS C 63 -31.77 -1.12 35.58
CA CYS C 63 -31.72 -0.40 36.82
C CYS C 63 -32.39 0.99 36.87
N GLY C 64 -33.53 1.17 36.21
CA GLY C 64 -34.21 2.48 36.23
C GLY C 64 -33.31 3.69 36.41
N ALA C 65 -32.36 3.87 35.48
CA ALA C 65 -31.38 4.93 35.56
C ALA C 65 -31.87 6.26 35.07
N THR C 66 -31.04 7.26 35.26
CA THR C 66 -31.32 8.62 34.85
C THR C 66 -30.08 8.93 34.03
N VAL C 67 -30.29 9.34 32.79
CA VAL C 67 -29.19 9.62 31.89
C VAL C 67 -29.29 10.99 31.22
N GLU C 68 -28.13 11.57 30.93
CA GLU C 68 -28.05 12.87 30.29
C GLU C 68 -26.96 12.83 29.24
N GLY C 69 -27.37 12.76 27.98
CA GLY C 69 -26.40 12.72 26.89
C GLY C 69 -26.57 11.52 25.99
N ALA C 70 -27.56 10.66 26.26
CA ALA C 70 -27.74 9.47 25.45
C ALA C 70 -28.23 9.73 24.00
N GLU C 71 -27.48 10.53 23.25
CA GLU C 71 -27.85 10.87 21.88
C GLU C 71 -26.75 10.46 20.95
N LEU C 72 -27.17 9.91 19.82
CA LEU C 72 -26.32 9.38 18.76
C LEU C 72 -25.00 10.06 18.47
N GLY C 73 -24.80 11.27 18.96
CA GLY C 73 -23.52 11.90 18.67
C GLY C 73 -22.76 12.33 19.89
N SER C 74 -23.38 12.09 21.04
CA SER C 74 -22.82 12.51 22.30
C SER C 74 -21.45 12.01 22.70
N GLN C 75 -20.64 12.96 23.17
CA GLN C 75 -19.30 12.73 23.66
C GLN C 75 -19.36 12.88 25.19
N ARG C 76 -20.53 13.25 25.71
CA ARG C 76 -20.76 13.38 27.15
C ARG C 76 -21.94 12.49 27.60
N LEU C 77 -21.78 11.87 28.76
CA LEU C 77 -22.82 11.02 29.31
C LEU C 77 -22.85 11.07 30.85
N LEU C 78 -24.06 11.21 31.40
CA LEU C 78 -24.27 11.26 32.84
C LEU C 78 -25.23 10.13 33.13
N PHE C 79 -24.79 9.25 34.02
CA PHE C 79 -25.55 8.08 34.34
C PHE C 79 -25.70 7.98 35.83
N ARG C 80 -26.97 7.94 36.23
CA ARG C 80 -27.44 7.79 37.59
C ARG C 80 -28.29 6.51 37.65
N PRO C 81 -27.70 5.40 38.14
CA PRO C 81 -28.42 4.12 38.25
C PRO C 81 -29.47 4.09 39.34
N GLY C 82 -30.21 3.00 39.37
CA GLY C 82 -31.22 2.84 40.39
C GLY C 82 -30.99 1.44 40.89
N THR C 83 -32.07 0.71 41.10
CA THR C 83 -31.88 -0.62 41.59
C THR C 83 -31.96 -1.57 40.47
N VAL C 84 -30.93 -2.37 40.45
CA VAL C 84 -30.75 -3.41 39.47
C VAL C 84 -31.77 -4.47 39.76
N ARG C 85 -32.86 -4.40 39.01
CA ARG C 85 -33.93 -5.38 39.09
C ARG C 85 -33.56 -6.64 38.29
N GLY C 86 -33.99 -7.79 38.76
CA GLY C 86 -33.73 -9.02 38.04
C GLY C 86 -34.96 -9.25 37.16
N GLY C 87 -34.89 -10.24 36.27
CA GLY C 87 -36.02 -10.49 35.40
C GLY C 87 -35.68 -10.83 33.97
N ASP C 88 -36.71 -11.08 33.16
CA ASP C 88 -36.55 -11.39 31.71
C ASP C 88 -36.42 -10.13 30.84
N TYR C 89 -35.20 -9.90 30.41
CA TYR C 89 -34.85 -8.81 29.56
C TYR C 89 -34.62 -9.32 28.14
N ARG C 90 -34.90 -8.49 27.16
CA ARG C 90 -34.71 -8.86 25.76
C ARG C 90 -34.30 -7.58 25.09
N PHE C 91 -33.06 -7.50 24.60
CA PHE C 91 -32.58 -6.31 23.90
C PHE C 91 -32.36 -6.70 22.43
N ALA C 92 -32.28 -5.73 21.52
CA ALA C 92 -32.06 -6.04 20.10
C ALA C 92 -31.12 -5.03 19.51
N ILE C 93 -29.88 -5.43 19.24
CA ILE C 93 -28.90 -4.53 18.63
C ILE C 93 -29.06 -4.74 17.12
N GLY C 94 -28.41 -3.91 16.31
CA GLY C 94 -28.53 -4.08 14.88
C GLY C 94 -27.90 -5.30 14.21
N SER C 95 -26.92 -5.01 13.37
CA SER C 95 -26.21 -6.01 12.60
C SER C 95 -24.77 -5.92 13.02
N ALA C 96 -24.32 -4.67 13.13
CA ALA C 96 -22.98 -4.35 13.53
C ALA C 96 -22.89 -4.43 15.06
N GLY C 97 -24.05 -4.65 15.69
CA GLY C 97 -24.10 -4.80 17.11
C GLY C 97 -23.70 -6.20 17.53
N SER C 98 -22.78 -6.29 18.49
CA SER C 98 -22.27 -7.54 19.03
C SER C 98 -23.07 -7.89 20.28
N CYS C 99 -23.72 -9.04 20.27
CA CYS C 99 -24.46 -9.41 21.47
C CYS C 99 -23.45 -9.33 22.62
N THR C 100 -22.25 -9.88 22.40
CA THR C 100 -21.17 -9.89 23.40
C THR C 100 -21.03 -8.58 24.20
N LEU C 101 -21.06 -7.40 23.58
CA LEU C 101 -20.89 -6.17 24.31
C LEU C 101 -22.09 -5.75 25.15
N VAL C 102 -23.29 -6.01 24.68
CA VAL C 102 -24.40 -5.63 25.51
C VAL C 102 -24.36 -6.54 26.73
N LEU C 103 -24.16 -7.81 26.51
CA LEU C 103 -24.08 -8.75 27.58
C LEU C 103 -23.00 -8.48 28.60
N GLN C 104 -21.83 -8.02 28.17
CA GLN C 104 -20.80 -7.81 29.17
C GLN C 104 -21.02 -6.49 29.87
N THR C 105 -22.06 -5.75 29.47
CA THR C 105 -22.38 -4.47 30.10
C THR C 105 -23.39 -4.72 31.19
N VAL C 106 -24.41 -5.49 30.84
CA VAL C 106 -25.50 -5.76 31.72
C VAL C 106 -25.22 -6.86 32.68
N LEU C 107 -24.75 -7.98 32.18
CA LEU C 107 -24.52 -9.15 33.03
C LEU C 107 -23.85 -8.95 34.41
N PRO C 108 -22.82 -8.12 34.50
CA PRO C 108 -22.21 -7.96 35.81
C PRO C 108 -23.16 -7.30 36.82
N ALA C 109 -23.92 -6.32 36.33
CA ALA C 109 -24.90 -5.62 37.15
C ALA C 109 -25.89 -6.63 37.71
N LEU C 110 -26.38 -7.51 36.83
CA LEU C 110 -27.34 -8.55 37.17
C LEU C 110 -26.84 -9.62 38.13
N TRP C 111 -25.52 -9.63 38.41
CA TRP C 111 -24.95 -10.59 39.36
C TRP C 111 -25.34 -10.10 40.76
N PHE C 112 -25.77 -8.85 40.78
CA PHE C 112 -26.16 -8.17 41.99
C PHE C 112 -27.66 -7.79 42.02
N ALA C 113 -28.42 -8.29 41.05
CA ALA C 113 -29.85 -7.97 40.98
C ALA C 113 -30.57 -8.59 42.15
N ASP C 114 -31.72 -8.03 42.50
CA ASP C 114 -32.51 -8.57 43.59
C ASP C 114 -33.02 -9.97 43.30
N GLY C 115 -32.76 -10.47 42.10
CA GLY C 115 -33.19 -11.80 41.72
C GLY C 115 -32.50 -12.28 40.47
N PRO C 116 -32.69 -13.56 40.11
CA PRO C 116 -32.11 -14.17 38.92
C PRO C 116 -32.63 -13.48 37.70
N SER C 117 -31.94 -13.66 36.59
CA SER C 117 -32.39 -12.99 35.40
C SER C 117 -32.03 -13.80 34.17
N ARG C 118 -32.60 -13.38 33.05
CA ARG C 118 -32.36 -13.98 31.75
C ARG C 118 -32.28 -12.78 30.83
N VAL C 119 -31.18 -12.68 30.11
CA VAL C 119 -31.05 -11.58 29.15
C VAL C 119 -31.05 -12.26 27.79
N GLU C 120 -31.84 -11.76 26.86
CA GLU C 120 -31.80 -12.29 25.51
C GLU C 120 -31.35 -11.11 24.68
N VAL C 121 -30.44 -11.36 23.75
CA VAL C 121 -29.94 -10.32 22.89
C VAL C 121 -29.88 -10.84 21.46
N SER C 122 -30.22 -9.95 20.54
CA SER C 122 -30.22 -10.19 19.12
C SER C 122 -29.14 -9.30 18.44
N GLY C 123 -28.51 -9.83 17.38
CA GLY C 123 -27.55 -9.10 16.59
C GLY C 123 -26.49 -10.05 16.11
N GLY C 124 -25.30 -9.52 16.04
CA GLY C 124 -24.20 -10.33 15.64
C GLY C 124 -23.58 -11.16 16.76
N THR C 125 -23.32 -12.41 16.39
CA THR C 125 -22.70 -13.38 17.25
C THR C 125 -21.23 -13.58 16.86
N ASP C 126 -20.91 -13.56 15.56
CA ASP C 126 -19.53 -13.77 15.13
C ASP C 126 -19.08 -12.60 14.27
N ASN C 127 -18.28 -11.69 14.81
CA ASN C 127 -17.78 -10.52 14.02
C ASN C 127 -16.27 -10.79 13.83
N PRO C 128 -15.71 -10.52 12.62
CA PRO C 128 -14.31 -10.75 12.28
C PRO C 128 -13.37 -10.04 13.23
N SER C 129 -13.68 -8.80 13.50
CA SER C 129 -12.87 -8.03 14.43
C SER C 129 -13.67 -7.86 15.73
N ALA C 130 -13.40 -8.78 16.68
CA ALA C 130 -14.01 -8.85 18.02
C ALA C 130 -14.18 -10.34 18.43
N PRO C 131 -14.45 -10.58 19.73
CA PRO C 131 -14.67 -11.90 20.32
C PRO C 131 -16.14 -12.35 20.14
N PRO C 132 -16.32 -13.60 19.77
CA PRO C 132 -17.60 -14.25 19.54
C PRO C 132 -18.22 -14.55 20.84
N ALA C 133 -19.53 -14.64 20.81
CA ALA C 133 -20.34 -14.93 21.94
C ALA C 133 -19.98 -16.27 22.55
N ASP C 134 -19.24 -17.10 21.83
CA ASP C 134 -18.86 -18.41 22.35
C ASP C 134 -17.81 -18.32 23.42
N PHE C 135 -17.05 -17.26 23.34
CA PHE C 135 -16.03 -17.06 24.30
C PHE C 135 -16.67 -17.10 25.65
N ILE C 136 -17.81 -16.46 25.73
CA ILE C 136 -18.53 -16.38 26.98
C ILE C 136 -18.78 -17.75 27.60
N ARG C 137 -19.53 -18.58 26.91
CA ARG C 137 -19.90 -19.91 27.40
C ARG C 137 -18.73 -20.87 27.59
N ARG C 138 -17.89 -21.01 26.56
CA ARG C 138 -16.77 -21.97 26.53
C ARG C 138 -15.47 -21.55 27.17
N VAL C 139 -15.38 -20.26 27.47
CA VAL C 139 -14.19 -19.75 28.12
C VAL C 139 -14.30 -19.08 29.49
N LEU C 140 -15.08 -18.01 29.62
CA LEU C 140 -15.05 -17.39 30.93
C LEU C 140 -16.11 -17.83 31.88
N GLU C 141 -17.26 -18.22 31.37
CA GLU C 141 -18.30 -18.67 32.25
C GLU C 141 -17.70 -19.62 33.31
N PRO C 142 -16.72 -20.48 32.96
CA PRO C 142 -16.18 -21.34 34.02
C PRO C 142 -15.23 -20.63 34.98
N LEU C 143 -14.52 -19.61 34.54
CA LEU C 143 -13.64 -18.94 35.47
C LEU C 143 -14.60 -18.23 36.44
N LEU C 144 -15.66 -17.65 35.90
CA LEU C 144 -16.68 -16.99 36.67
C LEU C 144 -17.23 -17.98 37.69
N ALA C 145 -17.68 -19.14 37.25
CA ALA C 145 -18.26 -20.12 38.17
C ALA C 145 -17.30 -20.35 39.33
N LYS C 146 -16.01 -20.31 39.04
CA LYS C 146 -15.00 -20.48 40.08
C LYS C 146 -14.90 -19.25 41.00
N ILE C 147 -15.13 -18.04 40.47
CA ILE C 147 -15.13 -16.85 41.30
C ILE C 147 -16.50 -16.81 42.05
N GLY C 148 -17.32 -17.86 41.89
CA GLY C 148 -18.58 -17.93 42.58
C GLY C 148 -19.71 -17.25 41.87
N ILE C 149 -19.43 -16.73 40.68
CA ILE C 149 -20.46 -16.04 39.90
C ILE C 149 -21.22 -17.05 39.07
N HIS C 150 -22.56 -17.00 39.10
CA HIS C 150 -23.31 -17.98 38.33
C HIS C 150 -24.12 -17.47 37.16
N GLN C 151 -23.58 -17.76 35.97
CA GLN C 151 -24.11 -17.33 34.69
C GLN C 151 -24.03 -18.47 33.69
N GLN C 152 -25.02 -18.56 32.81
CA GLN C 152 -25.07 -19.57 31.75
C GLN C 152 -25.62 -18.97 30.48
N THR C 153 -24.76 -18.92 29.47
CA THR C 153 -25.04 -18.37 28.15
C THR C 153 -25.30 -19.47 27.12
N THR C 154 -26.37 -19.36 26.36
CA THR C 154 -26.58 -20.32 25.31
C THR C 154 -26.73 -19.60 24.02
N LEU C 155 -25.93 -19.99 23.05
CA LEU C 155 -26.04 -19.41 21.71
C LEU C 155 -27.21 -20.10 21.03
N LEU C 156 -28.23 -19.37 20.64
CA LEU C 156 -29.37 -20.06 20.06
C LEU C 156 -29.54 -19.98 18.51
N ARG C 157 -28.85 -18.98 17.94
CA ARG C 157 -28.84 -18.61 16.53
C ARG C 157 -27.64 -17.68 16.36
N HIS C 158 -26.79 -17.99 15.41
CA HIS C 158 -25.65 -17.17 15.13
C HIS C 158 -25.92 -16.09 14.08
N GLY C 159 -25.36 -14.91 14.29
CA GLY C 159 -25.51 -13.83 13.35
C GLY C 159 -24.09 -13.52 12.93
N PHE C 160 -23.74 -13.91 11.71
CA PHE C 160 -22.40 -13.74 11.20
C PHE C 160 -22.20 -12.38 10.55
N TYR C 161 -21.27 -11.56 11.05
CA TYR C 161 -21.04 -10.21 10.49
C TYR C 161 -20.88 -10.42 9.00
N PRO C 162 -21.53 -9.57 8.20
CA PRO C 162 -22.38 -8.42 8.44
C PRO C 162 -23.90 -8.68 8.53
N ALA C 163 -24.27 -9.95 8.57
CA ALA C 163 -25.67 -10.38 8.57
C ALA C 163 -26.53 -9.89 9.71
N GLY C 164 -26.18 -10.27 10.94
CA GLY C 164 -27.01 -9.89 12.07
C GLY C 164 -27.90 -11.12 12.22
N GLY C 165 -28.92 -11.00 13.04
CA GLY C 165 -29.86 -12.10 13.24
C GLY C 165 -29.56 -13.15 14.28
N GLY C 166 -28.40 -13.05 14.96
CA GLY C 166 -28.02 -14.02 15.97
C GLY C 166 -28.86 -13.78 17.22
N VAL C 167 -29.03 -14.81 18.05
CA VAL C 167 -29.79 -14.72 19.29
C VAL C 167 -28.97 -15.49 20.34
N VAL C 168 -28.58 -14.76 21.38
CA VAL C 168 -27.82 -15.29 22.50
C VAL C 168 -28.63 -15.01 23.75
N ALA C 169 -28.63 -15.97 24.66
CA ALA C 169 -29.41 -15.82 25.87
C ALA C 169 -28.67 -16.34 27.09
N THR C 170 -28.61 -15.50 28.12
CA THR C 170 -27.92 -15.81 29.36
C THR C 170 -28.82 -15.82 30.56
N GLU C 171 -28.69 -16.85 31.41
CA GLU C 171 -29.44 -17.00 32.66
C GLU C 171 -28.46 -16.64 33.76
N VAL C 172 -28.86 -15.79 34.70
CA VAL C 172 -27.98 -15.39 35.78
C VAL C 172 -28.66 -15.54 37.12
N SER C 173 -27.86 -15.58 38.17
CA SER C 173 -28.32 -15.73 39.54
C SER C 173 -27.41 -14.89 40.41
N PRO C 174 -28.01 -14.02 41.24
CA PRO C 174 -27.25 -13.13 42.15
C PRO C 174 -26.12 -13.85 42.88
N VAL C 175 -24.94 -13.27 42.83
CA VAL C 175 -23.81 -13.87 43.54
C VAL C 175 -24.07 -13.99 45.06
N ALA C 176 -24.02 -15.24 45.56
CA ALA C 176 -24.20 -15.54 46.99
C ALA C 176 -22.95 -15.15 47.73
N SER C 177 -21.87 -15.88 47.44
CA SER C 177 -20.61 -15.61 48.05
C SER C 177 -19.54 -15.75 46.98
N PHE C 178 -18.49 -14.96 47.15
CA PHE C 178 -17.35 -14.92 46.24
C PHE C 178 -16.15 -15.76 46.56
N ASN C 179 -15.44 -16.16 45.53
CA ASN C 179 -14.25 -16.97 45.71
C ASN C 179 -13.05 -16.30 45.10
N THR C 180 -11.90 -16.75 45.57
CA THR C 180 -10.64 -16.21 45.12
C THR C 180 -10.08 -17.16 44.05
N LEU C 181 -9.98 -16.66 42.82
CA LEU C 181 -9.45 -17.38 41.65
C LEU C 181 -7.94 -17.19 41.68
N GLN C 182 -7.20 -18.30 41.77
CA GLN C 182 -5.77 -18.18 41.81
C GLN C 182 -5.22 -18.95 40.64
N LEU C 183 -4.91 -18.23 39.55
CA LEU C 183 -4.32 -18.82 38.34
C LEU C 183 -2.86 -18.40 38.26
N GLY C 184 -2.05 -19.20 37.57
CA GLY C 184 -0.65 -18.85 37.44
C GLY C 184 -0.02 -19.57 36.27
N GLU C 185 0.40 -20.80 36.52
CA GLU C 185 1.02 -21.57 35.48
C GLU C 185 -0.08 -22.24 34.73
N ARG C 186 0.08 -22.27 33.43
CA ARG C 186 -0.92 -22.89 32.58
C ARG C 186 -0.95 -24.34 32.93
N GLY C 187 0.19 -24.89 33.30
CA GLY C 187 0.17 -26.30 33.60
C GLY C 187 0.42 -26.97 32.26
N ASN C 188 0.37 -28.29 32.21
CA ASN C 188 0.64 -28.97 30.96
C ASN C 188 -0.61 -29.16 30.11
N ILE C 189 -0.44 -29.04 28.80
CA ILE C 189 -1.59 -29.21 27.94
C ILE C 189 -2.16 -30.59 28.16
N VAL C 190 -3.47 -30.70 28.01
CA VAL C 190 -4.14 -31.95 28.17
C VAL C 190 -4.72 -32.36 26.81
N GLN C 191 -5.17 -31.39 26.03
CA GLN C 191 -5.76 -31.66 24.73
C GLN C 191 -6.06 -30.41 23.96
N MSE C 192 -5.77 -30.39 22.65
CA MSE C 192 -6.10 -29.25 21.78
C MSE C 192 -7.20 -29.77 20.86
O MSE C 192 -7.26 -30.97 20.56
CB MSE C 192 -4.89 -28.85 20.93
CG MSE C 192 -3.53 -28.88 21.60
SE MSE C 192 -2.56 -27.29 21.05
CE MSE C 192 -0.84 -27.42 21.61
N ARG C 193 -8.17 -28.93 20.50
CA ARG C 193 -9.20 -29.38 19.57
C ARG C 193 -9.48 -28.25 18.67
N GLY C 194 -9.64 -28.53 17.38
CA GLY C 194 -9.95 -27.49 16.40
C GLY C 194 -11.40 -27.61 16.03
N GLU C 195 -12.05 -26.52 15.66
CA GLU C 195 -13.41 -26.63 15.29
C GLU C 195 -13.67 -25.55 14.33
N VAL C 196 -14.49 -25.82 13.33
CA VAL C 196 -14.80 -24.82 12.33
C VAL C 196 -16.31 -24.80 12.28
N LEU C 197 -16.88 -23.63 12.03
CA LEU C 197 -18.33 -23.56 12.00
C LEU C 197 -18.82 -23.04 10.65
N LEU C 198 -19.49 -23.85 9.86
CA LEU C 198 -19.96 -23.33 8.60
C LEU C 198 -21.45 -23.10 8.62
N ALA C 199 -21.86 -22.04 7.96
CA ALA C 199 -23.27 -21.76 7.77
C ALA C 199 -23.21 -21.17 6.35
N GLY C 200 -23.59 -21.98 5.37
CA GLY C 200 -23.57 -21.53 3.97
C GLY C 200 -22.22 -21.38 3.28
N VAL C 201 -21.24 -22.03 3.83
CA VAL C 201 -19.89 -22.01 3.30
C VAL C 201 -19.56 -23.48 2.99
N PRO C 202 -18.86 -23.73 1.88
CA PRO C 202 -18.59 -25.15 1.60
C PRO C 202 -17.60 -25.92 2.45
N ARG C 203 -17.84 -27.22 2.53
CA ARG C 203 -17.06 -28.14 3.37
C ARG C 203 -15.62 -28.31 2.97
N HIS C 204 -15.12 -27.40 2.18
CA HIS C 204 -13.73 -27.53 1.75
C HIS C 204 -12.97 -26.44 2.44
N VAL C 205 -13.71 -25.42 2.86
CA VAL C 205 -13.08 -24.34 3.58
C VAL C 205 -12.81 -24.88 4.99
N ALA C 206 -13.78 -25.66 5.50
CA ALA C 206 -13.65 -26.25 6.82
C ALA C 206 -12.35 -27.07 6.84
N GLU C 207 -12.31 -28.09 6.00
CA GLU C 207 -11.13 -28.98 5.92
C GLU C 207 -9.81 -28.26 5.66
N ARG C 208 -9.78 -27.29 4.77
CA ARG C 208 -8.56 -26.54 4.52
C ARG C 208 -8.11 -25.85 5.81
N GLU C 209 -9.09 -25.33 6.56
CA GLU C 209 -8.85 -24.64 7.81
C GLU C 209 -8.38 -25.60 8.85
N ILE C 210 -9.10 -26.69 8.99
CA ILE C 210 -8.68 -27.68 9.95
C ILE C 210 -7.27 -28.15 9.64
N ALA C 211 -7.02 -28.58 8.41
CA ALA C 211 -5.70 -29.05 8.00
C ALA C 211 -4.61 -28.10 8.47
N THR C 212 -4.72 -26.82 8.13
CA THR C 212 -3.73 -25.86 8.57
C THR C 212 -3.51 -25.93 10.13
N LEU C 213 -4.59 -26.08 10.87
CA LEU C 213 -4.45 -26.16 12.31
C LEU C 213 -3.68 -27.43 12.58
N ALA C 214 -4.13 -28.51 11.97
CA ALA C 214 -3.51 -29.81 12.12
C ALA C 214 -2.05 -29.75 11.67
N GLY C 215 -1.73 -28.70 10.94
CA GLY C 215 -0.38 -28.54 10.43
C GLY C 215 0.68 -28.17 11.43
N SER C 216 0.25 -27.55 12.52
CA SER C 216 1.20 -27.16 13.54
C SER C 216 0.78 -27.66 14.91
N PHE C 217 -0.41 -28.22 15.01
CA PHE C 217 -0.96 -28.71 16.27
C PHE C 217 -1.51 -30.13 16.19
N SER C 218 -1.29 -30.86 17.26
CA SER C 218 -1.76 -32.21 17.36
C SER C 218 -3.15 -32.14 17.98
N LEU C 219 -4.13 -31.97 17.11
CA LEU C 219 -5.47 -31.84 17.57
C LEU C 219 -6.06 -33.18 17.95
N HIS C 220 -6.74 -33.22 19.09
CA HIS C 220 -7.38 -34.42 19.62
C HIS C 220 -8.70 -34.71 18.92
N GLU C 221 -9.24 -33.65 18.29
CA GLU C 221 -10.47 -33.70 17.54
C GLU C 221 -10.44 -32.60 16.61
N GLN C 222 -10.94 -32.89 15.42
CA GLN C 222 -11.05 -31.93 14.33
C GLN C 222 -12.52 -31.97 14.03
N ASN C 223 -13.23 -30.97 14.48
CA ASN C 223 -14.66 -30.94 14.32
C ASN C 223 -15.09 -29.89 13.36
N ILE C 224 -16.10 -30.24 12.56
CA ILE C 224 -16.65 -29.33 11.56
C ILE C 224 -18.06 -29.22 12.05
N HIS C 225 -18.54 -27.99 12.26
CA HIS C 225 -19.89 -27.72 12.78
C HIS C 225 -20.71 -26.98 11.74
N ASN C 226 -21.86 -27.58 11.40
CA ASN C 226 -22.70 -27.07 10.34
C ASN C 226 -23.99 -26.50 10.80
N LEU C 227 -24.17 -25.23 10.46
CA LEU C 227 -25.35 -24.51 10.81
C LEU C 227 -26.19 -24.35 9.54
N PRO C 228 -27.44 -24.00 9.71
CA PRO C 228 -28.32 -23.81 8.56
C PRO C 228 -27.88 -22.59 7.75
N ARG C 229 -28.06 -22.64 6.41
CA ARG C 229 -27.70 -21.55 5.49
C ARG C 229 -28.41 -20.30 5.98
N ASP C 230 -29.53 -20.52 6.67
CA ASP C 230 -30.36 -19.50 7.31
C ASP C 230 -29.42 -18.57 8.04
N GLN C 231 -28.45 -19.20 8.69
CA GLN C 231 -27.49 -18.51 9.47
C GLN C 231 -26.59 -17.71 8.64
N GLY C 232 -27.02 -17.55 7.38
CA GLY C 232 -26.30 -16.78 6.39
C GLY C 232 -24.94 -17.39 6.26
N PRO C 233 -24.07 -16.80 5.41
CA PRO C 233 -22.70 -17.28 5.18
C PRO C 233 -21.85 -16.89 6.35
N GLY C 234 -21.20 -17.89 6.94
CA GLY C 234 -20.34 -17.62 8.06
C GLY C 234 -19.39 -18.76 8.20
N ASN C 235 -18.21 -18.45 8.67
CA ASN C 235 -17.14 -19.40 8.86
C ASN C 235 -16.41 -18.85 10.10
N THR C 236 -16.33 -19.65 11.16
CA THR C 236 -15.63 -19.26 12.35
C THR C 236 -14.85 -20.51 12.71
N VAL C 237 -13.55 -20.33 12.86
CA VAL C 237 -12.66 -21.43 13.17
C VAL C 237 -12.16 -21.12 14.57
N SER C 238 -11.95 -22.17 15.39
CA SER C 238 -11.44 -22.04 16.75
C SER C 238 -10.61 -23.25 17.14
N LEU C 239 -9.65 -22.98 18.04
CA LEU C 239 -8.71 -23.95 18.61
C LEU C 239 -8.75 -23.77 20.10
N GLU C 240 -8.90 -24.88 20.80
CA GLU C 240 -9.00 -24.92 22.22
C GLU C 240 -7.76 -25.54 22.83
N VAL C 241 -7.19 -24.88 23.81
CA VAL C 241 -6.02 -25.40 24.46
C VAL C 241 -6.43 -25.61 25.89
N GLU C 242 -6.73 -26.88 26.19
CA GLU C 242 -7.13 -27.35 27.49
C GLU C 242 -5.88 -27.74 28.21
N SER C 243 -5.37 -26.79 28.96
CA SER C 243 -4.20 -27.06 29.75
C SER C 243 -4.76 -27.56 31.08
N GLU C 244 -3.87 -27.96 31.98
CA GLU C 244 -4.24 -28.51 33.28
C GLU C 244 -5.01 -27.57 34.18
N ASN C 245 -4.41 -26.42 34.45
CA ASN C 245 -4.99 -25.40 35.32
C ASN C 245 -6.03 -24.50 34.68
N ILE C 246 -6.14 -24.56 33.34
CA ILE C 246 -7.05 -23.67 32.59
C ILE C 246 -7.30 -24.17 31.20
N THR C 247 -8.39 -23.67 30.65
CA THR C 247 -8.83 -24.03 29.34
C THR C 247 -9.13 -22.73 28.59
N GLU C 248 -8.36 -22.42 27.55
CA GLU C 248 -8.60 -21.21 26.79
C GLU C 248 -9.03 -21.72 25.42
N ARG C 249 -9.71 -20.86 24.68
CA ARG C 249 -10.16 -21.18 23.36
C ARG C 249 -9.98 -19.97 22.50
N PHE C 250 -9.31 -20.12 21.35
CA PHE C 250 -9.07 -19.02 20.42
C PHE C 250 -9.97 -19.07 19.21
N PHE C 251 -10.31 -17.91 18.66
CA PHE C 251 -11.21 -17.84 17.54
C PHE C 251 -10.72 -16.82 16.53
N VAL C 252 -11.06 -17.10 15.26
CA VAL C 252 -10.77 -16.20 14.15
C VAL C 252 -11.99 -16.35 13.29
N VAL C 253 -12.68 -15.26 13.02
CA VAL C 253 -13.88 -15.30 12.20
C VAL C 253 -13.49 -15.05 10.75
N GLY C 254 -13.88 -15.96 9.90
CA GLY C 254 -13.54 -15.83 8.51
C GLY C 254 -14.14 -14.61 7.89
N GLU C 255 -13.30 -13.88 7.17
CA GLU C 255 -13.72 -12.67 6.50
C GLU C 255 -14.25 -12.92 5.11
N LYS C 256 -14.71 -11.84 4.51
CA LYS C 256 -15.24 -11.84 3.16
C LYS C 256 -14.10 -12.24 2.23
N ARG C 257 -13.11 -11.35 2.13
CA ARG C 257 -11.94 -11.58 1.28
C ARG C 257 -10.74 -12.16 2.05
N VAL C 258 -11.00 -13.20 2.85
CA VAL C 258 -9.98 -13.90 3.61
C VAL C 258 -10.17 -15.42 3.26
N SER C 259 -9.06 -16.02 2.84
CA SER C 259 -9.06 -17.42 2.43
C SER C 259 -8.87 -18.41 3.59
N ALA C 260 -9.36 -19.64 3.36
CA ALA C 260 -9.25 -20.72 4.37
C ALA C 260 -7.91 -20.82 5.04
N GLU C 261 -6.83 -20.64 4.29
CA GLU C 261 -5.50 -20.72 4.90
C GLU C 261 -5.14 -19.44 5.64
N VAL C 262 -5.66 -18.30 5.19
CA VAL C 262 -5.33 -17.07 5.87
C VAL C 262 -6.02 -17.05 7.24
N VAL C 263 -7.30 -17.40 7.25
CA VAL C 263 -8.14 -17.46 8.44
C VAL C 263 -7.44 -18.41 9.36
N ALA C 264 -7.27 -19.64 8.92
CA ALA C 264 -6.60 -20.59 9.78
C ALA C 264 -5.25 -20.04 10.28
N ALA C 265 -4.45 -19.41 9.43
CA ALA C 265 -3.14 -18.90 9.86
C ALA C 265 -3.20 -17.81 10.91
N GLN C 266 -4.31 -17.09 11.01
CA GLN C 266 -4.45 -16.05 12.05
C GLN C 266 -4.57 -16.79 13.39
N LEU C 267 -5.45 -17.80 13.40
CA LEU C 267 -5.71 -18.59 14.57
C LEU C 267 -4.41 -19.14 15.08
N VAL C 268 -3.73 -19.82 14.19
CA VAL C 268 -2.45 -20.44 14.54
C VAL C 268 -1.44 -19.48 15.11
N LYS C 269 -1.52 -18.22 14.70
CA LYS C 269 -0.58 -17.23 15.19
C LYS C 269 -0.86 -17.07 16.68
N GLU C 270 -2.12 -16.76 16.97
CA GLU C 270 -2.60 -16.54 18.32
C GLU C 270 -2.29 -17.70 19.21
N VAL C 271 -2.61 -18.88 18.75
CA VAL C 271 -2.43 -20.04 19.54
C VAL C 271 -1.02 -20.19 19.95
N LYS C 272 -0.10 -20.01 19.02
CA LYS C 272 1.32 -20.16 19.34
C LYS C 272 1.76 -19.11 20.32
N ARG C 273 1.33 -17.90 20.07
CA ARG C 273 1.60 -16.74 20.90
C ARG C 273 1.24 -17.07 22.35
N TYR C 274 0.04 -17.62 22.53
CA TYR C 274 -0.43 -17.99 23.84
C TYR C 274 0.56 -18.98 24.38
N LEU C 275 0.64 -20.10 23.67
CA LEU C 275 1.57 -21.19 24.00
C LEU C 275 2.99 -20.69 24.26
N ALA C 276 3.36 -19.58 23.70
CA ALA C 276 4.70 -19.14 23.92
C ALA C 276 5.05 -18.65 25.35
N SER C 277 4.15 -18.75 26.30
CA SER C 277 4.46 -18.31 27.66
C SER C 277 3.74 -19.25 28.56
N THR C 278 4.04 -19.19 29.86
CA THR C 278 3.42 -20.09 30.86
C THR C 278 2.08 -19.56 31.35
N ALA C 279 1.85 -18.29 31.00
CA ALA C 279 0.68 -17.54 31.38
C ALA C 279 -0.57 -18.38 31.21
N ALA C 280 -1.36 -18.40 32.26
CA ALA C 280 -2.59 -19.13 32.27
C ALA C 280 -3.58 -18.51 31.30
N VAL C 281 -3.76 -17.18 31.35
CA VAL C 281 -4.76 -16.54 30.49
C VAL C 281 -4.27 -15.68 29.36
N GLY C 282 -5.14 -15.44 28.40
CA GLY C 282 -4.77 -14.60 27.28
C GLY C 282 -5.26 -13.20 27.53
N GLU C 283 -4.60 -12.27 26.86
CA GLU C 283 -4.83 -10.83 26.95
C GLU C 283 -6.29 -10.45 27.10
N TYR C 284 -7.17 -11.21 26.46
CA TYR C 284 -8.59 -10.90 26.44
C TYR C 284 -9.32 -11.46 27.67
N LEU C 285 -8.99 -12.70 28.05
CA LEU C 285 -9.59 -13.33 29.21
C LEU C 285 -9.15 -12.48 30.35
N ALA C 286 -7.87 -12.13 30.31
CA ALA C 286 -7.27 -11.24 31.29
C ALA C 286 -8.23 -10.05 31.52
N ASP C 287 -8.53 -9.35 30.44
CA ASP C 287 -9.39 -8.17 30.49
C ASP C 287 -10.71 -8.42 31.14
N GLN C 288 -11.16 -9.64 31.04
CA GLN C 288 -12.47 -9.96 31.55
C GLN C 288 -12.51 -10.34 33.01
N LEU C 289 -11.37 -10.80 33.52
CA LEU C 289 -11.29 -11.25 34.88
C LEU C 289 -11.04 -10.06 35.80
N VAL C 290 -10.54 -8.98 35.23
CA VAL C 290 -10.30 -7.82 36.06
C VAL C 290 -11.49 -7.49 36.97
N LEU C 291 -12.66 -7.20 36.40
CA LEU C 291 -13.85 -6.86 37.18
C LEU C 291 -14.34 -7.90 38.18
N PRO C 292 -14.59 -9.13 37.74
CA PRO C 292 -15.05 -10.12 38.72
C PRO C 292 -14.12 -10.29 39.90
N MSE C 293 -12.81 -10.38 39.68
CA MSE C 293 -11.88 -10.55 40.79
C MSE C 293 -11.91 -9.29 41.67
O MSE C 293 -11.62 -9.36 42.87
CB MSE C 293 -10.46 -10.82 40.29
CG MSE C 293 -10.28 -12.03 39.44
SE MSE C 293 -8.36 -12.43 39.22
CE MSE C 293 -7.69 -10.54 39.18
N ALA C 294 -12.19 -8.13 41.08
CA ALA C 294 -12.23 -6.90 41.85
C ALA C 294 -13.45 -6.98 42.76
N LEU C 295 -14.57 -7.46 42.23
CA LEU C 295 -15.78 -7.61 43.03
C LEU C 295 -15.49 -8.66 44.10
N ALA C 296 -14.70 -9.66 43.75
CA ALA C 296 -14.38 -10.71 44.73
C ALA C 296 -13.42 -10.25 45.81
N GLY C 297 -12.80 -9.09 45.64
CA GLY C 297 -11.86 -8.58 46.64
C GLY C 297 -10.50 -9.24 46.77
N ALA C 298 -10.13 -10.07 45.79
CA ALA C 298 -8.83 -10.74 45.78
C ALA C 298 -8.75 -11.75 44.65
N GLY C 299 -7.55 -12.20 44.40
CA GLY C 299 -7.35 -13.16 43.34
C GLY C 299 -6.30 -12.68 42.38
N GLU C 300 -5.83 -13.58 41.54
CA GLU C 300 -4.81 -13.23 40.61
C GLU C 300 -4.74 -14.27 39.53
N PHE C 301 -4.05 -13.88 38.46
CA PHE C 301 -3.81 -14.72 37.29
C PHE C 301 -2.55 -14.21 36.64
N THR C 302 -1.99 -14.96 35.72
CA THR C 302 -0.82 -14.47 35.01
C THR C 302 -1.21 -14.37 33.54
N VAL C 303 -0.77 -13.30 32.87
CA VAL C 303 -1.04 -13.12 31.46
C VAL C 303 0.34 -12.80 30.91
N ALA C 304 0.64 -13.13 29.67
CA ALA C 304 1.97 -12.82 29.12
C ALA C 304 2.40 -11.37 29.28
N HIS C 305 1.62 -10.46 28.72
CA HIS C 305 1.96 -9.03 28.76
C HIS C 305 0.76 -8.17 29.11
N PRO C 306 0.98 -7.13 29.94
CA PRO C 306 -0.16 -6.29 30.28
C PRO C 306 -0.57 -5.54 29.02
N SER C 307 -1.84 -5.60 28.65
CA SER C 307 -2.33 -4.90 27.49
C SER C 307 -2.85 -3.50 27.90
N CYS C 308 -3.02 -2.62 26.92
CA CYS C 308 -3.55 -1.29 27.18
C CYS C 308 -5.02 -1.36 27.66
N HIS C 309 -5.67 -2.48 27.41
CA HIS C 309 -7.07 -2.64 27.77
C HIS C 309 -7.05 -3.00 29.19
N LEU C 310 -6.16 -3.92 29.49
CA LEU C 310 -5.98 -4.37 30.85
C LEU C 310 -5.84 -3.10 31.69
N LEU C 311 -4.85 -2.30 31.32
CA LEU C 311 -4.61 -1.04 32.03
C LEU C 311 -5.86 -0.18 32.19
N THR C 312 -6.60 0.07 31.13
CA THR C 312 -7.77 0.93 31.31
C THR C 312 -8.94 0.26 32.06
N ASN C 313 -8.95 -1.06 32.13
CA ASN C 313 -10.03 -1.75 32.82
C ASN C 313 -9.76 -1.74 34.31
N ILE C 314 -8.50 -1.92 34.62
CA ILE C 314 -8.07 -1.89 35.99
C ILE C 314 -8.21 -0.43 36.48
N ALA C 315 -8.17 0.54 35.57
CA ALA C 315 -8.32 1.92 35.98
C ALA C 315 -9.76 2.21 36.43
N VAL C 316 -10.72 1.92 35.55
CA VAL C 316 -12.09 2.18 35.86
C VAL C 316 -12.54 1.40 37.04
N VAL C 317 -12.11 0.15 37.11
CA VAL C 317 -12.52 -0.66 38.24
C VAL C 317 -12.10 0.07 39.48
N GLU C 318 -10.82 0.37 39.58
CA GLU C 318 -10.30 1.06 40.76
C GLU C 318 -10.92 2.41 41.02
N ARG C 319 -11.64 2.94 40.06
CA ARG C 319 -12.27 4.24 40.14
C ARG C 319 -13.58 4.13 40.87
N PHE C 320 -14.19 2.97 40.80
CA PHE C 320 -15.49 2.71 41.42
C PHE C 320 -15.43 1.79 42.66
N LEU C 321 -14.33 1.07 42.81
CA LEU C 321 -14.17 0.14 43.93
C LEU C 321 -12.85 0.36 44.67
N PRO C 322 -12.80 -0.03 45.96
CA PRO C 322 -11.65 0.08 46.86
C PRO C 322 -10.72 -1.11 46.63
N VAL C 323 -10.13 -1.16 45.45
CA VAL C 323 -9.28 -2.24 45.08
C VAL C 323 -8.02 -1.67 44.49
N ARG C 324 -6.94 -2.43 44.72
CA ARG C 324 -5.60 -2.10 44.23
C ARG C 324 -5.16 -3.33 43.44
N PHE C 325 -4.78 -3.11 42.19
CA PHE C 325 -4.30 -4.18 41.36
C PHE C 325 -2.79 -4.00 41.36
N SER C 326 -2.06 -5.07 41.09
CA SER C 326 -0.64 -4.97 41.00
C SER C 326 -0.19 -5.84 39.81
N LEU C 327 0.66 -5.28 38.98
CA LEU C 327 1.17 -5.94 37.81
C LEU C 327 2.65 -6.13 38.10
N ILE C 328 3.12 -7.35 37.94
CA ILE C 328 4.49 -7.62 38.20
C ILE C 328 5.07 -8.37 36.98
N GLU C 329 5.59 -7.62 35.98
CA GLU C 329 6.17 -8.17 34.75
C GLU C 329 7.46 -8.89 34.97
N THR C 330 7.36 -10.15 35.42
CA THR C 330 8.53 -10.95 35.70
C THR C 330 8.77 -12.19 34.86
N ASP C 331 9.76 -12.09 33.98
CA ASP C 331 10.19 -13.21 33.13
C ASP C 331 9.22 -13.49 32.00
N GLY C 332 8.84 -12.44 31.27
CA GLY C 332 7.94 -12.60 30.14
C GLY C 332 6.48 -12.79 30.53
N VAL C 333 6.23 -13.02 31.81
CA VAL C 333 4.88 -13.18 32.36
C VAL C 333 4.60 -12.01 33.31
N THR C 334 3.37 -11.51 33.30
CA THR C 334 2.95 -10.43 34.17
C THR C 334 1.92 -11.08 35.10
N ARG C 335 2.10 -10.88 36.41
CA ARG C 335 1.15 -11.43 37.35
C ARG C 335 0.23 -10.28 37.82
N VAL C 336 -1.06 -10.44 37.54
CA VAL C 336 -2.05 -9.44 37.93
C VAL C 336 -2.83 -9.90 39.15
N SER C 337 -2.71 -9.11 40.22
CA SER C 337 -3.31 -9.45 41.51
C SER C 337 -4.11 -8.32 42.11
N ILE C 338 -4.90 -8.67 43.11
CA ILE C 338 -5.75 -7.69 43.76
C ILE C 338 -5.33 -7.37 45.18
N GLU C 339 -5.82 -6.22 45.66
CA GLU C 339 -5.58 -5.75 47.02
C GLU C 339 -6.84 -5.00 47.47
N MSE D 5 11.06 -10.27 8.23
CA MSE D 5 10.96 -8.78 8.24
C MSE D 5 9.88 -8.38 9.22
O MSE D 5 8.72 -8.74 9.04
CB MSE D 5 10.62 -8.27 6.84
CG MSE D 5 11.13 -6.89 6.51
SE MSE D 5 9.67 -5.75 5.95
CE MSE D 5 10.51 -4.47 4.79
N ILE D 6 10.28 -7.66 10.26
CA ILE D 6 9.42 -7.17 11.34
C ILE D 6 8.10 -6.54 10.86
N ALA D 7 6.99 -7.06 11.40
CA ALA D 7 5.65 -6.57 11.06
C ALA D 7 5.01 -5.99 12.29
N LEU D 8 4.59 -4.74 12.19
CA LEU D 8 3.99 -4.07 13.31
C LEU D 8 2.53 -3.82 12.99
N ASP D 9 1.66 -3.80 14.00
CA ASP D 9 0.22 -3.58 13.83
C ASP D 9 -0.14 -2.12 14.22
N GLY D 10 -0.51 -1.31 13.25
CA GLY D 10 -0.84 0.09 13.51
C GLY D 10 -1.93 0.38 14.53
N ALA D 11 -2.85 -0.54 14.72
CA ALA D 11 -3.93 -0.34 15.69
C ALA D 11 -3.54 -0.80 17.09
N GLN D 12 -2.35 -1.39 17.22
CA GLN D 12 -1.81 -1.84 18.51
C GLN D 12 -1.62 -0.69 19.57
N GLY D 13 -1.91 -1.04 20.84
CA GLY D 13 -1.78 -0.15 21.99
C GLY D 13 -2.57 1.11 21.91
N GLU D 14 -1.95 2.26 22.13
CA GLU D 14 -2.68 3.50 22.04
C GLU D 14 -3.27 3.70 20.61
N GLY D 15 -2.65 3.06 19.61
CA GLY D 15 -3.15 3.16 18.25
C GLY D 15 -2.37 4.01 17.26
N GLY D 16 -1.22 3.50 16.84
CA GLY D 16 -0.40 4.20 15.86
C GLY D 16 0.09 5.59 16.23
N GLY D 17 0.92 6.14 15.34
CA GLY D 17 1.51 7.43 15.54
C GLY D 17 2.87 7.25 16.19
N GLN D 18 2.85 6.88 17.48
CA GLN D 18 4.04 6.70 18.30
C GLN D 18 4.72 5.42 17.92
N ILE D 19 3.90 4.47 17.52
CA ILE D 19 4.37 3.18 17.07
C ILE D 19 5.22 3.45 15.84
N LEU D 20 4.69 4.30 14.96
CA LEU D 20 5.38 4.68 13.74
C LEU D 20 6.74 5.31 14.08
N ARG D 21 6.79 6.36 14.89
CA ARG D 21 8.07 6.96 15.20
C ARG D 21 9.08 6.05 15.89
N SER D 22 8.63 5.26 16.86
CA SER D 22 9.56 4.39 17.58
C SER D 22 10.09 3.38 16.57
N ALA D 23 9.23 2.95 15.66
CA ALA D 23 9.66 1.98 14.68
C ALA D 23 10.75 2.59 13.79
N LEU D 24 10.48 3.76 13.21
CA LEU D 24 11.46 4.41 12.37
C LEU D 24 12.82 4.46 13.09
N SER D 25 12.87 5.10 14.27
CA SER D 25 14.12 5.22 15.00
C SER D 25 14.76 3.89 15.21
N LEU D 26 13.98 2.95 15.73
CA LEU D 26 14.52 1.62 15.95
C LEU D 26 15.07 0.98 14.63
N SER D 27 14.27 1.00 13.57
CA SER D 27 14.59 0.47 12.26
C SER D 27 15.88 1.08 11.76
N MSE D 28 16.11 2.35 11.98
CA MSE D 28 17.34 2.92 11.49
C MSE D 28 18.49 2.61 12.44
O MSE D 28 19.65 2.54 12.02
CB MSE D 28 17.25 4.43 11.39
CG MSE D 28 16.07 4.96 10.64
SE MSE D 28 16.20 6.91 10.61
CE MSE D 28 14.55 7.45 11.41
N ILE D 29 18.22 2.53 13.73
CA ILE D 29 19.28 2.24 14.69
C ILE D 29 19.74 0.82 14.40
N THR D 30 18.79 -0.09 14.35
CA THR D 30 18.98 -1.52 14.14
C THR D 30 19.29 -1.95 12.70
N GLY D 31 18.55 -1.40 11.75
CA GLY D 31 18.77 -1.77 10.37
C GLY D 31 17.61 -2.60 9.87
N GLN D 32 16.95 -3.29 10.80
CA GLN D 32 15.81 -4.13 10.50
C GLN D 32 14.70 -3.34 9.83
N PRO D 33 14.32 -3.70 8.61
CA PRO D 33 13.23 -2.93 7.99
C PRO D 33 11.98 -3.49 8.65
N PHE D 34 10.84 -2.88 8.41
CA PHE D 34 9.63 -3.33 9.06
C PHE D 34 8.46 -2.88 8.21
N THR D 35 7.27 -3.07 8.75
CA THR D 35 6.06 -2.72 8.06
C THR D 35 4.93 -2.47 9.05
N ILE D 36 4.37 -1.27 9.01
CA ILE D 36 3.25 -0.97 9.88
C ILE D 36 2.08 -1.25 8.93
N THR D 37 1.03 -1.82 9.49
CA THR D 37 -0.12 -2.23 8.71
C THR D 37 -1.39 -1.42 8.83
N SER D 38 -1.70 -0.91 10.02
CA SER D 38 -2.95 -0.15 10.11
C SER D 38 -2.75 1.22 10.71
N ILE D 39 -1.68 1.86 10.26
CA ILE D 39 -1.29 3.15 10.73
C ILE D 39 -2.21 3.90 11.73
N ARG D 40 -3.27 4.57 11.32
CA ARG D 40 -4.07 5.23 12.36
C ARG D 40 -5.48 4.84 12.14
N ALA D 41 -5.66 3.53 11.97
CA ALA D 41 -6.93 2.87 11.72
C ALA D 41 -8.20 3.62 12.15
N GLY D 42 -8.39 3.83 13.44
CA GLY D 42 -9.59 4.51 13.88
C GLY D 42 -9.57 6.01 14.00
N ARG D 43 -8.40 6.62 14.13
CA ARG D 43 -8.35 8.06 14.31
C ARG D 43 -9.17 8.82 13.30
N ALA D 44 -9.46 10.07 13.63
CA ALA D 44 -10.23 10.93 12.75
C ALA D 44 -9.60 10.88 11.38
N LYS D 45 -8.30 11.16 11.33
CA LYS D 45 -7.51 11.11 10.10
C LYS D 45 -6.77 9.76 10.08
N PRO D 46 -7.33 8.77 9.36
CA PRO D 46 -7.08 7.36 9.02
C PRO D 46 -5.67 6.77 8.89
N GLY D 47 -4.72 7.48 8.27
CA GLY D 47 -3.37 6.93 8.18
C GLY D 47 -2.23 7.95 8.21
N LEU D 48 -1.28 7.86 7.28
CA LEU D 48 -0.22 8.83 7.26
C LEU D 48 -0.69 10.25 7.00
N LEU D 49 -0.19 11.22 7.73
CA LEU D 49 -0.57 12.61 7.54
C LEU D 49 0.71 13.48 7.34
N ARG D 50 0.51 14.72 6.93
CA ARG D 50 1.61 15.61 6.65
C ARG D 50 2.75 15.47 7.61
N GLN D 51 2.44 15.41 8.90
CA GLN D 51 3.48 15.31 9.92
C GLN D 51 4.22 14.00 9.84
N HIS D 52 3.46 12.92 9.71
CA HIS D 52 4.07 11.61 9.67
C HIS D 52 4.90 11.43 8.44
N LEU D 53 4.45 12.07 7.36
CA LEU D 53 5.17 12.00 6.10
C LEU D 53 6.48 12.74 6.31
N THR D 54 6.45 13.87 7.02
CA THR D 54 7.67 14.59 7.27
C THR D 54 8.61 13.73 8.08
N ALA D 55 8.04 13.03 9.08
CA ALA D 55 8.83 12.16 9.96
C ALA D 55 9.50 11.10 9.10
N VAL D 56 8.67 10.49 8.25
CA VAL D 56 9.13 9.49 7.29
C VAL D 56 10.16 10.02 6.25
N LYS D 57 9.96 11.23 5.69
CA LYS D 57 10.92 11.83 4.72
C LYS D 57 12.27 12.18 5.43
N ALA D 58 12.17 12.71 6.65
CA ALA D 58 13.33 13.06 7.44
C ALA D 58 14.08 11.75 7.70
N ALA D 59 13.33 10.73 8.07
CA ALA D 59 13.97 9.47 8.36
C ALA D 59 14.61 8.86 7.10
N THR D 60 13.87 8.87 5.99
CA THR D 60 14.34 8.28 4.74
C THR D 60 15.29 9.20 4.01
N GLU D 61 16.05 9.97 4.76
CA GLU D 61 17.02 10.88 4.21
C GLU D 61 18.25 10.82 5.12
N ILE D 62 17.99 10.54 6.39
CA ILE D 62 19.05 10.44 7.36
C ILE D 62 19.71 9.10 7.06
N CYS D 63 18.92 8.15 6.58
CA CYS D 63 19.48 6.85 6.30
C CYS D 63 19.29 6.28 4.89
N GLY D 64 19.02 7.12 3.89
CA GLY D 64 18.85 6.62 2.53
C GLY D 64 18.02 5.35 2.42
N ALA D 65 16.81 5.47 2.92
CA ALA D 65 15.85 4.38 2.96
C ALA D 65 15.06 4.15 1.67
N THR D 66 14.37 3.02 1.70
CA THR D 66 13.51 2.54 0.65
C THR D 66 12.14 2.47 1.33
N VAL D 67 11.17 3.24 0.86
CA VAL D 67 9.87 3.24 1.50
C VAL D 67 8.76 2.89 0.52
N GLU D 68 7.67 2.33 1.03
CA GLU D 68 6.56 1.89 0.22
C GLU D 68 5.30 2.19 1.01
N GLY D 69 4.61 3.28 0.69
CA GLY D 69 3.35 3.60 1.37
C GLY D 69 3.32 5.05 1.78
N ALA D 70 4.42 5.75 1.59
CA ALA D 70 4.51 7.12 1.96
C ALA D 70 3.59 8.08 1.29
N GLU D 71 2.28 7.84 1.41
CA GLU D 71 1.32 8.75 0.81
C GLU D 71 0.35 9.24 1.86
N LEU D 72 -0.06 10.50 1.69
CA LEU D 72 -0.94 11.18 2.58
C LEU D 72 -2.16 10.48 3.19
N GLY D 73 -2.56 9.29 2.74
CA GLY D 73 -3.68 8.65 3.41
C GLY D 73 -3.31 7.25 3.80
N SER D 74 -2.05 6.96 3.58
CA SER D 74 -1.60 5.61 3.83
C SER D 74 -1.81 5.01 5.18
N GLN D 75 -2.21 3.76 5.16
CA GLN D 75 -2.44 3.02 6.38
C GLN D 75 -1.37 1.92 6.43
N ARG D 76 -0.54 1.83 5.38
CA ARG D 76 0.53 0.82 5.31
C ARG D 76 1.83 1.48 4.91
N LEU D 77 2.91 0.96 5.45
CA LEU D 77 4.22 1.51 5.19
C LEU D 77 5.21 0.38 5.19
N LEU D 78 6.28 0.52 4.41
CA LEU D 78 7.33 -0.49 4.39
C LEU D 78 8.52 0.42 4.42
N PHE D 79 9.50 0.10 5.26
CA PHE D 79 10.67 0.97 5.41
C PHE D 79 11.90 0.14 5.51
N ARG D 80 12.83 0.39 4.59
CA ARG D 80 14.09 -0.33 4.53
C ARG D 80 15.12 0.74 4.67
N PRO D 81 15.69 0.86 5.87
CA PRO D 81 16.71 1.87 6.13
C PRO D 81 18.03 1.54 5.48
N GLY D 82 19.00 2.42 5.69
CA GLY D 82 20.32 2.24 5.13
C GLY D 82 21.29 2.75 6.14
N THR D 83 22.37 3.37 5.71
CA THR D 83 23.32 3.84 6.68
C THR D 83 22.96 5.20 7.17
N VAL D 84 22.95 5.31 8.49
CA VAL D 84 22.60 6.56 9.07
C VAL D 84 23.78 7.44 8.92
N ARG D 85 23.60 8.45 8.07
CA ARG D 85 24.61 9.44 7.74
C ARG D 85 24.56 10.64 8.64
N GLY D 86 25.74 11.07 9.09
CA GLY D 86 25.82 12.21 9.96
C GLY D 86 25.80 13.43 9.07
N GLY D 87 25.35 14.56 9.57
CA GLY D 87 25.32 15.75 8.74
C GLY D 87 24.34 16.79 9.17
N ASP D 88 24.43 17.94 8.50
CA ASP D 88 23.62 19.14 8.73
C ASP D 88 22.30 19.08 8.03
N TYR D 89 21.26 18.64 8.74
CA TYR D 89 19.93 18.49 8.17
C TYR D 89 19.11 19.69 8.51
N ARG D 90 18.03 19.93 7.76
CA ARG D 90 17.10 21.07 7.93
C ARG D 90 15.72 20.54 7.49
N PHE D 91 14.83 20.21 8.43
CA PHE D 91 13.46 19.75 8.08
C PHE D 91 12.51 20.91 8.35
N ALA D 92 11.30 20.88 7.85
CA ALA D 92 10.41 22.00 8.02
C ALA D 92 9.02 21.43 8.02
N ILE D 93 8.40 21.39 9.19
CA ILE D 93 7.03 20.89 9.31
C ILE D 93 6.18 22.10 9.09
N GLY D 94 4.87 21.89 9.00
CA GLY D 94 3.93 22.99 8.79
C GLY D 94 3.72 23.94 9.97
N SER D 95 2.49 23.97 10.47
CA SER D 95 2.12 24.82 11.60
C SER D 95 1.73 23.91 12.77
N ALA D 96 0.94 22.91 12.40
CA ALA D 96 0.46 21.89 13.33
C ALA D 96 1.56 20.86 13.57
N GLY D 97 2.71 21.07 12.93
CA GLY D 97 3.82 20.17 13.09
C GLY D 97 4.52 20.52 14.39
N SER D 98 4.96 19.51 15.10
CA SER D 98 5.64 19.70 16.34
C SER D 98 7.11 19.33 16.11
N CYS D 99 8.04 20.30 16.24
CA CYS D 99 9.45 19.98 16.00
C CYS D 99 9.82 18.79 16.87
N THR D 100 9.27 18.77 18.06
CA THR D 100 9.54 17.70 19.00
C THR D 100 9.40 16.33 18.37
N LEU D 101 8.30 16.07 17.68
CA LEU D 101 8.12 14.75 17.09
C LEU D 101 9.13 14.38 15.96
N VAL D 102 9.45 15.32 15.08
CA VAL D 102 10.42 15.05 14.05
C VAL D 102 11.72 14.71 14.80
N LEU D 103 12.09 15.59 15.72
CA LEU D 103 13.29 15.43 16.48
C LEU D 103 13.41 14.08 17.17
N GLN D 104 12.36 13.61 17.79
CA GLN D 104 12.54 12.34 18.47
C GLN D 104 12.48 11.12 17.57
N THR D 105 12.23 11.35 16.29
CA THR D 105 12.17 10.27 15.33
C THR D 105 13.57 10.11 14.77
N VAL D 106 14.16 11.26 14.43
CA VAL D 106 15.47 11.32 13.82
C VAL D 106 16.68 11.18 14.72
N LEU D 107 16.75 11.99 15.77
CA LEU D 107 17.87 11.97 16.73
C LEU D 107 18.36 10.64 17.26
N PRO D 108 17.46 9.75 17.66
CA PRO D 108 18.04 8.49 18.15
C PRO D 108 18.91 7.82 17.12
N ALA D 109 18.45 7.81 15.86
CA ALA D 109 19.19 7.22 14.73
C ALA D 109 20.54 7.89 14.63
N LEU D 110 20.51 9.22 14.65
CA LEU D 110 21.71 10.02 14.63
C LEU D 110 22.68 9.78 15.81
N TRP D 111 22.25 9.07 16.86
CA TRP D 111 23.17 8.79 17.96
C TRP D 111 24.07 7.73 17.45
N PHE D 112 23.64 7.09 16.38
CA PHE D 112 24.40 6.02 15.77
C PHE D 112 24.91 6.34 14.35
N ALA D 113 24.83 7.60 13.95
CA ALA D 113 25.30 8.01 12.65
C ALA D 113 26.82 7.89 12.53
N ASP D 114 27.32 7.87 11.30
CA ASP D 114 28.76 7.76 11.06
C ASP D 114 29.54 9.01 11.48
N GLY D 115 28.83 10.02 11.95
CA GLY D 115 29.51 11.23 12.38
C GLY D 115 28.53 12.11 13.12
N PRO D 116 28.98 13.29 13.54
CA PRO D 116 28.17 14.26 14.28
C PRO D 116 27.15 14.84 13.31
N SER D 117 25.99 15.23 13.82
CA SER D 117 24.95 15.81 12.97
C SER D 117 24.45 17.12 13.51
N ARG D 118 23.57 17.73 12.75
CA ARG D 118 22.94 18.90 13.25
C ARG D 118 21.59 18.72 12.65
N VAL D 119 20.52 18.94 13.41
CA VAL D 119 19.18 18.83 12.85
C VAL D 119 18.59 20.19 13.15
N GLU D 120 17.85 20.77 12.22
CA GLU D 120 17.23 22.06 12.44
C GLU D 120 15.85 21.74 11.92
N VAL D 121 14.82 21.96 12.71
CA VAL D 121 13.45 21.64 12.27
C VAL D 121 12.75 22.96 12.32
N SER D 122 11.60 23.06 11.71
CA SER D 122 10.85 24.32 11.70
C SER D 122 9.37 23.98 11.92
N GLY D 123 8.67 24.83 12.65
CA GLY D 123 7.28 24.57 12.91
C GLY D 123 6.87 24.97 14.31
N GLY D 124 5.94 24.22 14.88
CA GLY D 124 5.49 24.55 16.22
C GLY D 124 6.43 24.08 17.32
N THR D 125 6.77 24.99 18.21
CA THR D 125 7.60 24.65 19.35
C THR D 125 6.75 24.50 20.64
N ASP D 126 5.61 25.21 20.69
CA ASP D 126 4.73 25.17 21.86
C ASP D 126 3.28 24.85 21.46
N ASN D 127 2.85 23.59 21.62
CA ASN D 127 1.48 23.22 21.24
C ASN D 127 0.74 22.76 22.47
N PRO D 128 -0.41 23.41 22.75
CA PRO D 128 -1.26 23.13 23.90
C PRO D 128 -1.34 21.66 24.27
N SER D 129 -1.69 20.84 23.29
CA SER D 129 -1.79 19.42 23.54
C SER D 129 -0.58 18.74 22.94
N ALA D 130 0.45 18.60 23.76
CA ALA D 130 1.73 17.97 23.44
C ALA D 130 2.84 18.63 24.27
N PRO D 131 4.05 18.04 24.29
CA PRO D 131 5.20 18.55 25.05
C PRO D 131 6.05 19.57 24.30
N PRO D 132 6.31 20.73 24.92
CA PRO D 132 7.13 21.71 24.26
C PRO D 132 8.54 21.22 24.01
N ALA D 133 9.18 21.88 23.07
CA ALA D 133 10.55 21.55 22.72
C ALA D 133 11.53 21.83 23.85
N ASP D 134 11.11 22.63 24.82
CA ASP D 134 11.99 22.94 25.96
C ASP D 134 12.18 21.67 26.79
N PHE D 135 11.16 20.84 26.80
CA PHE D 135 11.23 19.59 27.51
C PHE D 135 12.53 18.87 27.11
N ILE D 136 12.87 18.94 25.82
CA ILE D 136 14.08 18.28 25.30
C ILE D 136 15.34 18.77 26.01
N ARG D 137 15.65 20.07 25.81
CA ARG D 137 16.82 20.70 26.46
C ARG D 137 16.88 20.69 28.05
N ARG D 138 15.81 21.19 28.71
CA ARG D 138 15.69 21.32 30.18
C ARG D 138 15.32 20.11 31.00
N VAL D 139 14.88 19.03 30.37
CA VAL D 139 14.49 17.84 31.11
C VAL D 139 15.16 16.52 30.70
N LEU D 140 15.14 16.09 29.43
CA LEU D 140 15.77 14.79 29.11
C LEU D 140 17.19 14.79 28.63
N GLU D 141 17.57 15.83 27.91
CA GLU D 141 18.93 15.89 27.42
C GLU D 141 19.94 15.49 28.50
N PRO D 142 19.65 15.81 29.78
CA PRO D 142 20.57 15.47 30.88
C PRO D 142 20.50 14.05 31.31
N LEU D 143 19.32 13.45 31.26
CA LEU D 143 19.26 12.06 31.66
C LEU D 143 20.05 11.39 30.51
N LEU D 144 19.77 11.83 29.28
CA LEU D 144 20.48 11.31 28.11
C LEU D 144 21.99 11.42 28.31
N ALA D 145 22.46 12.61 28.69
CA ALA D 145 23.90 12.75 28.93
C ALA D 145 24.45 11.63 29.81
N LYS D 146 23.74 11.35 30.89
CA LYS D 146 24.13 10.31 31.85
C LYS D 146 24.09 8.93 31.25
N ILE D 147 23.24 8.74 30.24
CA ILE D 147 23.16 7.45 29.60
C ILE D 147 24.34 7.32 28.63
N GLY D 148 25.16 8.36 28.54
CA GLY D 148 26.32 8.33 27.66
C GLY D 148 26.06 8.93 26.28
N ILE D 149 24.84 9.40 26.04
CA ILE D 149 24.37 10.00 24.80
C ILE D 149 24.72 11.50 24.74
N HIS D 150 25.25 12.00 23.64
CA HIS D 150 25.56 13.41 23.64
C HIS D 150 24.77 14.21 22.59
N GLN D 151 23.80 14.95 23.10
CA GLN D 151 22.89 15.74 22.30
C GLN D 151 22.69 17.07 23.04
N GLN D 152 22.43 18.16 22.31
CA GLN D 152 22.20 19.49 22.82
C GLN D 152 21.22 20.20 21.84
N THR D 153 20.04 20.53 22.33
CA THR D 153 19.03 21.19 21.54
C THR D 153 18.92 22.66 21.90
N THR D 154 18.90 23.59 20.94
CA THR D 154 18.72 25.00 21.29
C THR D 154 17.49 25.55 20.61
N LEU D 155 16.54 26.06 21.39
CA LEU D 155 15.32 26.64 20.85
C LEU D 155 15.87 27.93 20.30
N LEU D 156 15.47 28.31 19.10
CA LEU D 156 16.05 29.55 18.58
C LEU D 156 14.96 30.51 18.22
N ARG D 157 13.73 30.03 18.17
CA ARG D 157 12.62 30.88 17.82
C ARG D 157 11.47 29.98 18.28
N HIS D 158 10.40 30.58 18.79
CA HIS D 158 9.25 29.81 19.29
C HIS D 158 8.18 29.87 18.26
N GLY D 159 7.36 28.84 18.19
CA GLY D 159 6.28 28.84 17.24
C GLY D 159 5.13 28.39 18.09
N PHE D 160 4.17 29.26 18.32
CA PHE D 160 3.08 28.89 19.18
C PHE D 160 1.87 28.34 18.47
N TYR D 161 1.46 27.11 18.78
CA TYR D 161 0.27 26.55 18.15
C TYR D 161 -0.81 27.61 18.27
N PRO D 162 -1.52 27.93 17.18
CA PRO D 162 -1.47 27.47 15.78
C PRO D 162 -0.58 28.23 14.73
N ALA D 163 0.25 29.17 15.20
CA ALA D 163 1.08 29.98 14.32
C ALA D 163 2.12 29.24 13.51
N GLY D 164 3.05 28.56 14.19
CA GLY D 164 4.13 27.90 13.49
C GLY D 164 5.25 28.92 13.51
N GLY D 165 6.31 28.71 12.72
CA GLY D 165 7.43 29.65 12.68
C GLY D 165 8.51 29.46 13.74
N GLY D 166 8.47 28.36 14.46
CA GLY D 166 9.47 28.17 15.47
C GLY D 166 10.63 27.49 14.82
N VAL D 167 11.75 27.45 15.51
CA VAL D 167 12.94 26.87 14.94
C VAL D 167 13.67 26.28 16.10
N VAL D 168 14.00 25.00 16.00
CA VAL D 168 14.67 24.29 17.08
C VAL D 168 15.81 23.63 16.39
N ALA D 169 16.96 23.54 17.03
CA ALA D 169 18.08 22.93 16.39
C ALA D 169 18.93 22.16 17.41
N THR D 170 19.20 20.85 17.14
CA THR D 170 20.01 19.99 17.99
C THR D 170 21.32 19.57 17.28
N GLU D 171 22.40 19.45 18.06
CA GLU D 171 23.71 19.00 17.60
C GLU D 171 23.84 17.65 18.29
N VAL D 172 24.33 16.64 17.57
CA VAL D 172 24.45 15.30 18.16
C VAL D 172 25.83 14.83 17.97
N SER D 173 26.13 13.68 18.55
CA SER D 173 27.44 13.08 18.46
C SER D 173 27.26 11.62 18.75
N PRO D 174 27.76 10.79 17.82
CA PRO D 174 27.68 9.36 17.94
C PRO D 174 28.13 8.88 19.31
N VAL D 175 27.28 8.08 19.87
CA VAL D 175 27.49 7.50 21.15
C VAL D 175 28.75 6.65 21.20
N ALA D 176 29.68 7.05 22.04
CA ALA D 176 30.89 6.26 22.20
C ALA D 176 30.55 5.01 23.01
N SER D 177 30.19 5.22 24.26
CA SER D 177 29.87 4.14 25.18
C SER D 177 28.60 4.52 25.95
N PHE D 178 27.83 3.50 26.31
CA PHE D 178 26.59 3.68 27.06
C PHE D 178 26.68 3.42 28.56
N ASN D 179 25.84 4.12 29.31
CA ASN D 179 25.83 3.98 30.74
C ASN D 179 24.50 3.48 31.18
N THR D 180 24.48 3.02 32.42
CA THR D 180 23.29 2.49 33.03
C THR D 180 22.72 3.56 33.93
N LEU D 181 21.46 3.92 33.63
CA LEU D 181 20.68 4.95 34.31
C LEU D 181 19.88 4.29 35.42
N GLN D 182 20.24 4.59 36.67
CA GLN D 182 19.55 4.02 37.82
C GLN D 182 18.78 5.06 38.61
N LEU D 183 17.51 5.25 38.27
CA LEU D 183 16.67 6.20 38.97
C LEU D 183 15.71 5.44 39.86
N GLY D 184 15.12 6.13 40.83
CA GLY D 184 14.19 5.46 41.70
C GLY D 184 13.50 6.49 42.56
N GLU D 185 14.06 6.74 43.73
CA GLU D 185 13.48 7.72 44.64
C GLU D 185 13.78 9.08 44.07
N ARG D 186 12.76 9.90 44.10
CA ARG D 186 12.88 11.26 43.62
C ARG D 186 13.87 12.03 44.51
N GLY D 187 13.96 11.65 45.77
CA GLY D 187 14.87 12.35 46.65
C GLY D 187 14.13 13.57 47.19
N ASN D 188 14.80 14.40 47.96
CA ASN D 188 14.12 15.54 48.51
C ASN D 188 14.13 16.72 47.59
N ILE D 189 13.02 17.44 47.54
CA ILE D 189 12.93 18.61 46.67
C ILE D 189 14.11 19.48 47.04
N VAL D 190 14.59 20.26 46.10
CA VAL D 190 15.68 21.13 46.41
C VAL D 190 15.19 22.51 46.07
N GLN D 191 14.24 22.60 45.14
CA GLN D 191 13.73 23.90 44.71
C GLN D 191 12.66 23.72 43.64
N MSE D 192 11.72 24.66 43.62
CA MSE D 192 10.66 24.72 42.62
C MSE D 192 10.77 26.13 42.01
O MSE D 192 11.18 27.04 42.68
CB MSE D 192 9.28 24.48 43.22
CG MSE D 192 9.07 23.11 43.88
SE MSE D 192 7.14 22.37 43.99
CE MSE D 192 7.56 20.61 44.59
N ARG D 193 10.58 26.28 40.71
CA ARG D 193 10.62 27.58 40.04
C ARG D 193 9.54 27.57 38.99
N GLY D 194 8.85 28.68 38.90
CA GLY D 194 7.78 28.81 37.95
C GLY D 194 8.30 29.71 36.86
N GLU D 195 7.76 29.56 35.66
CA GLU D 195 8.19 30.39 34.54
C GLU D 195 7.06 30.59 33.56
N VAL D 196 6.89 31.82 33.11
CA VAL D 196 5.85 32.10 32.12
C VAL D 196 6.54 32.69 30.91
N LEU D 197 6.16 32.24 29.71
CA LEU D 197 6.72 32.73 28.44
C LEU D 197 5.63 33.51 27.73
N LEU D 198 5.81 34.81 27.67
CA LEU D 198 4.85 35.61 26.96
C LEU D 198 5.41 36.09 25.60
N ALA D 199 4.57 36.02 24.56
CA ALA D 199 4.98 36.48 23.26
C ALA D 199 3.66 37.01 22.85
N GLY D 200 3.54 38.34 22.88
CA GLY D 200 2.30 39.00 22.44
C GLY D 200 1.11 38.93 23.37
N VAL D 201 1.35 38.47 24.60
CA VAL D 201 0.34 38.35 25.64
C VAL D 201 0.71 39.34 26.76
N PRO D 202 -0.28 40.01 27.37
CA PRO D 202 0.05 40.97 28.42
C PRO D 202 0.59 40.44 29.73
N ARG D 203 1.45 41.25 30.35
CA ARG D 203 2.10 40.87 31.59
C ARG D 203 1.19 40.78 32.80
N HIS D 204 -0.09 40.51 32.59
CA HIS D 204 -1.02 40.37 33.70
C HIS D 204 -1.44 38.91 33.73
N VAL D 205 -1.24 38.27 32.59
CA VAL D 205 -1.55 36.88 32.39
C VAL D 205 -0.42 36.14 33.05
N ALA D 206 0.79 36.65 32.90
CA ALA D 206 1.95 36.01 33.47
C ALA D 206 1.81 36.04 34.99
N GLU D 207 1.61 37.24 35.53
CA GLU D 207 1.45 37.44 36.98
C GLU D 207 0.42 36.48 37.57
N ARG D 208 -0.81 36.56 37.08
CA ARG D 208 -1.90 35.70 37.53
C ARG D 208 -1.53 34.21 37.47
N GLU D 209 -0.78 33.83 36.45
CA GLU D 209 -0.35 32.44 36.23
C GLU D 209 0.73 32.10 37.20
N ILE D 210 1.60 33.06 37.42
CA ILE D 210 2.64 32.84 38.40
C ILE D 210 1.96 32.71 39.79
N ALA D 211 1.12 33.68 40.15
CA ALA D 211 0.39 33.72 41.41
C ALA D 211 -0.24 32.38 41.74
N THR D 212 -1.08 31.87 40.84
CA THR D 212 -1.71 30.57 41.05
C THR D 212 -0.69 29.53 41.42
N LEU D 213 0.47 29.53 40.75
CA LEU D 213 1.51 28.57 41.08
C LEU D 213 1.99 28.76 42.50
N ALA D 214 2.36 30.00 42.77
CA ALA D 214 2.85 30.39 44.08
C ALA D 214 1.76 30.06 45.09
N GLY D 215 0.52 29.90 44.61
CA GLY D 215 -0.58 29.59 45.48
C GLY D 215 -0.51 28.26 46.19
N SER D 216 0.19 27.33 45.60
CA SER D 216 0.29 26.02 46.22
C SER D 216 1.71 25.56 46.30
N PHE D 217 2.65 26.35 45.79
CA PHE D 217 4.03 25.95 45.76
C PHE D 217 4.88 27.09 46.19
N SER D 218 5.98 26.74 46.82
CA SER D 218 6.93 27.71 47.29
C SER D 218 8.02 27.85 46.22
N LEU D 219 7.78 28.74 45.26
CA LEU D 219 8.72 28.95 44.15
C LEU D 219 9.89 29.73 44.62
N HIS D 220 11.07 29.24 44.29
CA HIS D 220 12.34 29.87 44.67
C HIS D 220 12.67 30.96 43.68
N GLU D 221 11.92 30.96 42.57
CA GLU D 221 12.10 31.97 41.54
C GLU D 221 10.74 32.01 40.87
N GLN D 222 10.39 33.20 40.42
CA GLN D 222 9.16 33.48 39.69
C GLN D 222 9.64 34.33 38.49
N ASN D 223 9.85 33.66 37.37
CA ASN D 223 10.32 34.28 36.15
C ASN D 223 9.23 34.47 35.09
N ILE D 224 9.21 35.68 34.53
CA ILE D 224 8.29 36.03 33.47
C ILE D 224 9.21 36.24 32.31
N HIS D 225 8.97 35.53 31.20
CA HIS D 225 9.86 35.63 30.03
C HIS D 225 9.11 36.15 28.84
N ASN D 226 9.59 37.26 28.33
CA ASN D 226 9.00 37.89 27.16
C ASN D 226 9.80 37.66 25.92
N LEU D 227 9.10 37.22 24.89
CA LEU D 227 9.67 36.97 23.59
C LEU D 227 9.10 38.10 22.78
N PRO D 228 9.71 38.38 21.63
CA PRO D 228 9.16 39.46 20.82
C PRO D 228 7.79 39.01 20.28
N ARG D 229 6.91 39.96 19.94
CA ARG D 229 5.53 39.67 19.39
C ARG D 229 5.56 38.80 18.12
N ASP D 230 6.69 38.94 17.41
CA ASP D 230 7.08 38.24 16.21
C ASP D 230 6.74 36.81 16.43
N GLN D 231 7.13 36.33 17.62
CA GLN D 231 6.91 34.98 18.07
C GLN D 231 5.43 34.68 18.27
N GLY D 232 4.58 35.49 17.65
CA GLY D 232 3.14 35.30 17.68
C GLY D 232 2.66 35.34 19.08
N PRO D 233 1.36 35.35 19.25
CA PRO D 233 0.74 35.39 20.58
C PRO D 233 1.00 34.02 21.20
N GLY D 234 1.66 33.99 22.35
CA GLY D 234 1.92 32.72 22.98
C GLY D 234 2.10 32.95 24.44
N ASN D 235 1.77 31.92 25.22
CA ASN D 235 1.85 31.97 26.68
C ASN D 235 2.13 30.55 27.03
N THR D 236 3.28 30.32 27.65
CA THR D 236 3.58 28.97 28.12
C THR D 236 4.03 29.06 29.54
N VAL D 237 3.46 28.23 30.39
CA VAL D 237 3.84 28.31 31.76
C VAL D 237 4.38 26.97 32.25
N SER D 238 5.42 27.02 33.06
CA SER D 238 6.02 25.80 33.57
C SER D 238 6.52 25.94 35.01
N LEU D 239 6.67 24.76 35.62
CA LEU D 239 7.10 24.62 36.98
C LEU D 239 8.10 23.54 37.02
N GLU D 240 9.25 23.88 37.52
CA GLU D 240 10.32 22.94 37.65
C GLU D 240 10.40 22.37 39.07
N VAL D 241 10.45 21.04 39.21
CA VAL D 241 10.56 20.41 40.50
C VAL D 241 12.01 19.89 40.64
N GLU D 242 12.94 20.72 41.07
CA GLU D 242 14.29 20.16 41.21
C GLU D 242 14.44 19.32 42.46
N SER D 243 14.32 18.01 42.35
CA SER D 243 14.47 17.12 43.47
C SER D 243 15.94 16.76 43.51
N GLU D 244 16.35 15.95 44.46
CA GLU D 244 17.77 15.59 44.60
C GLU D 244 18.37 14.71 43.50
N ASN D 245 17.73 13.56 43.29
CA ASN D 245 18.16 12.58 42.30
C ASN D 245 17.65 12.84 40.87
N ILE D 246 16.80 13.85 40.66
CA ILE D 246 16.26 14.17 39.33
C ILE D 246 15.68 15.56 39.31
N THR D 247 15.58 16.14 38.12
CA THR D 247 14.99 17.46 37.98
C THR D 247 13.95 17.24 36.90
N GLU D 248 12.71 17.64 37.15
CA GLU D 248 11.66 17.47 36.20
C GLU D 248 11.05 18.84 35.98
N ARG D 249 10.28 19.00 34.91
CA ARG D 249 9.68 20.30 34.66
C ARG D 249 8.40 20.03 33.93
N PHE D 250 7.35 20.73 34.33
CA PHE D 250 6.04 20.53 33.73
C PHE D 250 5.62 21.76 33.02
N PHE D 251 4.90 21.56 31.93
CA PHE D 251 4.52 22.65 31.06
C PHE D 251 3.05 22.62 30.77
N VAL D 252 2.46 23.80 30.63
CA VAL D 252 1.08 23.88 30.22
C VAL D 252 1.02 25.05 29.24
N VAL D 253 0.56 24.75 28.02
CA VAL D 253 0.55 25.80 27.02
C VAL D 253 -0.74 26.50 27.04
N GLY D 254 -0.66 27.80 27.23
CA GLY D 254 -1.84 28.62 27.30
C GLY D 254 -2.63 28.50 26.01
N GLU D 255 -3.92 28.20 26.14
CA GLU D 255 -4.83 28.03 25.01
C GLU D 255 -5.53 29.30 24.60
N LYS D 256 -6.25 29.22 23.49
CA LYS D 256 -7.03 30.32 22.95
C LYS D 256 -8.08 30.77 23.98
N ARG D 257 -9.04 29.88 24.25
CA ARG D 257 -10.12 30.12 25.21
C ARG D 257 -9.89 29.48 26.59
N VAL D 258 -8.73 29.80 27.18
CA VAL D 258 -8.39 29.27 28.49
C VAL D 258 -7.77 30.43 29.27
N SER D 259 -8.30 30.64 30.47
CA SER D 259 -7.85 31.74 31.32
C SER D 259 -6.57 31.48 32.11
N ALA D 260 -5.91 32.57 32.48
CA ALA D 260 -4.65 32.50 33.24
C ALA D 260 -4.69 31.52 34.43
N GLU D 261 -5.81 31.51 35.15
CA GLU D 261 -5.97 30.62 36.30
C GLU D 261 -6.19 29.19 35.91
N VAL D 262 -6.86 28.98 34.79
CA VAL D 262 -7.15 27.65 34.27
C VAL D 262 -5.83 27.03 33.84
N VAL D 263 -5.09 27.75 33.00
CA VAL D 263 -3.81 27.30 32.52
C VAL D 263 -2.98 26.94 33.75
N ALA D 264 -2.83 27.89 34.66
CA ALA D 264 -2.04 27.64 35.88
C ALA D 264 -2.59 26.42 36.63
N ALA D 265 -3.91 26.34 36.74
CA ALA D 265 -4.50 25.21 37.44
C ALA D 265 -4.18 23.85 36.81
N GLN D 266 -4.00 23.79 35.48
CA GLN D 266 -3.66 22.52 34.81
C GLN D 266 -2.29 22.12 35.32
N LEU D 267 -1.38 23.10 35.24
CA LEU D 267 0.00 22.90 35.66
C LEU D 267 0.03 22.38 37.08
N VAL D 268 -0.66 23.12 37.95
CA VAL D 268 -0.71 22.79 39.36
C VAL D 268 -1.21 21.36 39.58
N LYS D 269 -2.20 20.93 38.80
CA LYS D 269 -2.69 19.55 38.90
C LYS D 269 -1.53 18.56 38.64
N GLU D 270 -0.82 18.76 37.52
CA GLU D 270 0.28 17.88 37.11
C GLU D 270 1.38 17.81 38.14
N VAL D 271 1.87 18.98 38.53
CA VAL D 271 2.93 19.04 39.50
C VAL D 271 2.56 18.25 40.73
N LYS D 272 1.33 18.44 41.22
CA LYS D 272 0.84 17.77 42.41
C LYS D 272 0.86 16.29 42.18
N ARG D 273 0.25 15.89 41.08
CA ARG D 273 0.19 14.46 40.69
C ARG D 273 1.56 13.77 40.71
N TYR D 274 2.60 14.44 40.19
CA TYR D 274 3.96 13.89 40.18
C TYR D 274 4.43 13.80 41.61
N LEU D 275 4.37 14.95 42.32
CA LEU D 275 4.76 15.09 43.71
C LEU D 275 4.02 14.04 44.57
N ALA D 276 2.79 13.73 44.22
CA ALA D 276 2.06 12.72 44.96
C ALA D 276 2.64 11.28 44.95
N SER D 277 3.86 11.05 44.44
CA SER D 277 4.45 9.70 44.44
C SER D 277 5.93 9.87 44.60
N THR D 278 6.60 8.82 45.06
CA THR D 278 8.04 8.92 45.25
C THR D 278 8.85 8.79 43.93
N ALA D 279 8.13 8.36 42.90
CA ALA D 279 8.64 8.15 41.56
C ALA D 279 9.48 9.30 41.06
N ALA D 280 10.68 8.96 40.60
CA ALA D 280 11.65 9.88 40.09
C ALA D 280 11.11 10.64 38.88
N VAL D 281 10.58 9.87 37.91
CA VAL D 281 10.08 10.41 36.63
C VAL D 281 8.58 10.40 36.29
N GLY D 282 8.19 11.41 35.49
CA GLY D 282 6.82 11.56 35.04
C GLY D 282 6.52 10.63 33.89
N GLU D 283 5.23 10.33 33.69
CA GLU D 283 4.77 9.43 32.63
C GLU D 283 5.44 9.66 31.27
N TYR D 284 5.54 10.94 30.88
CA TYR D 284 6.14 11.29 29.63
C TYR D 284 7.63 10.97 29.57
N LEU D 285 8.40 11.44 30.54
CA LEU D 285 9.83 11.17 30.49
C LEU D 285 10.06 9.69 30.56
N ALA D 286 9.10 9.01 31.18
CA ALA D 286 9.26 7.60 31.34
C ALA D 286 9.28 7.11 29.91
N ASP D 287 8.26 7.54 29.16
CA ASP D 287 8.06 7.17 27.76
C ASP D 287 9.30 7.36 26.93
N GLN D 288 10.07 8.40 27.23
CA GLN D 288 11.30 8.77 26.51
C GLN D 288 12.55 8.04 26.96
N LEU D 289 12.54 7.46 28.15
CA LEU D 289 13.74 6.77 28.62
C LEU D 289 13.75 5.31 28.21
N VAL D 290 12.60 4.81 27.73
CA VAL D 290 12.48 3.40 27.32
C VAL D 290 13.58 3.04 26.33
N LEU D 291 13.61 3.79 25.24
CA LEU D 291 14.60 3.50 24.21
C LEU D 291 16.04 3.57 24.63
N PRO D 292 16.51 4.75 25.06
CA PRO D 292 17.92 4.89 25.47
C PRO D 292 18.36 3.89 26.47
N MSE D 293 17.51 3.49 27.41
CA MSE D 293 17.97 2.46 28.37
C MSE D 293 18.00 1.10 27.67
O MSE D 293 18.83 0.26 28.01
CB MSE D 293 17.10 2.44 29.60
CG MSE D 293 17.66 3.15 30.82
SE MSE D 293 16.08 3.59 31.93
CE MSE D 293 14.97 1.90 31.51
N ALA D 294 17.09 0.88 26.72
CA ALA D 294 17.07 -0.37 25.95
C ALA D 294 18.40 -0.45 25.14
N LEU D 295 18.76 0.65 24.49
CA LEU D 295 20.00 0.71 23.71
C LEU D 295 21.16 0.48 24.67
N ALA D 296 21.01 1.02 25.89
CA ALA D 296 22.05 0.89 26.92
C ALA D 296 22.13 -0.53 27.41
N GLY D 297 21.05 -1.29 27.24
CA GLY D 297 21.04 -2.68 27.67
C GLY D 297 20.85 -2.96 29.15
N ALA D 298 20.36 -1.93 29.86
CA ALA D 298 20.09 -1.99 31.28
C ALA D 298 19.78 -0.62 31.80
N GLY D 299 19.29 -0.61 33.02
CA GLY D 299 18.94 0.65 33.65
C GLY D 299 17.54 0.56 34.17
N GLU D 300 17.18 1.52 35.02
CA GLU D 300 15.84 1.53 35.54
C GLU D 300 15.51 2.88 36.09
N PHE D 301 14.21 3.06 36.22
CA PHE D 301 13.64 4.24 36.74
C PHE D 301 12.28 3.84 37.34
N THR D 302 11.72 4.72 38.16
CA THR D 302 10.43 4.48 38.77
C THR D 302 9.47 5.51 38.19
N VAL D 303 8.26 5.06 37.90
CA VAL D 303 7.21 5.89 37.35
C VAL D 303 5.96 5.52 38.16
N ALA D 304 5.20 6.53 38.57
CA ALA D 304 3.99 6.28 39.34
C ALA D 304 3.16 5.12 38.82
N HIS D 305 2.65 5.27 37.60
CA HIS D 305 1.78 4.27 36.99
C HIS D 305 2.25 3.97 35.59
N PRO D 306 2.12 2.71 35.14
CA PRO D 306 2.57 2.43 33.79
C PRO D 306 1.49 3.00 32.90
N SER D 307 1.90 3.72 31.87
CA SER D 307 0.93 4.30 30.96
C SER D 307 0.73 3.35 29.78
N CYS D 308 -0.24 3.69 28.94
CA CYS D 308 -0.51 2.92 27.76
C CYS D 308 0.57 3.20 26.70
N HIS D 309 1.17 4.40 26.72
CA HIS D 309 2.24 4.74 25.76
C HIS D 309 3.49 3.95 26.14
N LEU D 310 3.77 3.89 27.45
CA LEU D 310 4.91 3.18 28.01
C LEU D 310 4.81 1.73 27.53
N LEU D 311 3.67 1.12 27.76
CA LEU D 311 3.48 -0.26 27.30
C LEU D 311 3.80 -0.37 25.81
N THR D 312 3.22 0.46 24.96
CA THR D 312 3.51 0.36 23.52
C THR D 312 4.96 0.69 23.11
N ASN D 313 5.60 1.62 23.83
CA ASN D 313 6.97 2.03 23.51
C ASN D 313 7.83 0.84 23.79
N ILE D 314 7.53 0.18 24.91
CA ILE D 314 8.28 -0.98 25.34
C ILE D 314 8.06 -2.13 24.36
N ALA D 315 6.90 -2.16 23.74
CA ALA D 315 6.58 -3.22 22.83
C ALA D 315 7.45 -3.10 21.58
N VAL D 316 7.36 -1.96 20.91
CA VAL D 316 8.15 -1.70 19.73
C VAL D 316 9.61 -1.91 20.00
N VAL D 317 10.12 -1.37 21.10
CA VAL D 317 11.53 -1.53 21.45
C VAL D 317 11.94 -3.01 21.49
N GLU D 318 11.16 -3.82 22.19
CA GLU D 318 11.44 -5.24 22.30
C GLU D 318 11.27 -5.97 20.98
N ARG D 319 10.56 -5.34 20.05
CA ARG D 319 10.30 -5.93 18.75
C ARG D 319 11.55 -5.85 17.87
N PHE D 320 12.35 -4.79 18.06
CA PHE D 320 13.57 -4.59 17.30
C PHE D 320 14.81 -4.94 18.07
N LEU D 321 14.74 -4.94 19.41
CA LEU D 321 15.93 -5.21 20.25
C LEU D 321 15.78 -6.41 21.17
N PRO D 322 16.89 -7.05 21.55
CA PRO D 322 16.99 -8.23 22.43
C PRO D 322 16.99 -7.78 23.90
N VAL D 323 15.87 -7.20 24.30
CA VAL D 323 15.74 -6.64 25.60
C VAL D 323 14.39 -6.97 26.20
N ARG D 324 14.39 -7.15 27.52
CA ARG D 324 13.21 -7.46 28.30
C ARG D 324 13.06 -6.38 29.35
N PHE D 325 11.94 -5.69 29.31
CA PHE D 325 11.62 -4.69 30.31
C PHE D 325 10.82 -5.43 31.40
N SER D 326 10.85 -4.95 32.64
CA SER D 326 10.04 -5.59 33.70
C SER D 326 9.37 -4.43 34.40
N LEU D 327 8.08 -4.59 34.63
CA LEU D 327 7.29 -3.56 35.29
C LEU D 327 6.86 -4.21 36.57
N ILE D 328 7.18 -3.58 37.70
CA ILE D 328 6.78 -4.11 39.00
C ILE D 328 6.00 -3.03 39.74
N GLU D 329 4.67 -3.05 39.61
CA GLU D 329 3.78 -2.08 40.26
C GLU D 329 3.69 -2.32 41.78
N THR D 330 4.69 -1.83 42.50
CA THR D 330 4.78 -2.03 43.94
C THR D 330 4.66 -0.81 44.86
N ASP D 331 3.47 -0.63 45.44
CA ASP D 331 3.15 0.47 46.38
C ASP D 331 2.97 1.84 45.75
N GLY D 332 2.09 1.89 44.76
CA GLY D 332 1.81 3.14 44.06
C GLY D 332 2.89 3.62 43.07
N VAL D 333 4.00 2.91 43.05
CA VAL D 333 5.08 3.20 42.17
C VAL D 333 5.37 1.98 41.27
N THR D 334 5.69 2.23 40.00
CA THR D 334 6.03 1.16 39.09
C THR D 334 7.54 1.22 38.77
N ARG D 335 8.22 0.08 38.87
CA ARG D 335 9.65 0.03 38.56
C ARG D 335 9.80 -0.64 37.20
N VAL D 336 10.28 0.15 36.25
CA VAL D 336 10.50 -0.30 34.88
C VAL D 336 12.00 -0.51 34.78
N SER D 337 12.41 -1.76 34.60
CA SER D 337 13.82 -2.14 34.52
C SER D 337 14.07 -2.94 33.27
N ILE D 338 15.33 -3.07 32.88
CA ILE D 338 15.66 -3.80 31.65
C ILE D 338 16.37 -5.14 31.91
N GLU D 339 16.44 -5.98 30.88
CA GLU D 339 17.09 -7.27 30.99
C GLU D 339 17.58 -7.73 29.63
#